data_1Y81
# 
_entry.id   1Y81 
# 
_audit_conform.dict_name       mmcif_pdbx.dic 
_audit_conform.dict_version    5.397 
_audit_conform.dict_location   http://mmcif.pdb.org/dictionaries/ascii/mmcif_pdbx.dic 
# 
loop_
_database_2.database_id 
_database_2.database_code 
_database_2.pdbx_database_accession 
_database_2.pdbx_DOI 
PDB   1Y81         pdb_00001y81 10.2210/pdb1y81/pdb 
RCSB  RCSB031232   ?            ?                   
WWPDB D_1000031232 ?            ?                   
# 
loop_
_pdbx_audit_revision_history.ordinal 
_pdbx_audit_revision_history.data_content_type 
_pdbx_audit_revision_history.major_revision 
_pdbx_audit_revision_history.minor_revision 
_pdbx_audit_revision_history.revision_date 
1 'Structure model' 1 0 2005-01-25 
2 'Structure model' 1 1 2008-04-30 
3 'Structure model' 1 2 2011-07-13 
4 'Structure model' 1 3 2017-10-11 
5 'Structure model' 1 4 2024-10-30 
# 
_pdbx_audit_revision_details.ordinal             1 
_pdbx_audit_revision_details.revision_ordinal    1 
_pdbx_audit_revision_details.data_content_type   'Structure model' 
_pdbx_audit_revision_details.provider            repository 
_pdbx_audit_revision_details.type                'Initial release' 
_pdbx_audit_revision_details.description         ? 
_pdbx_audit_revision_details.details             ? 
# 
loop_
_pdbx_audit_revision_group.ordinal 
_pdbx_audit_revision_group.revision_ordinal 
_pdbx_audit_revision_group.data_content_type 
_pdbx_audit_revision_group.group 
1 2 'Structure model' 'Version format compliance' 
2 3 'Structure model' 'Version format compliance' 
3 4 'Structure model' 'Refinement description'    
4 5 'Structure model' 'Data collection'           
5 5 'Structure model' 'Database references'       
6 5 'Structure model' 'Derived calculations'      
7 5 'Structure model' 'Structure summary'         
# 
loop_
_pdbx_audit_revision_category.ordinal 
_pdbx_audit_revision_category.revision_ordinal 
_pdbx_audit_revision_category.data_content_type 
_pdbx_audit_revision_category.category 
1 4 'Structure model' software                  
2 5 'Structure model' chem_comp_atom            
3 5 'Structure model' chem_comp_bond            
4 5 'Structure model' database_2                
5 5 'Structure model' pdbx_entry_details        
6 5 'Structure model' pdbx_modification_feature 
7 5 'Structure model' struct_conn               
8 5 'Structure model' struct_ref_seq_dif        
9 5 'Structure model' struct_site               
# 
loop_
_pdbx_audit_revision_item.ordinal 
_pdbx_audit_revision_item.revision_ordinal 
_pdbx_audit_revision_item.data_content_type 
_pdbx_audit_revision_item.item 
1  4 'Structure model' '_software.classification'            
2  4 'Structure model' '_software.contact_author'            
3  4 'Structure model' '_software.contact_author_email'      
4  4 'Structure model' '_software.date'                      
5  4 'Structure model' '_software.language'                  
6  4 'Structure model' '_software.location'                  
7  4 'Structure model' '_software.name'                      
8  4 'Structure model' '_software.type'                      
9  4 'Structure model' '_software.version'                   
10 5 'Structure model' '_database_2.pdbx_DOI'                
11 5 'Structure model' '_database_2.pdbx_database_accession' 
12 5 'Structure model' '_struct_conn.pdbx_leaving_atom_flag' 
13 5 'Structure model' '_struct_ref_seq_dif.details'         
14 5 'Structure model' '_struct_site.pdbx_auth_asym_id'      
15 5 'Structure model' '_struct_site.pdbx_auth_comp_id'      
16 5 'Structure model' '_struct_site.pdbx_auth_seq_id'       
# 
_pdbx_database_status.entry_id                        1Y81 
_pdbx_database_status.deposit_site                    RCSB 
_pdbx_database_status.process_site                    RCSB 
_pdbx_database_status.recvd_initial_deposition_date   2004-12-10 
_pdbx_database_status.status_code                     REL 
_pdbx_database_status.status_code_sf                  REL 
_pdbx_database_status.status_code_mr                  ? 
_pdbx_database_status.SG_entry                        Y 
_pdbx_database_status.pdb_format_compatible           Y 
_pdbx_database_status.status_code_cs                  ? 
_pdbx_database_status.methods_development_category    ? 
_pdbx_database_status.status_code_nmr_data            ? 
# 
_pdbx_database_related.db_name        TargetDB 
_pdbx_database_related.db_id          Pfu-723267-001 
_pdbx_database_related.details        . 
_pdbx_database_related.content_type   unspecified 
# 
loop_
_audit_author.name 
_audit_author.pdbx_ordinal 
'Zhao, M.'                                                1  
'Chang, J.'                                               2  
'Habel, J.'                                               3  
'Xu, H.'                                                  4  
'Chen, L.'                                                5  
'Lee, D.'                                                 6  
'Nguyen, D.'                                              7  
'Chang, S.-H.'                                            8  
'Horanyi, P.'                                             9  
'Florence, Q.'                                            10 
'Tempel, W.'                                              11 
'Zhou, W.'                                                12 
'Lin, D.'                                                 13 
'Zhang, H.'                                               14 
'Praissman, J.'                                           15 
'Jenney Jr., F.E.'                                        16 
'Adams, M.W.W.'                                           17 
'Liu, Z.-J.'                                              18 
'Rose, J.P.'                                              19 
'Wang, B.-C.'                                             20 
'Southeast Collaboratory for Structural Genomics (SECSG)' 21 
# 
_citation.id                        primary 
_citation.title                     'Conserved hypothetical protein Pfu-723267-001 from Pyrococcus furiosus' 
_citation.journal_abbrev            'To be published' 
_citation.journal_volume            ? 
_citation.page_first                ? 
_citation.page_last                 ? 
_citation.year                      ? 
_citation.journal_id_ASTM           ? 
_citation.country                   ? 
_citation.journal_id_ISSN           ? 
_citation.journal_id_CSD            0353 
_citation.book_publisher            ? 
_citation.pdbx_database_id_PubMed   ? 
_citation.pdbx_database_id_DOI      ? 
# 
loop_
_citation_author.citation_id 
_citation_author.name 
_citation_author.ordinal 
_citation_author.identifier_ORCID 
primary 'Zhao, M.'         1  ? 
primary 'Chang, J.'        2  ? 
primary 'Habel, J.'        3  ? 
primary 'Xu, H.'           4  ? 
primary 'Chen, L.'         5  ? 
primary 'Lee, D.'          6  ? 
primary 'Nguyen, D.'       7  ? 
primary 'Chang, S.-H.'     8  ? 
primary 'Horanyi, P.'      9  ? 
primary 'Florence, Q.'     10 ? 
primary 'Tempel, W.'       11 ? 
primary 'Zhou, W.'         12 ? 
primary 'Lin, D.'          13 ? 
primary 'Zhang, H.'        14 ? 
primary 'Praissman, J.'    15 ? 
primary 'Jenney Jr., F.E.' 16 ? 
primary 'Adams, M.W.W.'    17 ? 
primary 'Liu, Z.-J.'       18 ? 
primary 'Rose, J.P.'       19 ? 
primary 'Wang, B.-C.'      20 ? 
# 
loop_
_entity.id 
_entity.type 
_entity.src_method 
_entity.pdbx_description 
_entity.formula_weight 
_entity.pdbx_number_of_molecules 
_entity.pdbx_ec 
_entity.pdbx_mutation 
_entity.pdbx_fragment 
_entity.details 
1 polymer     man 'conserved hypothetical protein' 15661.961 1  ? ? ? ? 
2 non-polymer syn 'THIOCYANATE ION'                58.082    1  ? ? ? ? 
3 non-polymer syn 'COENZYME A'                     767.534   1  ? ? ? ? 
4 non-polymer syn 'UNKNOWN ATOM OR ION'            ?         8  ? ? ? ? 
5 water       nat water                            18.015    23 ? ? ? ? 
# 
_entity_poly.entity_id                      1 
_entity_poly.type                           'polypeptide(L)' 
_entity_poly.nstd_linkage                   no 
_entity_poly.nstd_monomer                   yes 
_entity_poly.pdbx_seq_one_letter_code       
;AHHHHHHGSNSKEFRKIALVGASKNPAKYGNIILKDLLSKGFEVLPVNPNYDEIEGLKCYRSVRELPKDVDVIVFVVPPK
VGLQVAKEAVEAGFKKLWFQPGAESEEIRRFLEKAGVEYSFGRCI(MSE)VETSNKKIFLEV
;
_entity_poly.pdbx_seq_one_letter_code_can   
;AHHHHHHGSNSKEFRKIALVGASKNPAKYGNIILKDLLSKGFEVLPVNPNYDEIEGLKCYRSVRELPKDVDVIVFVVPPK
VGLQVAKEAVEAGFKKLWFQPGAESEEIRRFLEKAGVEYSFGRCIMVETSNKKIFLEV
;
_entity_poly.pdbx_strand_id                 A 
_entity_poly.pdbx_target_identifier         Pfu-723267-001 
# 
loop_
_pdbx_entity_nonpoly.entity_id 
_pdbx_entity_nonpoly.name 
_pdbx_entity_nonpoly.comp_id 
2 'THIOCYANATE ION'     SCN 
3 'COENZYME A'          COA 
4 'UNKNOWN ATOM OR ION' UNX 
5 water                 HOH 
# 
loop_
_entity_poly_seq.entity_id 
_entity_poly_seq.num 
_entity_poly_seq.mon_id 
_entity_poly_seq.hetero 
1 1   ALA n 
1 2   HIS n 
1 3   HIS n 
1 4   HIS n 
1 5   HIS n 
1 6   HIS n 
1 7   HIS n 
1 8   GLY n 
1 9   SER n 
1 10  ASN n 
1 11  SER n 
1 12  LYS n 
1 13  GLU n 
1 14  PHE n 
1 15  ARG n 
1 16  LYS n 
1 17  ILE n 
1 18  ALA n 
1 19  LEU n 
1 20  VAL n 
1 21  GLY n 
1 22  ALA n 
1 23  SER n 
1 24  LYS n 
1 25  ASN n 
1 26  PRO n 
1 27  ALA n 
1 28  LYS n 
1 29  TYR n 
1 30  GLY n 
1 31  ASN n 
1 32  ILE n 
1 33  ILE n 
1 34  LEU n 
1 35  LYS n 
1 36  ASP n 
1 37  LEU n 
1 38  LEU n 
1 39  SER n 
1 40  LYS n 
1 41  GLY n 
1 42  PHE n 
1 43  GLU n 
1 44  VAL n 
1 45  LEU n 
1 46  PRO n 
1 47  VAL n 
1 48  ASN n 
1 49  PRO n 
1 50  ASN n 
1 51  TYR n 
1 52  ASP n 
1 53  GLU n 
1 54  ILE n 
1 55  GLU n 
1 56  GLY n 
1 57  LEU n 
1 58  LYS n 
1 59  CYS n 
1 60  TYR n 
1 61  ARG n 
1 62  SER n 
1 63  VAL n 
1 64  ARG n 
1 65  GLU n 
1 66  LEU n 
1 67  PRO n 
1 68  LYS n 
1 69  ASP n 
1 70  VAL n 
1 71  ASP n 
1 72  VAL n 
1 73  ILE n 
1 74  VAL n 
1 75  PHE n 
1 76  VAL n 
1 77  VAL n 
1 78  PRO n 
1 79  PRO n 
1 80  LYS n 
1 81  VAL n 
1 82  GLY n 
1 83  LEU n 
1 84  GLN n 
1 85  VAL n 
1 86  ALA n 
1 87  LYS n 
1 88  GLU n 
1 89  ALA n 
1 90  VAL n 
1 91  GLU n 
1 92  ALA n 
1 93  GLY n 
1 94  PHE n 
1 95  LYS n 
1 96  LYS n 
1 97  LEU n 
1 98  TRP n 
1 99  PHE n 
1 100 GLN n 
1 101 PRO n 
1 102 GLY n 
1 103 ALA n 
1 104 GLU n 
1 105 SER n 
1 106 GLU n 
1 107 GLU n 
1 108 ILE n 
1 109 ARG n 
1 110 ARG n 
1 111 PHE n 
1 112 LEU n 
1 113 GLU n 
1 114 LYS n 
1 115 ALA n 
1 116 GLY n 
1 117 VAL n 
1 118 GLU n 
1 119 TYR n 
1 120 SER n 
1 121 PHE n 
1 122 GLY n 
1 123 ARG n 
1 124 CYS n 
1 125 ILE n 
1 126 MSE n 
1 127 VAL n 
1 128 GLU n 
1 129 THR n 
1 130 SER n 
1 131 ASN n 
1 132 LYS n 
1 133 LYS n 
1 134 ILE n 
1 135 PHE n 
1 136 LEU n 
1 137 GLU n 
1 138 VAL n 
# 
_entity_src_gen.entity_id                          1 
_entity_src_gen.pdbx_src_id                        1 
_entity_src_gen.pdbx_alt_source_flag               sample 
_entity_src_gen.pdbx_seq_type                      ? 
_entity_src_gen.pdbx_beg_seq_num                   ? 
_entity_src_gen.pdbx_end_seq_num                   ? 
_entity_src_gen.gene_src_common_name               ? 
_entity_src_gen.gene_src_genus                     Pyrococcus 
_entity_src_gen.pdbx_gene_src_gene                 ? 
_entity_src_gen.gene_src_species                   ? 
_entity_src_gen.gene_src_strain                    ? 
_entity_src_gen.gene_src_tissue                    ? 
_entity_src_gen.gene_src_tissue_fraction           ? 
_entity_src_gen.gene_src_details                   ? 
_entity_src_gen.pdbx_gene_src_fragment             ? 
_entity_src_gen.pdbx_gene_src_scientific_name      'Pyrococcus furiosus' 
_entity_src_gen.pdbx_gene_src_ncbi_taxonomy_id     2261 
_entity_src_gen.pdbx_gene_src_variant              ? 
_entity_src_gen.pdbx_gene_src_cell_line            ? 
_entity_src_gen.pdbx_gene_src_atcc                 ? 
_entity_src_gen.pdbx_gene_src_organ                ? 
_entity_src_gen.pdbx_gene_src_organelle            ? 
_entity_src_gen.pdbx_gene_src_cell                 ? 
_entity_src_gen.pdbx_gene_src_cellular_location    ? 
_entity_src_gen.host_org_common_name               ? 
_entity_src_gen.pdbx_host_org_scientific_name      'Escherichia coli' 
_entity_src_gen.pdbx_host_org_ncbi_taxonomy_id     562 
_entity_src_gen.host_org_genus                     Escherichia 
_entity_src_gen.pdbx_host_org_gene                 ? 
_entity_src_gen.pdbx_host_org_organ                ? 
_entity_src_gen.host_org_species                   ? 
_entity_src_gen.pdbx_host_org_tissue               ? 
_entity_src_gen.pdbx_host_org_tissue_fraction      ? 
_entity_src_gen.pdbx_host_org_strain               ? 
_entity_src_gen.pdbx_host_org_variant              ? 
_entity_src_gen.pdbx_host_org_cell_line            ? 
_entity_src_gen.pdbx_host_org_atcc                 ? 
_entity_src_gen.pdbx_host_org_culture_collection   ? 
_entity_src_gen.pdbx_host_org_cell                 ? 
_entity_src_gen.pdbx_host_org_organelle            ? 
_entity_src_gen.pdbx_host_org_cellular_location    ? 
_entity_src_gen.pdbx_host_org_vector_type          ? 
_entity_src_gen.pdbx_host_org_vector               ? 
_entity_src_gen.host_org_details                   ? 
_entity_src_gen.expression_system_id               ? 
_entity_src_gen.plasmid_name                       ? 
_entity_src_gen.plasmid_details                    ? 
_entity_src_gen.pdbx_description                   ? 
# 
loop_
_chem_comp.id 
_chem_comp.type 
_chem_comp.mon_nstd_flag 
_chem_comp.name 
_chem_comp.pdbx_synonyms 
_chem_comp.formula 
_chem_comp.formula_weight 
ALA 'L-peptide linking' y ALANINE               ? 'C3 H7 N O2'          89.093  
ARG 'L-peptide linking' y ARGININE              ? 'C6 H15 N4 O2 1'      175.209 
ASN 'L-peptide linking' y ASPARAGINE            ? 'C4 H8 N2 O3'         132.118 
ASP 'L-peptide linking' y 'ASPARTIC ACID'       ? 'C4 H7 N O4'          133.103 
COA non-polymer         . 'COENZYME A'          ? 'C21 H36 N7 O16 P3 S' 767.534 
CYS 'L-peptide linking' y CYSTEINE              ? 'C3 H7 N O2 S'        121.158 
GLN 'L-peptide linking' y GLUTAMINE             ? 'C5 H10 N2 O3'        146.144 
GLU 'L-peptide linking' y 'GLUTAMIC ACID'       ? 'C5 H9 N O4'          147.129 
GLY 'peptide linking'   y GLYCINE               ? 'C2 H5 N O2'          75.067  
HIS 'L-peptide linking' y HISTIDINE             ? 'C6 H10 N3 O2 1'      156.162 
HOH non-polymer         . WATER                 ? 'H2 O'                18.015  
ILE 'L-peptide linking' y ISOLEUCINE            ? 'C6 H13 N O2'         131.173 
LEU 'L-peptide linking' y LEUCINE               ? 'C6 H13 N O2'         131.173 
LYS 'L-peptide linking' y LYSINE                ? 'C6 H15 N2 O2 1'      147.195 
MET 'L-peptide linking' y METHIONINE            ? 'C5 H11 N O2 S'       149.211 
MSE 'L-peptide linking' n SELENOMETHIONINE      ? 'C5 H11 N O2 Se'      196.106 
PHE 'L-peptide linking' y PHENYLALANINE         ? 'C9 H11 N O2'         165.189 
PRO 'L-peptide linking' y PROLINE               ? 'C5 H9 N O2'          115.130 
SCN non-polymer         . 'THIOCYANATE ION'     ? 'C N S -1'            58.082  
SER 'L-peptide linking' y SERINE                ? 'C3 H7 N O3'          105.093 
THR 'L-peptide linking' y THREONINE             ? 'C4 H9 N O3'          119.119 
TRP 'L-peptide linking' y TRYPTOPHAN            ? 'C11 H12 N2 O2'       204.225 
TYR 'L-peptide linking' y TYROSINE              ? 'C9 H11 N O3'         181.189 
UNX non-polymer         . 'UNKNOWN ATOM OR ION' ? ?                     ?       
VAL 'L-peptide linking' y VALINE                ? 'C5 H11 N O2'         117.146 
# 
loop_
_pdbx_poly_seq_scheme.asym_id 
_pdbx_poly_seq_scheme.entity_id 
_pdbx_poly_seq_scheme.seq_id 
_pdbx_poly_seq_scheme.mon_id 
_pdbx_poly_seq_scheme.ndb_seq_num 
_pdbx_poly_seq_scheme.pdb_seq_num 
_pdbx_poly_seq_scheme.auth_seq_num 
_pdbx_poly_seq_scheme.pdb_mon_id 
_pdbx_poly_seq_scheme.auth_mon_id 
_pdbx_poly_seq_scheme.pdb_strand_id 
_pdbx_poly_seq_scheme.pdb_ins_code 
_pdbx_poly_seq_scheme.hetero 
A 1 1   ALA 1   -7  ?   ?   ?   A . n 
A 1 2   HIS 2   -6  ?   ?   ?   A . n 
A 1 3   HIS 3   -5  ?   ?   ?   A . n 
A 1 4   HIS 4   -4  ?   ?   ?   A . n 
A 1 5   HIS 5   -3  ?   ?   ?   A . n 
A 1 6   HIS 6   -2  ?   ?   ?   A . n 
A 1 7   HIS 7   -1  ?   ?   ?   A . n 
A 1 8   GLY 8   0   ?   ?   ?   A . n 
A 1 9   SER 9   1   ?   ?   ?   A . n 
A 1 10  ASN 10  2   ?   ?   ?   A . n 
A 1 11  SER 11  3   ?   ?   ?   A . n 
A 1 12  LYS 12  4   ?   ?   ?   A . n 
A 1 13  GLU 13  5   ?   ?   ?   A . n 
A 1 14  PHE 14  6   6   PHE PHE A . n 
A 1 15  ARG 15  7   7   ARG ARG A . n 
A 1 16  LYS 16  8   8   LYS LYS A . n 
A 1 17  ILE 17  9   9   ILE ILE A . n 
A 1 18  ALA 18  10  10  ALA ALA A . n 
A 1 19  LEU 19  11  11  LEU LEU A . n 
A 1 20  VAL 20  12  12  VAL VAL A . n 
A 1 21  GLY 21  13  13  GLY GLY A . n 
A 1 22  ALA 22  14  14  ALA ALA A . n 
A 1 23  SER 23  15  15  SER SER A . n 
A 1 24  LYS 24  16  16  LYS LYS A . n 
A 1 25  ASN 25  17  17  ASN ASN A . n 
A 1 26  PRO 26  18  18  PRO PRO A . n 
A 1 27  ALA 27  19  19  ALA ALA A . n 
A 1 28  LYS 28  20  20  LYS LYS A . n 
A 1 29  TYR 29  21  21  TYR TYR A . n 
A 1 30  GLY 30  22  22  GLY GLY A . n 
A 1 31  ASN 31  23  23  ASN ASN A . n 
A 1 32  ILE 32  24  24  ILE ILE A . n 
A 1 33  ILE 33  25  25  ILE ILE A . n 
A 1 34  LEU 34  26  26  LEU LEU A . n 
A 1 35  LYS 35  27  27  LYS LYS A . n 
A 1 36  ASP 36  28  28  ASP ASP A . n 
A 1 37  LEU 37  29  29  LEU LEU A . n 
A 1 38  LEU 38  30  30  LEU LEU A . n 
A 1 39  SER 39  31  31  SER SER A . n 
A 1 40  LYS 40  32  32  LYS LYS A . n 
A 1 41  GLY 41  33  33  GLY GLY A . n 
A 1 42  PHE 42  34  34  PHE PHE A . n 
A 1 43  GLU 43  35  35  GLU GLU A . n 
A 1 44  VAL 44  36  36  VAL VAL A . n 
A 1 45  LEU 45  37  37  LEU LEU A . n 
A 1 46  PRO 46  38  38  PRO PRO A . n 
A 1 47  VAL 47  39  39  VAL VAL A . n 
A 1 48  ASN 48  40  40  ASN ASN A . n 
A 1 49  PRO 49  41  41  PRO PRO A . n 
A 1 50  ASN 50  42  42  ASN ASN A . n 
A 1 51  TYR 51  43  43  TYR TYR A . n 
A 1 52  ASP 52  44  44  ASP ASP A . n 
A 1 53  GLU 53  45  45  GLU GLU A . n 
A 1 54  ILE 54  46  46  ILE ILE A . n 
A 1 55  GLU 55  47  47  GLU GLU A . n 
A 1 56  GLY 56  48  48  GLY GLY A . n 
A 1 57  LEU 57  49  49  LEU LEU A . n 
A 1 58  LYS 58  50  50  LYS LYS A . n 
A 1 59  CYS 59  51  51  CYS CYS A . n 
A 1 60  TYR 60  52  52  TYR TYR A . n 
A 1 61  ARG 61  53  53  ARG ARG A . n 
A 1 62  SER 62  54  54  SER SER A . n 
A 1 63  VAL 63  55  55  VAL VAL A . n 
A 1 64  ARG 64  56  56  ARG ARG A . n 
A 1 65  GLU 65  57  57  GLU GLU A . n 
A 1 66  LEU 66  58  58  LEU LEU A . n 
A 1 67  PRO 67  59  59  PRO PRO A . n 
A 1 68  LYS 68  60  60  LYS LYS A . n 
A 1 69  ASP 69  61  61  ASP ASP A . n 
A 1 70  VAL 70  62  62  VAL VAL A . n 
A 1 71  ASP 71  63  63  ASP ASP A . n 
A 1 72  VAL 72  64  64  VAL VAL A . n 
A 1 73  ILE 73  65  65  ILE ILE A . n 
A 1 74  VAL 74  66  66  VAL VAL A . n 
A 1 75  PHE 75  67  67  PHE PHE A . n 
A 1 76  VAL 76  68  68  VAL VAL A . n 
A 1 77  VAL 77  69  69  VAL VAL A . n 
A 1 78  PRO 78  70  70  PRO PRO A . n 
A 1 79  PRO 79  71  71  PRO PRO A . n 
A 1 80  LYS 80  72  72  LYS LYS A . n 
A 1 81  VAL 81  73  73  VAL VAL A . n 
A 1 82  GLY 82  74  74  GLY GLY A . n 
A 1 83  LEU 83  75  75  LEU LEU A . n 
A 1 84  GLN 84  76  76  GLN GLN A . n 
A 1 85  VAL 85  77  77  VAL VAL A . n 
A 1 86  ALA 86  78  78  ALA ALA A . n 
A 1 87  LYS 87  79  79  LYS LYS A . n 
A 1 88  GLU 88  80  80  GLU GLU A . n 
A 1 89  ALA 89  81  81  ALA ALA A . n 
A 1 90  VAL 90  82  82  VAL VAL A . n 
A 1 91  GLU 91  83  83  GLU GLU A . n 
A 1 92  ALA 92  84  84  ALA ALA A . n 
A 1 93  GLY 93  85  85  GLY GLY A . n 
A 1 94  PHE 94  86  86  PHE PHE A . n 
A 1 95  LYS 95  87  87  LYS LYS A . n 
A 1 96  LYS 96  88  88  LYS LYS A . n 
A 1 97  LEU 97  89  89  LEU LEU A . n 
A 1 98  TRP 98  90  90  TRP TRP A . n 
A 1 99  PHE 99  91  91  PHE PHE A . n 
A 1 100 GLN 100 92  92  GLN GLN A . n 
A 1 101 PRO 101 93  93  PRO PRO A . n 
A 1 102 GLY 102 94  94  GLY GLY A . n 
A 1 103 ALA 103 95  95  ALA ALA A . n 
A 1 104 GLU 104 96  96  GLU GLU A . n 
A 1 105 SER 105 97  97  SER SER A . n 
A 1 106 GLU 106 98  98  GLU GLU A . n 
A 1 107 GLU 107 99  99  GLU GLU A . n 
A 1 108 ILE 108 100 100 ILE ILE A . n 
A 1 109 ARG 109 101 101 ARG ARG A . n 
A 1 110 ARG 110 102 102 ARG ARG A . n 
A 1 111 PHE 111 103 103 PHE PHE A . n 
A 1 112 LEU 112 104 104 LEU LEU A . n 
A 1 113 GLU 113 105 105 GLU GLU A . n 
A 1 114 LYS 114 106 106 LYS LYS A . n 
A 1 115 ALA 115 107 107 ALA ALA A . n 
A 1 116 GLY 116 108 108 GLY GLY A . n 
A 1 117 VAL 117 109 109 VAL VAL A . n 
A 1 118 GLU 118 110 110 GLU GLU A . n 
A 1 119 TYR 119 111 111 TYR TYR A . n 
A 1 120 SER 120 112 112 SER SER A . n 
A 1 121 PHE 121 113 113 PHE PHE A . n 
A 1 122 GLY 122 114 114 GLY GLY A . n 
A 1 123 ARG 123 115 115 ARG ARG A . n 
A 1 124 CYS 124 116 116 CYS CYS A . n 
A 1 125 ILE 125 117 117 ILE ILE A . n 
A 1 126 MSE 126 118 118 MSE MSE A . n 
A 1 127 VAL 127 119 119 VAL VAL A . n 
A 1 128 GLU 128 120 120 GLU GLU A . n 
A 1 129 THR 129 121 121 THR THR A . n 
A 1 130 SER 130 122 ?   ?   ?   A . n 
A 1 131 ASN 131 123 ?   ?   ?   A . n 
A 1 132 LYS 132 124 ?   ?   ?   A . n 
A 1 133 LYS 133 125 ?   ?   ?   A . n 
A 1 134 ILE 134 126 ?   ?   ?   A . n 
A 1 135 PHE 135 127 ?   ?   ?   A . n 
A 1 136 LEU 136 128 ?   ?   ?   A . n 
A 1 137 GLU 137 129 ?   ?   ?   A . n 
A 1 138 VAL 138 130 ?   ?   ?   A . n 
# 
loop_
_pdbx_nonpoly_scheme.asym_id 
_pdbx_nonpoly_scheme.entity_id 
_pdbx_nonpoly_scheme.mon_id 
_pdbx_nonpoly_scheme.ndb_seq_num 
_pdbx_nonpoly_scheme.pdb_seq_num 
_pdbx_nonpoly_scheme.auth_seq_num 
_pdbx_nonpoly_scheme.pdb_mon_id 
_pdbx_nonpoly_scheme.auth_mon_id 
_pdbx_nonpoly_scheme.pdb_strand_id 
_pdbx_nonpoly_scheme.pdb_ins_code 
B 2 SCN 1  202 202 SCN SCN A . 
C 3 COA 1  201 201 COA COA A . 
D 4 UNX 1  401 401 UNX UNX A . 
E 4 UNX 1  402 402 UNX UNX A . 
F 4 UNX 1  403 403 UNX UNX A . 
G 4 UNX 1  404 404 UNX UNX A . 
H 4 UNX 1  405 405 UNX UNX A . 
I 4 UNX 1  406 406 UNX UNX A . 
J 4 UNX 1  407 407 UNX UNX A . 
K 4 UNX 1  408 408 UNX UNX A . 
L 5 HOH 1  301 301 HOH HOH A . 
L 5 HOH 2  302 302 HOH HOH A . 
L 5 HOH 3  303 303 HOH HOH A . 
L 5 HOH 4  304 304 HOH HOH A . 
L 5 HOH 5  305 305 HOH HOH A . 
L 5 HOH 6  306 306 HOH HOH A . 
L 5 HOH 7  307 307 HOH HOH A . 
L 5 HOH 8  308 308 HOH HOH A . 
L 5 HOH 9  309 309 HOH HOH A . 
L 5 HOH 10 310 310 HOH HOH A . 
L 5 HOH 11 311 311 HOH HOH A . 
L 5 HOH 12 312 312 HOH HOH A . 
L 5 HOH 13 313 313 HOH HOH A . 
L 5 HOH 14 314 314 HOH HOH A . 
L 5 HOH 15 315 315 HOH HOH A . 
L 5 HOH 16 316 316 HOH HOH A . 
L 5 HOH 17 317 317 HOH HOH A . 
L 5 HOH 18 318 318 HOH HOH A . 
L 5 HOH 19 319 319 HOH HOH A . 
L 5 HOH 20 320 320 HOH HOH A . 
L 5 HOH 21 321 321 HOH HOH A . 
L 5 HOH 22 322 322 HOH HOH A . 
L 5 HOH 23 323 323 HOH HOH A . 
# 
loop_
_pdbx_unobs_or_zero_occ_atoms.id 
_pdbx_unobs_or_zero_occ_atoms.PDB_model_num 
_pdbx_unobs_or_zero_occ_atoms.polymer_flag 
_pdbx_unobs_or_zero_occ_atoms.occupancy_flag 
_pdbx_unobs_or_zero_occ_atoms.auth_asym_id 
_pdbx_unobs_or_zero_occ_atoms.auth_comp_id 
_pdbx_unobs_or_zero_occ_atoms.auth_seq_id 
_pdbx_unobs_or_zero_occ_atoms.PDB_ins_code 
_pdbx_unobs_or_zero_occ_atoms.auth_atom_id 
_pdbx_unobs_or_zero_occ_atoms.label_alt_id 
_pdbx_unobs_or_zero_occ_atoms.label_asym_id 
_pdbx_unobs_or_zero_occ_atoms.label_comp_id 
_pdbx_unobs_or_zero_occ_atoms.label_seq_id 
_pdbx_unobs_or_zero_occ_atoms.label_atom_id 
1  1 Y 1 A ARG 7   ? CB  ? A ARG 15  CB  
2  1 Y 1 A ARG 7   ? CG  ? A ARG 15  CG  
3  1 Y 1 A ARG 7   ? CD  ? A ARG 15  CD  
4  1 Y 1 A ARG 7   ? NE  ? A ARG 15  NE  
5  1 Y 1 A ARG 7   ? CZ  ? A ARG 15  CZ  
6  1 Y 1 A ARG 7   ? NH1 ? A ARG 15  NH1 
7  1 Y 1 A ARG 7   ? NH2 ? A ARG 15  NH2 
8  1 Y 1 A ARG 53  ? CD  ? A ARG 61  CD  
9  1 Y 1 A ARG 53  ? NE  ? A ARG 61  NE  
10 1 Y 1 A ARG 53  ? CZ  ? A ARG 61  CZ  
11 1 Y 1 A ARG 53  ? NH1 ? A ARG 61  NH1 
12 1 Y 1 A ARG 53  ? NH2 ? A ARG 61  NH2 
13 1 Y 1 A ARG 56  ? CD  ? A ARG 64  CD  
14 1 Y 1 A ARG 56  ? NE  ? A ARG 64  NE  
15 1 Y 1 A ARG 56  ? CZ  ? A ARG 64  CZ  
16 1 Y 1 A ARG 56  ? NH1 ? A ARG 64  NH1 
17 1 Y 1 A ARG 56  ? NH2 ? A ARG 64  NH2 
18 1 Y 1 A LYS 72  ? CD  ? A LYS 80  CD  
19 1 Y 1 A LYS 72  ? CE  ? A LYS 80  CE  
20 1 Y 1 A LYS 72  ? NZ  ? A LYS 80  NZ  
21 1 Y 1 A LYS 79  ? CD  ? A LYS 87  CD  
22 1 Y 1 A LYS 79  ? CE  ? A LYS 87  CE  
23 1 Y 1 A LYS 79  ? NZ  ? A LYS 87  NZ  
24 1 Y 1 A LYS 87  ? CG  ? A LYS 95  CG  
25 1 Y 1 A LYS 87  ? CD  ? A LYS 95  CD  
26 1 Y 1 A LYS 87  ? CE  ? A LYS 95  CE  
27 1 Y 1 A LYS 87  ? NZ  ? A LYS 95  NZ  
28 1 Y 1 A LYS 88  ? CE  ? A LYS 96  CE  
29 1 Y 1 A LYS 88  ? NZ  ? A LYS 96  NZ  
30 1 Y 1 A ARG 102 ? CG  ? A ARG 110 CG  
31 1 Y 1 A LYS 106 ? CD  ? A LYS 114 CD  
32 1 Y 1 A LYS 106 ? CE  ? A LYS 114 CE  
33 1 Y 1 A LYS 106 ? NZ  ? A LYS 114 NZ  
# 
loop_
_software.name 
_software.version 
_software.date 
_software.type 
_software.contact_author 
_software.contact_author_email 
_software.classification 
_software.location 
_software.language 
_software.citation_id 
_software.pdbx_ordinal 
DENZO       .               ?           package 'Zbyszek Otwinowski' zbyszek@mix.swmed.edu    'data reduction'  
http://www.lnls.br/infra/linhasluz/denzo-hkl.htm ?       ? 1 
SCALEPACK   .               ?           package 'Zbyszek Otwinowski' zbyszek@mix.swmed.edu    'data scaling'    
http://www.lnls.br/infra/linhasluz/denzo-hkl.htm ?       ? 2 
SOLVE       2.06            28-Dec-2003 program 'Tom Terwilliger'    terwilliger@LANL.gov     phasing           
http://www.solve.lanl.gov/                       ?       ? 3 
RESOLVE     2.06            02-Jan-2004 program 'Terwilliger, T. C'  terwilliger@LANL.gov     phasing           
http://www.solve.lanl.gov/                       ?       ? 4 
REFMAC      refmac_5.2.0005 24/04/2001  program 'Murshudov, G.N.'    ccp4@dl.ac.uk            refinement        
http://www.ccp4.ac.uk/main.html                  Fortran ? 5 
PDB_EXTRACT 1.0             02/20/2004  program H.Yang               sw-help@rcsb.rutgers.edu 'data extraction' 
http://pdb.rutgers.edu/software/                 C/C++   ? 6 
MAR345      .               ?           ?       ?                    ?                        'data collection' ? ?       ? 7 
ISAS        .               ?           ?       ?                    ?                        phasing           ? ?       ? 8 
ARP/wARP    .               ?           ?       ?                    ?                        'model building'  ? ?       ? 9 
# 
_cell.entry_id           1Y81 
_cell.length_a           79.146 
_cell.length_b           79.146 
_cell.length_c           36.402 
_cell.angle_alpha        90.00 
_cell.angle_beta         90.00 
_cell.angle_gamma        120.00 
_cell.Z_PDB              6 
_cell.pdbx_unique_axis   ? 
_cell.length_a_esd       ? 
_cell.length_b_esd       ? 
_cell.length_c_esd       ? 
_cell.angle_alpha_esd    ? 
_cell.angle_beta_esd     ? 
_cell.angle_gamma_esd    ? 
# 
_symmetry.entry_id                         1Y81 
_symmetry.space_group_name_H-M             'P 62' 
_symmetry.pdbx_full_space_group_name_H-M   ? 
_symmetry.cell_setting                     ? 
_symmetry.Int_Tables_number                171 
_symmetry.space_group_name_Hall            ? 
# 
_exptl.crystals_number   1 
_exptl.method            'X-RAY DIFFRACTION' 
_exptl.entry_id          1Y81 
# 
_exptl_crystal.id                    1 
_exptl_crystal.density_meas          ? 
_exptl_crystal.density_percent_sol   41.44 
_exptl_crystal.density_Matthews      2.10 
_exptl_crystal.description           ? 
_exptl_crystal.F_000                 ? 
_exptl_crystal.preparation           ? 
# 
_exptl_crystal_grow.crystal_id      1 
_exptl_crystal_grow.method          'modified microbatch' 
_exptl_crystal_grow.pH              ? 
_exptl_crystal_grow.temp            291 
_exptl_crystal_grow.pdbx_details    '0.3M sodium thiocyanate, 35% w/v PEG 3350, modified microbatch, temperature 291K' 
_exptl_crystal_grow.temp_details    ? 
_exptl_crystal_grow.pdbx_pH_range   . 
# 
_diffrn.id                     1 
_diffrn.ambient_temp           100 
_diffrn.ambient_temp_details   ? 
_diffrn.crystal_id             1 
# 
_diffrn_detector.diffrn_id              1 
_diffrn_detector.detector               CCD 
_diffrn_detector.type                   'MARMOSAIC 300 mm CCD' 
_diffrn_detector.pdbx_collection_date   2004-11-26 
_diffrn_detector.details                ? 
# 
_diffrn_radiation.diffrn_id                        1 
_diffrn_radiation.pdbx_diffrn_protocol             'SINGLE WAVELENGTH' 
_diffrn_radiation.monochromator                    ? 
_diffrn_radiation.wavelength_id                    1 
_diffrn_radiation.pdbx_monochromatic_or_laue_m_l   M 
_diffrn_radiation.pdbx_scattering_type             x-ray 
# 
_diffrn_radiation_wavelength.id           1 
_diffrn_radiation_wavelength.wavelength   0.9791 
_diffrn_radiation_wavelength.wt           1.0 
# 
_diffrn_source.diffrn_id                   1 
_diffrn_source.source                      SYNCHROTRON 
_diffrn_source.type                        'APS BEAMLINE 22-ID' 
_diffrn_source.pdbx_wavelength_list        0.9791 
_diffrn_source.pdbx_wavelength             ? 
_diffrn_source.pdbx_synchrotron_site       APS 
_diffrn_source.pdbx_synchrotron_beamline   22-ID 
# 
_reflns.d_resolution_low             50.00 
_reflns.d_resolution_high            1.59 
_reflns.number_obs                   14818 
_reflns.percent_possible_obs         83.100 
_reflns.pdbx_Rmerge_I_obs            0.054 
_reflns.pdbx_chi_squared             1.424 
_reflns.entry_id                     1Y81 
_reflns.observed_criterion_sigma_F   ? 
_reflns.observed_criterion_sigma_I   ? 
_reflns.number_all                   ? 
_reflns.pdbx_Rsym_value              ? 
_reflns.pdbx_netI_over_sigmaI        ? 
_reflns.B_iso_Wilson_estimate        ? 
_reflns.pdbx_redundancy              ? 
_reflns.R_free_details               ? 
_reflns.limit_h_max                  ? 
_reflns.limit_h_min                  ? 
_reflns.limit_k_max                  ? 
_reflns.limit_k_min                  ? 
_reflns.limit_l_max                  ? 
_reflns.limit_l_min                  ? 
_reflns.observed_criterion_F_max     ? 
_reflns.observed_criterion_F_min     ? 
_reflns.pdbx_scaling_rejects         ? 
_reflns.pdbx_diffrn_id               1 
_reflns.pdbx_ordinal                 1 
# 
loop_
_reflns_shell.d_res_low 
_reflns_shell.d_res_high 
_reflns_shell.number_measured_all 
_reflns_shell.percent_possible_all 
_reflns_shell.Rmerge_I_obs 
_reflns_shell.pdbx_chi_squared 
_reflns_shell.number_unique_all 
_reflns_shell.meanI_over_sigI_obs 
_reflns_shell.pdbx_Rsym_value 
_reflns_shell.percent_possible_obs 
_reflns_shell.pdbx_redundancy 
_reflns_shell.number_measured_obs 
_reflns_shell.number_unique_obs 
_reflns_shell.pdbx_diffrn_id 
_reflns_shell.pdbx_ordinal 
1.65  1.59 354  20.100  0.371 0.997 ? ? ? ? ? ? ? ? 1  
1.71  1.65 837  47.100  0.332 0.975 ? ? ? ? ? ? ? ? 2  
1.79  1.71 1270 72.500  0.27  1.044 ? ? ? ? ? ? ? ? 3  
1.89  1.79 1629 91.800  0.229 1.080 ? ? ? ? ? ? ? ? 4  
2.00  1.89 1737 98.500  0.164 1.207 ? ? ? ? ? ? ? ? 5  
2.16  2.00 1776 100.000 0.122 1.375 ? ? ? ? ? ? ? ? 6  
2.38  2.16 1767 100.000 0.089 1.459 ? ? ? ? ? ? ? ? 7  
2.72  2.38 1800 100.000 0.069 1.588 ? ? ? ? ? ? ? ? 8  
3.43  2.72 1791 100.000 0.054 1.708 ? ? ? ? ? ? ? ? 9  
50.00 3.43 1857 99.800  0.039 1.468 ? ? ? ? ? ? ? ? 10 
# 
_refine.details                                  'HYDROGENS HAVE BEEN ADDED IN THE RIDING POSITIONS' 
_refine.B_iso_mean                               24.266 
_refine.aniso_B[1][1]                            -0.953 
_refine.aniso_B[2][2]                            -0.953 
_refine.aniso_B[3][3]                            1.429 
_refine.aniso_B[1][2]                            -0.476 
_refine.aniso_B[1][3]                            0.000 
_refine.aniso_B[2][3]                            0.000 
_refine.solvent_model_details                    'MASK BULK SOLVENT' 
_refine.pdbx_solvent_vdw_probe_radii             1.200 
_refine.pdbx_solvent_ion_probe_radii             0.800 
_refine.ls_d_res_high                            1.701 
_refine.ls_d_res_low                             68.519 
_refine.ls_number_reflns_R_free                  488 
_refine.ls_number_reflns_obs                     13777 
_refine.ls_R_factor_R_work                       0.2226 
_refine.ls_R_factor_R_free                       0.245 
_refine.ls_R_factor_all                          0.223 
_refine.ls_wR_factor_R_work                      0.230 
_refine.ls_wR_factor_R_free                      0.261 
_refine.ls_percent_reflns_obs                    94.942 
_refine.ls_percent_reflns_R_free                 3.542 
_refine.correlation_coeff_Fo_to_Fc               0.947 
_refine.correlation_coeff_Fo_to_Fc_free          0.935 
_refine.pdbx_overall_ESU_R                       0.125 
_refine.pdbx_overall_ESU_R_Free                  0.116 
_refine.pdbx_ls_cross_valid_method               THROUGHOUT 
_refine.pdbx_R_Free_selection_details            RANDOM 
_refine.overall_SU_R_Cruickshank_DPI             0.125 
_refine.overall_SU_ML                            0.082 
_refine.overall_SU_B                             2.468 
_refine.pdbx_solvent_shrinkage_radii             0.800 
_refine.entry_id                                 1Y81 
_refine.pdbx_ls_sigma_F                          ? 
_refine.pdbx_ls_sigma_I                          ? 
_refine.ls_number_reflns_all                     ? 
_refine.ls_R_factor_obs                          0.22334 
_refine.ls_redundancy_reflns_obs                 ? 
_refine.pdbx_data_cutoff_high_absF               ? 
_refine.pdbx_data_cutoff_low_absF                ? 
_refine.ls_number_parameters                     ? 
_refine.ls_number_restraints                     ? 
_refine.ls_R_factor_R_free_error                 ? 
_refine.ls_R_factor_R_free_error_details         ? 
_refine.pdbx_method_to_determine_struct          SAS 
_refine.pdbx_starting_model                      ? 
_refine.pdbx_stereochem_target_val_spec_case     ? 
_refine.pdbx_stereochemistry_target_values       ? 
_refine.solvent_model_param_bsol                 ? 
_refine.solvent_model_param_ksol                 ? 
_refine.occupancy_max                            ? 
_refine.occupancy_min                            ? 
_refine.pdbx_isotropic_thermal_model             ? 
_refine.B_iso_min                                ? 
_refine.B_iso_max                                ? 
_refine.overall_SU_R_free                        ? 
_refine.pdbx_data_cutoff_high_rms_absF           ? 
_refine.overall_FOM_free_R_set                   ? 
_refine.overall_FOM_work_R_set                   ? 
_refine.pdbx_refine_id                           'X-RAY DIFFRACTION' 
_refine.pdbx_diffrn_id                           1 
_refine.pdbx_TLS_residual_ADP_flag               ? 
_refine.pdbx_overall_phase_error                 ? 
_refine.pdbx_overall_SU_R_free_Cruickshank_DPI   ? 
_refine.pdbx_overall_SU_R_Blow_DPI               ? 
_refine.pdbx_overall_SU_R_free_Blow_DPI          ? 
# 
_refine_hist.pdbx_refine_id                   'X-RAY DIFFRACTION' 
_refine_hist.cycle_id                         LAST 
_refine_hist.pdbx_number_atoms_protein        886 
_refine_hist.pdbx_number_atoms_nucleic_acid   0 
_refine_hist.pdbx_number_atoms_ligand         59 
_refine_hist.number_atoms_solvent             23 
_refine_hist.number_atoms_total               968 
_refine_hist.d_res_high                       1.701 
_refine_hist.d_res_low                        68.519 
# 
loop_
_refine_ls_restr.type 
_refine_ls_restr.number 
_refine_ls_restr.dev_ideal 
_refine_ls_restr.dev_ideal_target 
_refine_ls_restr.weight 
_refine_ls_restr.pdbx_refine_id 
_refine_ls_restr.pdbx_restraint_function 
r_bond_refined_d         957  0.015  0.022  ? 'X-RAY DIFFRACTION' ? 
r_angle_refined_deg      1301 1.325  2.044  ? 'X-RAY DIFFRACTION' ? 
r_dihedral_angle_1_deg   115  5.277  5.000  ? 'X-RAY DIFFRACTION' ? 
r_dihedral_angle_2_deg   37   35.960 25.135 ? 'X-RAY DIFFRACTION' ? 
r_dihedral_angle_3_deg   148  12.098 15.000 ? 'X-RAY DIFFRACTION' ? 
r_dihedral_angle_4_deg   2    17.365 15.000 ? 'X-RAY DIFFRACTION' ? 
r_chiral_restr           142  0.074  0.200  ? 'X-RAY DIFFRACTION' ? 
r_gen_planes_refined     703  0.004  0.020  ? 'X-RAY DIFFRACTION' ? 
r_nbd_refined            457  0.264  0.200  ? 'X-RAY DIFFRACTION' ? 
r_nbtor_refined          657  0.300  0.200  ? 'X-RAY DIFFRACTION' ? 
r_xyhbond_nbd_refined    37   0.117  0.200  ? 'X-RAY DIFFRACTION' ? 
r_symmetry_vdw_refined   13   0.157  0.200  ? 'X-RAY DIFFRACTION' ? 
r_symmetry_hbond_refined 1    0.045  0.200  ? 'X-RAY DIFFRACTION' ? 
r_mcbond_it              578  1.844  2.000  ? 'X-RAY DIFFRACTION' ? 
r_mcangle_it             929  2.766  3.000  ? 'X-RAY DIFFRACTION' ? 
r_scbond_it              380  2.160  2.000  ? 'X-RAY DIFFRACTION' ? 
r_scangle_it             372  3.297  3.000  ? 'X-RAY DIFFRACTION' ? 
# 
loop_
_refine_ls_shell.pdbx_total_number_of_bins_used 
_refine_ls_shell.d_res_low 
_refine_ls_shell.d_res_high 
_refine_ls_shell.number_reflns_all 
_refine_ls_shell.percent_reflns_obs 
_refine_ls_shell.number_reflns_R_work 
_refine_ls_shell.R_factor_R_work 
_refine_ls_shell.number_reflns_R_free 
_refine_ls_shell.R_factor_R_free 
_refine_ls_shell.number_reflns_obs 
_refine_ls_shell.R_factor_R_free_error 
_refine_ls_shell.percent_reflns_R_free 
_refine_ls_shell.redundancy_reflns_obs 
_refine_ls_shell.R_factor_all 
_refine_ls_shell.pdbx_refine_id 
20 1.745  1.701 1079 64.319  664 0.34  30 0.442 . . . . . 'X-RAY DIFFRACTION' 
20 1.792  1.745 1007 79.742  776 0.313 27 0.332 . . . . . 'X-RAY DIFFRACTION' 
20 1.844  1.792 1024 90.039  884 0.279 38 0.261 . . . . . 'X-RAY DIFFRACTION' 
20 1.901  1.844 969  96.904  909 0.263 30 0.274 . . . . . 'X-RAY DIFFRACTION' 
20 1.963  1.901 943  98.834  901 0.245 31 0.234 . . . . . 'X-RAY DIFFRACTION' 
20 2.032  1.963 939  100.000 906 0.23  33 0.292 . . . . . 'X-RAY DIFFRACTION' 
20 2.109  2.032 883  100.000 851 0.232 32 0.201 . . . . . 'X-RAY DIFFRACTION' 
20 2.195  2.109 850  100.000 820 0.225 30 0.282 . . . . . 'X-RAY DIFFRACTION' 
20 2.292  2.195 829  100.000 799 0.231 30 0.272 . . . . . 'X-RAY DIFFRACTION' 
20 2.404  2.292 783  100.000 749 0.229 34 0.239 . . . . . 'X-RAY DIFFRACTION' 
20 2.534  2.404 747  100.000 727 0.234 20 0.313 . . . . . 'X-RAY DIFFRACTION' 
20 2.688  2.534 711  100.000 689 0.249 22 0.275 . . . . . 'X-RAY DIFFRACTION' 
20 2.873  2.688 668  100.000 646 0.24  22 0.239 . . . . . 'X-RAY DIFFRACTION' 
20 3.102  2.873 620  100.000 599 0.244 21 0.236 . . . . . 'X-RAY DIFFRACTION' 
20 3.398  3.102 569  100.000 542 0.219 27 0.186 . . . . . 'X-RAY DIFFRACTION' 
20 3.798  3.398 532  100.000 513 0.185 19 0.245 . . . . . 'X-RAY DIFFRACTION' 
20 4.383  3.798 468  100.000 452 0.173 16 0.199 . . . . . 'X-RAY DIFFRACTION' 
20 5.363  4.383 396  100.000 388 0.164 8  0.195 . . . . . 'X-RAY DIFFRACTION' 
20 7.561  5.363 309  100.000 298 0.262 11 0.285 . . . . . 'X-RAY DIFFRACTION' 
20 68.519 7.561 185  98.919  176 0.218 7  0.241 . . . . . 'X-RAY DIFFRACTION' 
# 
_struct.entry_id                  1Y81 
_struct.title                     'Conserved hypothetical protein Pfu-723267-001 from Pyrococcus furiosus' 
_struct.pdbx_model_details        ? 
_struct.pdbx_CASP_flag            ? 
_struct.pdbx_model_type_details   ? 
# 
_struct_keywords.text            
;conserved hypothetical protein, Pyrococcus furiosus, hyperthermophile, Structural Genomics, PSI, Protein Structure Initiative, Southeast Collaboratory for Structural Genomics, SECSG, unknown function
;
_struct_keywords.entry_id        1Y81 
_struct_keywords.pdbx_keywords   'structural genomics, unknown function' 
# 
loop_
_struct_asym.id 
_struct_asym.pdbx_blank_PDB_chainid_flag 
_struct_asym.pdbx_modified 
_struct_asym.entity_id 
_struct_asym.details 
A N N 1 ? 
B N N 2 ? 
C N N 3 ? 
D N N 4 ? 
E N N 4 ? 
F N N 4 ? 
G N N 4 ? 
H N N 4 ? 
I N N 4 ? 
J N N 4 ? 
K N N 4 ? 
L N N 5 ? 
# 
_struct_ref.id                         1 
_struct_ref.db_name                    UNP 
_struct_ref.db_code                    Q8U2V3_PYRFU 
_struct_ref.pdbx_db_accession          Q8U2V3 
_struct_ref.entity_id                  1 
_struct_ref.pdbx_seq_one_letter_code   
;NSKEFRKIALVGASKNPAKYGNIILKDLLSKGFEVLPVNPNYDEIEGLKCYRSVRELPKDVDVIVFVVPPKVGLQVAKEA
VEAGFKKLWFQPGAESEEIRRFLEKAGVEYSFGRCIMVETSNKKIFLEV
;
_struct_ref.pdbx_align_begin           2 
_struct_ref.pdbx_db_isoform            ? 
# 
_struct_ref_seq.align_id                      1 
_struct_ref_seq.ref_id                        1 
_struct_ref_seq.pdbx_PDB_id_code              1Y81 
_struct_ref_seq.pdbx_strand_id                A 
_struct_ref_seq.seq_align_beg                 10 
_struct_ref_seq.pdbx_seq_align_beg_ins_code   ? 
_struct_ref_seq.seq_align_end                 138 
_struct_ref_seq.pdbx_seq_align_end_ins_code   ? 
_struct_ref_seq.pdbx_db_accession             Q8U2V3 
_struct_ref_seq.db_align_beg                  2 
_struct_ref_seq.pdbx_db_align_beg_ins_code    ? 
_struct_ref_seq.db_align_end                  130 
_struct_ref_seq.pdbx_db_align_end_ins_code    ? 
_struct_ref_seq.pdbx_auth_seq_align_beg       2 
_struct_ref_seq.pdbx_auth_seq_align_end       130 
# 
loop_
_struct_ref_seq_dif.align_id 
_struct_ref_seq_dif.pdbx_pdb_id_code 
_struct_ref_seq_dif.mon_id 
_struct_ref_seq_dif.pdbx_pdb_strand_id 
_struct_ref_seq_dif.seq_num 
_struct_ref_seq_dif.pdbx_pdb_ins_code 
_struct_ref_seq_dif.pdbx_seq_db_name 
_struct_ref_seq_dif.pdbx_seq_db_accession_code 
_struct_ref_seq_dif.db_mon_id 
_struct_ref_seq_dif.pdbx_seq_db_seq_num 
_struct_ref_seq_dif.details 
_struct_ref_seq_dif.pdbx_auth_seq_num 
_struct_ref_seq_dif.pdbx_ordinal 
1 1Y81 ALA A 1   ? UNP Q8U2V3 ?   ?   'cloning artifact' -7  1  
1 1Y81 HIS A 2   ? UNP Q8U2V3 ?   ?   'cloning artifact' -6  2  
1 1Y81 HIS A 3   ? UNP Q8U2V3 ?   ?   'cloning artifact' -5  3  
1 1Y81 HIS A 4   ? UNP Q8U2V3 ?   ?   'cloning artifact' -4  4  
1 1Y81 HIS A 5   ? UNP Q8U2V3 ?   ?   'cloning artifact' -3  5  
1 1Y81 HIS A 6   ? UNP Q8U2V3 ?   ?   'cloning artifact' -2  6  
1 1Y81 HIS A 7   ? UNP Q8U2V3 ?   ?   'cloning artifact' -1  7  
1 1Y81 GLY A 8   ? UNP Q8U2V3 ?   ?   'cloning artifact' 0   8  
1 1Y81 SER A 9   ? UNP Q8U2V3 ?   ?   'cloning artifact' 1   9  
1 1Y81 MSE A 126 ? UNP Q8U2V3 MET 118 'modified residue' 118 10 
# 
_pdbx_struct_assembly.id                   1 
_pdbx_struct_assembly.details              author_defined_assembly 
_pdbx_struct_assembly.method_details       ? 
_pdbx_struct_assembly.oligomeric_details   monomeric 
_pdbx_struct_assembly.oligomeric_count     1 
# 
_pdbx_struct_assembly_gen.assembly_id       1 
_pdbx_struct_assembly_gen.oper_expression   1 
_pdbx_struct_assembly_gen.asym_id_list      A,B,C,D,E,F,G,H,I,J,K,L 
# 
_pdbx_struct_oper_list.id                   1 
_pdbx_struct_oper_list.type                 'identity operation' 
_pdbx_struct_oper_list.name                 1_555 
_pdbx_struct_oper_list.symmetry_operation   x,y,z 
_pdbx_struct_oper_list.matrix[1][1]         1.0000000000 
_pdbx_struct_oper_list.matrix[1][2]         0.0000000000 
_pdbx_struct_oper_list.matrix[1][3]         0.0000000000 
_pdbx_struct_oper_list.vector[1]            0.0000000000 
_pdbx_struct_oper_list.matrix[2][1]         0.0000000000 
_pdbx_struct_oper_list.matrix[2][2]         1.0000000000 
_pdbx_struct_oper_list.matrix[2][3]         0.0000000000 
_pdbx_struct_oper_list.vector[2]            0.0000000000 
_pdbx_struct_oper_list.matrix[3][1]         0.0000000000 
_pdbx_struct_oper_list.matrix[3][2]         0.0000000000 
_pdbx_struct_oper_list.matrix[3][3]         1.0000000000 
_pdbx_struct_oper_list.vector[3]            0.0000000000 
# 
loop_
_struct_conf.conf_type_id 
_struct_conf.id 
_struct_conf.pdbx_PDB_helix_id 
_struct_conf.beg_label_comp_id 
_struct_conf.beg_label_asym_id 
_struct_conf.beg_label_seq_id 
_struct_conf.pdbx_beg_PDB_ins_code 
_struct_conf.end_label_comp_id 
_struct_conf.end_label_asym_id 
_struct_conf.end_label_seq_id 
_struct_conf.pdbx_end_PDB_ins_code 
_struct_conf.beg_auth_comp_id 
_struct_conf.beg_auth_asym_id 
_struct_conf.beg_auth_seq_id 
_struct_conf.end_auth_comp_id 
_struct_conf.end_auth_asym_id 
_struct_conf.end_auth_seq_id 
_struct_conf.pdbx_PDB_helix_class 
_struct_conf.details 
_struct_conf.pdbx_PDB_helix_length 
HELX_P HELX_P1 1 LYS A 28  ? LYS A 40  ? LYS A 20  LYS A 32  1 ? 13 
HELX_P HELX_P2 2 SER A 62  ? LEU A 66  ? SER A 54  LEU A 58  5 ? 5  
HELX_P HELX_P3 3 PRO A 78  ? ALA A 92  ? PRO A 70  ALA A 84  1 ? 15 
HELX_P HELX_P4 4 SER A 105 ? GLY A 116 ? SER A 97  GLY A 108 1 ? 12 
HELX_P HELX_P5 5 CYS A 124 ? THR A 129 ? CYS A 116 THR A 121 1 ? 6  
# 
_struct_conf_type.id          HELX_P 
_struct_conf_type.criteria    ? 
_struct_conf_type.reference   ? 
# 
loop_
_struct_conn.id 
_struct_conn.conn_type_id 
_struct_conn.pdbx_leaving_atom_flag 
_struct_conn.pdbx_PDB_id 
_struct_conn.ptnr1_label_asym_id 
_struct_conn.ptnr1_label_comp_id 
_struct_conn.ptnr1_label_seq_id 
_struct_conn.ptnr1_label_atom_id 
_struct_conn.pdbx_ptnr1_label_alt_id 
_struct_conn.pdbx_ptnr1_PDB_ins_code 
_struct_conn.pdbx_ptnr1_standard_comp_id 
_struct_conn.ptnr1_symmetry 
_struct_conn.ptnr2_label_asym_id 
_struct_conn.ptnr2_label_comp_id 
_struct_conn.ptnr2_label_seq_id 
_struct_conn.ptnr2_label_atom_id 
_struct_conn.pdbx_ptnr2_label_alt_id 
_struct_conn.pdbx_ptnr2_PDB_ins_code 
_struct_conn.ptnr1_auth_asym_id 
_struct_conn.ptnr1_auth_comp_id 
_struct_conn.ptnr1_auth_seq_id 
_struct_conn.ptnr2_auth_asym_id 
_struct_conn.ptnr2_auth_comp_id 
_struct_conn.ptnr2_auth_seq_id 
_struct_conn.ptnr2_symmetry 
_struct_conn.pdbx_ptnr3_label_atom_id 
_struct_conn.pdbx_ptnr3_label_seq_id 
_struct_conn.pdbx_ptnr3_label_comp_id 
_struct_conn.pdbx_ptnr3_label_asym_id 
_struct_conn.pdbx_ptnr3_label_alt_id 
_struct_conn.pdbx_ptnr3_PDB_ins_code 
_struct_conn.details 
_struct_conn.pdbx_dist_value 
_struct_conn.pdbx_value_order 
_struct_conn.pdbx_role 
covale1 covale none ? A CYS 124 SG ? ? ? 1_555 C COA .   S1P ? ? A CYS 116 A COA 201 1_555 ? ? ? ? ? ? ? 2.050 ? ? 
covale2 covale both ? A ILE 125 C  ? ? ? 1_555 A MSE 126 N   ? ? A ILE 117 A MSE 118 1_555 ? ? ? ? ? ? ? 1.342 ? ? 
covale3 covale both ? A MSE 126 C  ? ? ? 1_555 A VAL 127 N   ? ? A MSE 118 A VAL 119 1_555 ? ? ? ? ? ? ? 1.332 ? ? 
# 
_struct_conn_type.id          covale 
_struct_conn_type.criteria    ? 
_struct_conn_type.reference   ? 
# 
loop_
_pdbx_modification_feature.ordinal 
_pdbx_modification_feature.label_comp_id 
_pdbx_modification_feature.label_asym_id 
_pdbx_modification_feature.label_seq_id 
_pdbx_modification_feature.label_alt_id 
_pdbx_modification_feature.modified_residue_label_comp_id 
_pdbx_modification_feature.modified_residue_label_asym_id 
_pdbx_modification_feature.modified_residue_label_seq_id 
_pdbx_modification_feature.modified_residue_label_alt_id 
_pdbx_modification_feature.auth_comp_id 
_pdbx_modification_feature.auth_asym_id 
_pdbx_modification_feature.auth_seq_id 
_pdbx_modification_feature.PDB_ins_code 
_pdbx_modification_feature.symmetry 
_pdbx_modification_feature.modified_residue_auth_comp_id 
_pdbx_modification_feature.modified_residue_auth_asym_id 
_pdbx_modification_feature.modified_residue_auth_seq_id 
_pdbx_modification_feature.modified_residue_PDB_ins_code 
_pdbx_modification_feature.modified_residue_symmetry 
_pdbx_modification_feature.comp_id_linking_atom 
_pdbx_modification_feature.modified_residue_id_linking_atom 
_pdbx_modification_feature.modified_residue_id 
_pdbx_modification_feature.ref_pcm_id 
_pdbx_modification_feature.ref_comp_id 
_pdbx_modification_feature.type 
_pdbx_modification_feature.category 
1 MSE A 126 ? .   . .   . MSE A 118 ? 1_555 .   . .   . .     .   .  MET 1 MSE Selenomethionine 'Named protein modification'     
2 COA C .   ? CYS A 124 ? COA A 201 ? 1_555 CYS A 116 ? 1_555 S1P SG CYS 4 COA None             'Covalent chemical modification' 
# 
loop_
_struct_sheet.id 
_struct_sheet.type 
_struct_sheet.number_strands 
_struct_sheet.details 
A ? 5 ? 
B ? 2 ? 
# 
loop_
_struct_sheet_order.sheet_id 
_struct_sheet_order.range_id_1 
_struct_sheet_order.range_id_2 
_struct_sheet_order.offset 
_struct_sheet_order.sense 
A 1 2 ? parallel      
A 2 3 ? parallel      
A 3 4 ? parallel      
A 4 5 ? parallel      
B 1 2 ? anti-parallel 
# 
loop_
_struct_sheet_range.sheet_id 
_struct_sheet_range.id 
_struct_sheet_range.beg_label_comp_id 
_struct_sheet_range.beg_label_asym_id 
_struct_sheet_range.beg_label_seq_id 
_struct_sheet_range.pdbx_beg_PDB_ins_code 
_struct_sheet_range.end_label_comp_id 
_struct_sheet_range.end_label_asym_id 
_struct_sheet_range.end_label_seq_id 
_struct_sheet_range.pdbx_end_PDB_ins_code 
_struct_sheet_range.beg_auth_comp_id 
_struct_sheet_range.beg_auth_asym_id 
_struct_sheet_range.beg_auth_seq_id 
_struct_sheet_range.end_auth_comp_id 
_struct_sheet_range.end_auth_asym_id 
_struct_sheet_range.end_auth_seq_id 
A 1 GLU A 43  ? VAL A 47  ? GLU A 35  VAL A 39  
A 2 LYS A 16  ? VAL A 20  ? LYS A 8   VAL A 12  
A 3 VAL A 72  ? PHE A 75  ? VAL A 64  PHE A 67  
A 4 LYS A 96  ? PHE A 99  ? LYS A 88  PHE A 91  
A 5 GLU A 118 ? SER A 120 ? GLU A 110 SER A 112 
B 1 GLU A 53  ? ILE A 54  ? GLU A 45  ILE A 46  
B 2 LEU A 57  ? LYS A 58  ? LEU A 49  LYS A 50  
# 
loop_
_pdbx_struct_sheet_hbond.sheet_id 
_pdbx_struct_sheet_hbond.range_id_1 
_pdbx_struct_sheet_hbond.range_id_2 
_pdbx_struct_sheet_hbond.range_1_label_atom_id 
_pdbx_struct_sheet_hbond.range_1_label_comp_id 
_pdbx_struct_sheet_hbond.range_1_label_asym_id 
_pdbx_struct_sheet_hbond.range_1_label_seq_id 
_pdbx_struct_sheet_hbond.range_1_PDB_ins_code 
_pdbx_struct_sheet_hbond.range_1_auth_atom_id 
_pdbx_struct_sheet_hbond.range_1_auth_comp_id 
_pdbx_struct_sheet_hbond.range_1_auth_asym_id 
_pdbx_struct_sheet_hbond.range_1_auth_seq_id 
_pdbx_struct_sheet_hbond.range_2_label_atom_id 
_pdbx_struct_sheet_hbond.range_2_label_comp_id 
_pdbx_struct_sheet_hbond.range_2_label_asym_id 
_pdbx_struct_sheet_hbond.range_2_label_seq_id 
_pdbx_struct_sheet_hbond.range_2_PDB_ins_code 
_pdbx_struct_sheet_hbond.range_2_auth_atom_id 
_pdbx_struct_sheet_hbond.range_2_auth_comp_id 
_pdbx_struct_sheet_hbond.range_2_auth_asym_id 
_pdbx_struct_sheet_hbond.range_2_auth_seq_id 
A 1 2 O GLU A 43 ? O GLU A 35 N ILE A 17  ? N ILE A 9   
A 2 3 N ALA A 18 ? N ALA A 10 O VAL A 74  ? O VAL A 66  
A 3 4 N PHE A 75 ? N PHE A 67 O TRP A 98  ? O TRP A 90  
A 4 5 N PHE A 99 ? N PHE A 91 O SER A 120 ? O SER A 112 
B 1 2 N ILE A 54 ? N ILE A 46 O LEU A 57  ? O LEU A 49  
# 
loop_
_struct_site.id 
_struct_site.pdbx_evidence_code 
_struct_site.pdbx_auth_asym_id 
_struct_site.pdbx_auth_comp_id 
_struct_site.pdbx_auth_seq_id 
_struct_site.pdbx_auth_ins_code 
_struct_site.pdbx_num_residues 
_struct_site.details 
AC1 Software A SCN 202 ? 6  'BINDING SITE FOR RESIDUE SCN A 202' 
AC2 Software A COA 201 ? 26 'BINDING SITE FOR RESIDUE COA A 201' 
AC3 Software A UNX 402 ? 1  'BINDING SITE FOR RESIDUE UNX A 402' 
AC4 Software A UNX 403 ? 5  'BINDING SITE FOR RESIDUE UNX A 403' 
AC5 Software A UNX 404 ? 5  'BINDING SITE FOR RESIDUE UNX A 404' 
AC6 Software A UNX 405 ? 4  'BINDING SITE FOR RESIDUE UNX A 405' 
AC7 Software A UNX 406 ? 4  'BINDING SITE FOR RESIDUE UNX A 406' 
AC8 Software A UNX 407 ? 4  'BINDING SITE FOR RESIDUE UNX A 407' 
AC9 Software A UNX 408 ? 1  'BINDING SITE FOR RESIDUE UNX A 408' 
# 
loop_
_struct_site_gen.id 
_struct_site_gen.site_id 
_struct_site_gen.pdbx_num_res 
_struct_site_gen.label_comp_id 
_struct_site_gen.label_asym_id 
_struct_site_gen.label_seq_id 
_struct_site_gen.pdbx_auth_ins_code 
_struct_site_gen.auth_comp_id 
_struct_site_gen.auth_asym_id 
_struct_site_gen.auth_seq_id 
_struct_site_gen.label_atom_id 
_struct_site_gen.label_alt_id 
_struct_site_gen.symmetry 
_struct_site_gen.details 
1  AC1 6  ASN A 25  ? ASN A 17  . ? 2_654 ? 
2  AC1 6  GLN A 100 ? GLN A 92  . ? 1_555 ? 
3  AC1 6  CYS A 124 ? CYS A 116 . ? 1_555 ? 
4  AC1 6  ILE A 125 ? ILE A 117 . ? 1_555 ? 
5  AC1 6  MSE A 126 ? MSE A 118 . ? 1_555 ? 
6  AC1 6  COA C .   ? COA A 201 . ? 1_555 ? 
7  AC2 26 GLY A 21  ? GLY A 13  . ? 1_555 ? 
8  AC2 26 SER A 23  ? SER A 15  . ? 1_555 ? 
9  AC2 26 LYS A 28  ? LYS A 20  . ? 1_555 ? 
10 AC2 26 TYR A 29  ? TYR A 21  . ? 3_665 ? 
11 AC2 26 TYR A 29  ? TYR A 21  . ? 1_555 ? 
12 AC2 26 VAL A 47  ? VAL A 39  . ? 1_555 ? 
13 AC2 26 ASN A 48  ? ASN A 40  . ? 1_555 ? 
14 AC2 26 PRO A 49  ? PRO A 41  . ? 1_555 ? 
15 AC2 26 ASN A 50  ? ASN A 42  . ? 1_555 ? 
16 AC2 26 ASN A 50  ? ASN A 42  . ? 2_654 ? 
17 AC2 26 TYR A 51  ? TYR A 43  . ? 1_555 ? 
18 AC2 26 TYR A 51  ? TYR A 43  . ? 2_654 ? 
19 AC2 26 VAL A 76  ? VAL A 68  . ? 1_555 ? 
20 AC2 26 VAL A 77  ? VAL A 69  . ? 1_555 ? 
21 AC2 26 PRO A 78  ? PRO A 70  . ? 1_555 ? 
22 AC2 26 VAL A 81  ? VAL A 73  . ? 1_555 ? 
23 AC2 26 GLN A 100 ? GLN A 92  . ? 1_555 ? 
24 AC2 26 PRO A 101 ? PRO A 93  . ? 1_555 ? 
25 AC2 26 GLY A 102 ? GLY A 94  . ? 1_555 ? 
26 AC2 26 CYS A 124 ? CYS A 116 . ? 1_555 ? 
27 AC2 26 SCN B .   ? SCN A 202 . ? 1_555 ? 
28 AC2 26 HOH L .   ? HOH A 308 . ? 1_555 ? 
29 AC2 26 HOH L .   ? HOH A 310 . ? 1_555 ? 
30 AC2 26 HOH L .   ? HOH A 311 . ? 1_555 ? 
31 AC2 26 HOH L .   ? HOH A 312 . ? 1_555 ? 
32 AC2 26 HOH L .   ? HOH A 323 . ? 1_555 ? 
33 AC3 1  ASN A 25  ? ASN A 17  . ? 2_654 ? 
34 AC4 5  GLU A 43  ? GLU A 35  . ? 1_555 ? 
35 AC4 5  GLU A 53  ? GLU A 45  . ? 4_655 ? 
36 AC4 5  GLY A 56  ? GLY A 48  . ? 4_655 ? 
37 AC4 5  HOH L .   ? HOH A 304 . ? 1_555 ? 
38 AC4 5  UNX G .   ? UNX A 404 . ? 1_555 ? 
39 AC5 5  GLU A 43  ? GLU A 35  . ? 1_555 ? 
40 AC5 5  LEU A 45  ? LEU A 37  . ? 1_555 ? 
41 AC5 5  GLY A 56  ? GLY A 48  . ? 4_655 ? 
42 AC5 5  UNX F .   ? UNX A 403 . ? 1_555 ? 
43 AC5 5  UNX H .   ? UNX A 405 . ? 1_555 ? 
44 AC6 4  VAL A 44  ? VAL A 36  . ? 1_555 ? 
45 AC6 4  LEU A 45  ? LEU A 37  . ? 1_555 ? 
46 AC6 4  UNX G .   ? UNX A 404 . ? 1_555 ? 
47 AC6 4  UNX I .   ? UNX A 406 . ? 1_555 ? 
48 AC7 4  GLU A 43  ? GLU A 35  . ? 1_555 ? 
49 AC7 4  VAL A 44  ? VAL A 36  . ? 1_555 ? 
50 AC7 4  UNX H .   ? UNX A 405 . ? 1_555 ? 
51 AC7 4  UNX J .   ? UNX A 407 . ? 1_555 ? 
52 AC8 4  LEU A 38  ? LEU A 30  . ? 1_555 ? 
53 AC8 4  HOH L .   ? HOH A 321 . ? 1_555 ? 
54 AC8 4  UNX I .   ? UNX A 406 . ? 1_555 ? 
55 AC8 4  UNX K .   ? UNX A 408 . ? 1_555 ? 
56 AC9 1  UNX J .   ? UNX A 407 . ? 1_555 ? 
# 
_pdbx_entry_details.entry_id                   1Y81 
_pdbx_entry_details.compound_details           ? 
_pdbx_entry_details.source_details             ? 
_pdbx_entry_details.nonpolymer_details         ? 
_pdbx_entry_details.sequence_details           ? 
_pdbx_entry_details.has_ligand_of_interest     ? 
_pdbx_entry_details.has_protein_modification   Y 
# 
loop_
_pdbx_validate_torsion.id 
_pdbx_validate_torsion.PDB_model_num 
_pdbx_validate_torsion.auth_comp_id 
_pdbx_validate_torsion.auth_asym_id 
_pdbx_validate_torsion.auth_seq_id 
_pdbx_validate_torsion.PDB_ins_code 
_pdbx_validate_torsion.label_alt_id 
_pdbx_validate_torsion.phi 
_pdbx_validate_torsion.psi 
1 1 ARG A 7  ? ? -126.17 -54.03 
2 1 ASN A 40 ? ? -170.73 117.36 
# 
_pdbx_SG_project.project_name          'PSI, Protein Structure Initiative' 
_pdbx_SG_project.full_name_of_center   'Southeast Collaboratory for Structural Genomics' 
_pdbx_SG_project.initial_of_center     SECSG 
_pdbx_SG_project.id                    1 
# 
_pdbx_struct_mod_residue.id               1 
_pdbx_struct_mod_residue.label_asym_id    A 
_pdbx_struct_mod_residue.label_comp_id    MSE 
_pdbx_struct_mod_residue.label_seq_id     126 
_pdbx_struct_mod_residue.auth_asym_id     A 
_pdbx_struct_mod_residue.auth_comp_id     MSE 
_pdbx_struct_mod_residue.auth_seq_id      118 
_pdbx_struct_mod_residue.PDB_ins_code     ? 
_pdbx_struct_mod_residue.parent_comp_id   MET 
_pdbx_struct_mod_residue.details          SELENOMETHIONINE 
# 
loop_
_pdbx_phasing_MAD_shell.d_res_low 
_pdbx_phasing_MAD_shell.d_res_high 
_pdbx_phasing_MAD_shell.reflns 
_pdbx_phasing_MAD_shell.fom 
20.000 7.62 349  0.44 
7.62   4.91 569  0.45 
4.91   3.87 716  0.43 
3.87   3.30 835  0.45 
3.30   2.92 937  0.46 
2.92   2.64 1030 0.45 
2.64   2.44 1109 0.42 
2.44   2.27 1177 0.35 
# 
_pdbx_phasing_dm.entry_id          1Y81 
_pdbx_phasing_dm.fom_acentric      0.66 
_pdbx_phasing_dm.fom_centric       0.71 
_pdbx_phasing_dm.fom               0.66 
_pdbx_phasing_dm.reflns_acentric   7127 
_pdbx_phasing_dm.reflns_centric    638 
_pdbx_phasing_dm.reflns            7765 
# 
loop_
_pdbx_phasing_dm_shell.d_res_low 
_pdbx_phasing_dm_shell.d_res_high 
_pdbx_phasing_dm_shell.fom_acentric 
_pdbx_phasing_dm_shell.fom_centric 
_pdbx_phasing_dm_shell.fom 
_pdbx_phasing_dm_shell.reflns_acentric 
_pdbx_phasing_dm_shell.reflns_centric 
_pdbx_phasing_dm_shell.reflns 
19.787 6.0 0.91 0.82 0.91 272  73  345  
6.0    3.8 0.92 0.85 0.91 927  123 1050 
3.8    3.0 0.85 0.81 0.85 1184 113 1297 
3.0    2.6 0.74 0.74 0.74 1210 98  1308 
2.6    2.3 0.59 0.60 0.59 2171 148 2319 
2.3    2.1 0.31 0.42 0.32 1363 83  1446 
# 
_phasing.method   sad 
# 
_phasing_MAD.pdbx_d_res_high   2.200 
_phasing_MAD.pdbx_d_res_low    20.000 
_phasing_MAD.pdbx_reflns       6722 
_phasing_MAD.pdbx_fom          0.43 
_phasing_MAD.entry_id          1Y81 
# 
_pdbx_database_remark.id     300 
_pdbx_database_remark.text   
;BIOMOLECULE:
THIS ENTRY CONTAINS THE CRYSTALLOGRAPHIC ASYMMETRIC UNIT
WHICH CONSISTS OF 1 CHAIN. THE BIOLOGICAL UNIT IS UNKNOWN.
;
# 
loop_
_pdbx_unobs_or_zero_occ_residues.id 
_pdbx_unobs_or_zero_occ_residues.PDB_model_num 
_pdbx_unobs_or_zero_occ_residues.polymer_flag 
_pdbx_unobs_or_zero_occ_residues.occupancy_flag 
_pdbx_unobs_or_zero_occ_residues.auth_asym_id 
_pdbx_unobs_or_zero_occ_residues.auth_comp_id 
_pdbx_unobs_or_zero_occ_residues.auth_seq_id 
_pdbx_unobs_or_zero_occ_residues.PDB_ins_code 
_pdbx_unobs_or_zero_occ_residues.label_asym_id 
_pdbx_unobs_or_zero_occ_residues.label_comp_id 
_pdbx_unobs_or_zero_occ_residues.label_seq_id 
1  1 Y 1 A ALA -7  ? A ALA 1   
2  1 Y 1 A HIS -6  ? A HIS 2   
3  1 Y 1 A HIS -5  ? A HIS 3   
4  1 Y 1 A HIS -4  ? A HIS 4   
5  1 Y 1 A HIS -3  ? A HIS 5   
6  1 Y 1 A HIS -2  ? A HIS 6   
7  1 Y 1 A HIS -1  ? A HIS 7   
8  1 Y 1 A GLY 0   ? A GLY 8   
9  1 Y 1 A SER 1   ? A SER 9   
10 1 Y 1 A ASN 2   ? A ASN 10  
11 1 Y 1 A SER 3   ? A SER 11  
12 1 Y 1 A LYS 4   ? A LYS 12  
13 1 Y 1 A GLU 5   ? A GLU 13  
14 1 Y 1 A SER 122 ? A SER 130 
15 1 Y 1 A ASN 123 ? A ASN 131 
16 1 Y 1 A LYS 124 ? A LYS 132 
17 1 Y 1 A LYS 125 ? A LYS 133 
18 1 Y 1 A ILE 126 ? A ILE 134 
19 1 Y 1 A PHE 127 ? A PHE 135 
20 1 Y 1 A LEU 128 ? A LEU 136 
21 1 Y 1 A GLU 129 ? A GLU 137 
22 1 Y 1 A VAL 130 ? A VAL 138 
# 
loop_
_chem_comp_atom.comp_id 
_chem_comp_atom.atom_id 
_chem_comp_atom.type_symbol 
_chem_comp_atom.pdbx_aromatic_flag 
_chem_comp_atom.pdbx_stereo_config 
_chem_comp_atom.pdbx_ordinal 
ALA N    N  N N 1   
ALA CA   C  N S 2   
ALA C    C  N N 3   
ALA O    O  N N 4   
ALA CB   C  N N 5   
ALA OXT  O  N N 6   
ALA H    H  N N 7   
ALA H2   H  N N 8   
ALA HA   H  N N 9   
ALA HB1  H  N N 10  
ALA HB2  H  N N 11  
ALA HB3  H  N N 12  
ALA HXT  H  N N 13  
ARG N    N  N N 14  
ARG CA   C  N S 15  
ARG C    C  N N 16  
ARG O    O  N N 17  
ARG CB   C  N N 18  
ARG CG   C  N N 19  
ARG CD   C  N N 20  
ARG NE   N  N N 21  
ARG CZ   C  N N 22  
ARG NH1  N  N N 23  
ARG NH2  N  N N 24  
ARG OXT  O  N N 25  
ARG H    H  N N 26  
ARG H2   H  N N 27  
ARG HA   H  N N 28  
ARG HB2  H  N N 29  
ARG HB3  H  N N 30  
ARG HG2  H  N N 31  
ARG HG3  H  N N 32  
ARG HD2  H  N N 33  
ARG HD3  H  N N 34  
ARG HE   H  N N 35  
ARG HH11 H  N N 36  
ARG HH12 H  N N 37  
ARG HH21 H  N N 38  
ARG HH22 H  N N 39  
ARG HXT  H  N N 40  
ASN N    N  N N 41  
ASN CA   C  N S 42  
ASN C    C  N N 43  
ASN O    O  N N 44  
ASN CB   C  N N 45  
ASN CG   C  N N 46  
ASN OD1  O  N N 47  
ASN ND2  N  N N 48  
ASN OXT  O  N N 49  
ASN H    H  N N 50  
ASN H2   H  N N 51  
ASN HA   H  N N 52  
ASN HB2  H  N N 53  
ASN HB3  H  N N 54  
ASN HD21 H  N N 55  
ASN HD22 H  N N 56  
ASN HXT  H  N N 57  
ASP N    N  N N 58  
ASP CA   C  N S 59  
ASP C    C  N N 60  
ASP O    O  N N 61  
ASP CB   C  N N 62  
ASP CG   C  N N 63  
ASP OD1  O  N N 64  
ASP OD2  O  N N 65  
ASP OXT  O  N N 66  
ASP H    H  N N 67  
ASP H2   H  N N 68  
ASP HA   H  N N 69  
ASP HB2  H  N N 70  
ASP HB3  H  N N 71  
ASP HD2  H  N N 72  
ASP HXT  H  N N 73  
COA N1A  N  Y N 74  
COA C2A  C  Y N 75  
COA N3A  N  Y N 76  
COA C4A  C  Y N 77  
COA C5A  C  Y N 78  
COA C6A  C  Y N 79  
COA N6A  N  N N 80  
COA N7A  N  Y N 81  
COA C8A  C  Y N 82  
COA N9A  N  Y N 83  
COA C1B  C  N R 84  
COA C2B  C  N R 85  
COA O2B  O  N N 86  
COA C3B  C  N S 87  
COA O3B  O  N N 88  
COA P3B  P  N N 89  
COA O7A  O  N N 90  
COA O8A  O  N N 91  
COA O9A  O  N N 92  
COA C4B  C  N R 93  
COA O4B  O  N N 94  
COA C5B  C  N N 95  
COA O5B  O  N N 96  
COA P1A  P  N S 97  
COA O1A  O  N N 98  
COA O2A  O  N N 99  
COA O3A  O  N N 100 
COA P2A  P  N S 101 
COA O4A  O  N N 102 
COA O5A  O  N N 103 
COA O6A  O  N N 104 
COA CBP  C  N N 105 
COA CCP  C  N N 106 
COA CDP  C  N N 107 
COA CEP  C  N N 108 
COA CAP  C  N R 109 
COA OAP  O  N N 110 
COA C9P  C  N N 111 
COA O9P  O  N N 112 
COA N8P  N  N N 113 
COA C7P  C  N N 114 
COA C6P  C  N N 115 
COA C5P  C  N N 116 
COA O5P  O  N N 117 
COA N4P  N  N N 118 
COA C3P  C  N N 119 
COA C2P  C  N N 120 
COA S1P  S  N N 121 
COA H2A  H  N N 122 
COA H61A H  N N 123 
COA H62A H  N N 124 
COA H8A  H  N N 125 
COA H1B  H  N N 126 
COA H2B  H  N N 127 
COA HO2A H  N N 128 
COA H3B  H  N N 129 
COA HOA8 H  N N 130 
COA HOA9 H  N N 131 
COA H4B  H  N N 132 
COA H51A H  N N 133 
COA H52A H  N N 134 
COA HOA2 H  N N 135 
COA HOA5 H  N N 136 
COA H121 H  N N 137 
COA H122 H  N N 138 
COA H131 H  N N 139 
COA H132 H  N N 140 
COA H133 H  N N 141 
COA H141 H  N N 142 
COA H142 H  N N 143 
COA H143 H  N N 144 
COA H10  H  N N 145 
COA HO1  H  N N 146 
COA HN8  H  N N 147 
COA H71  H  N N 148 
COA H72  H  N N 149 
COA H61  H  N N 150 
COA H62  H  N N 151 
COA HN4  H  N N 152 
COA H31  H  N N 153 
COA H32  H  N N 154 
COA H21  H  N N 155 
COA H22  H  N N 156 
COA HS1  H  N N 157 
CYS N    N  N N 158 
CYS CA   C  N R 159 
CYS C    C  N N 160 
CYS O    O  N N 161 
CYS CB   C  N N 162 
CYS SG   S  N N 163 
CYS OXT  O  N N 164 
CYS H    H  N N 165 
CYS H2   H  N N 166 
CYS HA   H  N N 167 
CYS HB2  H  N N 168 
CYS HB3  H  N N 169 
CYS HG   H  N N 170 
CYS HXT  H  N N 171 
GLN N    N  N N 172 
GLN CA   C  N S 173 
GLN C    C  N N 174 
GLN O    O  N N 175 
GLN CB   C  N N 176 
GLN CG   C  N N 177 
GLN CD   C  N N 178 
GLN OE1  O  N N 179 
GLN NE2  N  N N 180 
GLN OXT  O  N N 181 
GLN H    H  N N 182 
GLN H2   H  N N 183 
GLN HA   H  N N 184 
GLN HB2  H  N N 185 
GLN HB3  H  N N 186 
GLN HG2  H  N N 187 
GLN HG3  H  N N 188 
GLN HE21 H  N N 189 
GLN HE22 H  N N 190 
GLN HXT  H  N N 191 
GLU N    N  N N 192 
GLU CA   C  N S 193 
GLU C    C  N N 194 
GLU O    O  N N 195 
GLU CB   C  N N 196 
GLU CG   C  N N 197 
GLU CD   C  N N 198 
GLU OE1  O  N N 199 
GLU OE2  O  N N 200 
GLU OXT  O  N N 201 
GLU H    H  N N 202 
GLU H2   H  N N 203 
GLU HA   H  N N 204 
GLU HB2  H  N N 205 
GLU HB3  H  N N 206 
GLU HG2  H  N N 207 
GLU HG3  H  N N 208 
GLU HE2  H  N N 209 
GLU HXT  H  N N 210 
GLY N    N  N N 211 
GLY CA   C  N N 212 
GLY C    C  N N 213 
GLY O    O  N N 214 
GLY OXT  O  N N 215 
GLY H    H  N N 216 
GLY H2   H  N N 217 
GLY HA2  H  N N 218 
GLY HA3  H  N N 219 
GLY HXT  H  N N 220 
HIS N    N  N N 221 
HIS CA   C  N S 222 
HIS C    C  N N 223 
HIS O    O  N N 224 
HIS CB   C  N N 225 
HIS CG   C  Y N 226 
HIS ND1  N  Y N 227 
HIS CD2  C  Y N 228 
HIS CE1  C  Y N 229 
HIS NE2  N  Y N 230 
HIS OXT  O  N N 231 
HIS H    H  N N 232 
HIS H2   H  N N 233 
HIS HA   H  N N 234 
HIS HB2  H  N N 235 
HIS HB3  H  N N 236 
HIS HD1  H  N N 237 
HIS HD2  H  N N 238 
HIS HE1  H  N N 239 
HIS HE2  H  N N 240 
HIS HXT  H  N N 241 
HOH O    O  N N 242 
HOH H1   H  N N 243 
HOH H2   H  N N 244 
ILE N    N  N N 245 
ILE CA   C  N S 246 
ILE C    C  N N 247 
ILE O    O  N N 248 
ILE CB   C  N S 249 
ILE CG1  C  N N 250 
ILE CG2  C  N N 251 
ILE CD1  C  N N 252 
ILE OXT  O  N N 253 
ILE H    H  N N 254 
ILE H2   H  N N 255 
ILE HA   H  N N 256 
ILE HB   H  N N 257 
ILE HG12 H  N N 258 
ILE HG13 H  N N 259 
ILE HG21 H  N N 260 
ILE HG22 H  N N 261 
ILE HG23 H  N N 262 
ILE HD11 H  N N 263 
ILE HD12 H  N N 264 
ILE HD13 H  N N 265 
ILE HXT  H  N N 266 
LEU N    N  N N 267 
LEU CA   C  N S 268 
LEU C    C  N N 269 
LEU O    O  N N 270 
LEU CB   C  N N 271 
LEU CG   C  N N 272 
LEU CD1  C  N N 273 
LEU CD2  C  N N 274 
LEU OXT  O  N N 275 
LEU H    H  N N 276 
LEU H2   H  N N 277 
LEU HA   H  N N 278 
LEU HB2  H  N N 279 
LEU HB3  H  N N 280 
LEU HG   H  N N 281 
LEU HD11 H  N N 282 
LEU HD12 H  N N 283 
LEU HD13 H  N N 284 
LEU HD21 H  N N 285 
LEU HD22 H  N N 286 
LEU HD23 H  N N 287 
LEU HXT  H  N N 288 
LYS N    N  N N 289 
LYS CA   C  N S 290 
LYS C    C  N N 291 
LYS O    O  N N 292 
LYS CB   C  N N 293 
LYS CG   C  N N 294 
LYS CD   C  N N 295 
LYS CE   C  N N 296 
LYS NZ   N  N N 297 
LYS OXT  O  N N 298 
LYS H    H  N N 299 
LYS H2   H  N N 300 
LYS HA   H  N N 301 
LYS HB2  H  N N 302 
LYS HB3  H  N N 303 
LYS HG2  H  N N 304 
LYS HG3  H  N N 305 
LYS HD2  H  N N 306 
LYS HD3  H  N N 307 
LYS HE2  H  N N 308 
LYS HE3  H  N N 309 
LYS HZ1  H  N N 310 
LYS HZ2  H  N N 311 
LYS HZ3  H  N N 312 
LYS HXT  H  N N 313 
MET N    N  N N 314 
MET CA   C  N S 315 
MET C    C  N N 316 
MET O    O  N N 317 
MET CB   C  N N 318 
MET CG   C  N N 319 
MET SD   S  N N 320 
MET CE   C  N N 321 
MET OXT  O  N N 322 
MET H    H  N N 323 
MET H2   H  N N 324 
MET HA   H  N N 325 
MET HB2  H  N N 326 
MET HB3  H  N N 327 
MET HG2  H  N N 328 
MET HG3  H  N N 329 
MET HE1  H  N N 330 
MET HE2  H  N N 331 
MET HE3  H  N N 332 
MET HXT  H  N N 333 
MSE N    N  N N 334 
MSE CA   C  N S 335 
MSE C    C  N N 336 
MSE O    O  N N 337 
MSE OXT  O  N N 338 
MSE CB   C  N N 339 
MSE CG   C  N N 340 
MSE SE   SE N N 341 
MSE CE   C  N N 342 
MSE H    H  N N 343 
MSE H2   H  N N 344 
MSE HA   H  N N 345 
MSE HXT  H  N N 346 
MSE HB2  H  N N 347 
MSE HB3  H  N N 348 
MSE HG2  H  N N 349 
MSE HG3  H  N N 350 
MSE HE1  H  N N 351 
MSE HE2  H  N N 352 
MSE HE3  H  N N 353 
PHE N    N  N N 354 
PHE CA   C  N S 355 
PHE C    C  N N 356 
PHE O    O  N N 357 
PHE CB   C  N N 358 
PHE CG   C  Y N 359 
PHE CD1  C  Y N 360 
PHE CD2  C  Y N 361 
PHE CE1  C  Y N 362 
PHE CE2  C  Y N 363 
PHE CZ   C  Y N 364 
PHE OXT  O  N N 365 
PHE H    H  N N 366 
PHE H2   H  N N 367 
PHE HA   H  N N 368 
PHE HB2  H  N N 369 
PHE HB3  H  N N 370 
PHE HD1  H  N N 371 
PHE HD2  H  N N 372 
PHE HE1  H  N N 373 
PHE HE2  H  N N 374 
PHE HZ   H  N N 375 
PHE HXT  H  N N 376 
PRO N    N  N N 377 
PRO CA   C  N S 378 
PRO C    C  N N 379 
PRO O    O  N N 380 
PRO CB   C  N N 381 
PRO CG   C  N N 382 
PRO CD   C  N N 383 
PRO OXT  O  N N 384 
PRO H    H  N N 385 
PRO HA   H  N N 386 
PRO HB2  H  N N 387 
PRO HB3  H  N N 388 
PRO HG2  H  N N 389 
PRO HG3  H  N N 390 
PRO HD2  H  N N 391 
PRO HD3  H  N N 392 
PRO HXT  H  N N 393 
SCN S    S  N N 394 
SCN C    C  N N 395 
SCN N    N  N N 396 
SER N    N  N N 397 
SER CA   C  N S 398 
SER C    C  N N 399 
SER O    O  N N 400 
SER CB   C  N N 401 
SER OG   O  N N 402 
SER OXT  O  N N 403 
SER H    H  N N 404 
SER H2   H  N N 405 
SER HA   H  N N 406 
SER HB2  H  N N 407 
SER HB3  H  N N 408 
SER HG   H  N N 409 
SER HXT  H  N N 410 
THR N    N  N N 411 
THR CA   C  N S 412 
THR C    C  N N 413 
THR O    O  N N 414 
THR CB   C  N R 415 
THR OG1  O  N N 416 
THR CG2  C  N N 417 
THR OXT  O  N N 418 
THR H    H  N N 419 
THR H2   H  N N 420 
THR HA   H  N N 421 
THR HB   H  N N 422 
THR HG1  H  N N 423 
THR HG21 H  N N 424 
THR HG22 H  N N 425 
THR HG23 H  N N 426 
THR HXT  H  N N 427 
TRP N    N  N N 428 
TRP CA   C  N S 429 
TRP C    C  N N 430 
TRP O    O  N N 431 
TRP CB   C  N N 432 
TRP CG   C  Y N 433 
TRP CD1  C  Y N 434 
TRP CD2  C  Y N 435 
TRP NE1  N  Y N 436 
TRP CE2  C  Y N 437 
TRP CE3  C  Y N 438 
TRP CZ2  C  Y N 439 
TRP CZ3  C  Y N 440 
TRP CH2  C  Y N 441 
TRP OXT  O  N N 442 
TRP H    H  N N 443 
TRP H2   H  N N 444 
TRP HA   H  N N 445 
TRP HB2  H  N N 446 
TRP HB3  H  N N 447 
TRP HD1  H  N N 448 
TRP HE1  H  N N 449 
TRP HE3  H  N N 450 
TRP HZ2  H  N N 451 
TRP HZ3  H  N N 452 
TRP HH2  H  N N 453 
TRP HXT  H  N N 454 
TYR N    N  N N 455 
TYR CA   C  N S 456 
TYR C    C  N N 457 
TYR O    O  N N 458 
TYR CB   C  N N 459 
TYR CG   C  Y N 460 
TYR CD1  C  Y N 461 
TYR CD2  C  Y N 462 
TYR CE1  C  Y N 463 
TYR CE2  C  Y N 464 
TYR CZ   C  Y N 465 
TYR OH   O  N N 466 
TYR OXT  O  N N 467 
TYR H    H  N N 468 
TYR H2   H  N N 469 
TYR HA   H  N N 470 
TYR HB2  H  N N 471 
TYR HB3  H  N N 472 
TYR HD1  H  N N 473 
TYR HD2  H  N N 474 
TYR HE1  H  N N 475 
TYR HE2  H  N N 476 
TYR HH   H  N N 477 
TYR HXT  H  N N 478 
VAL N    N  N N 479 
VAL CA   C  N S 480 
VAL C    C  N N 481 
VAL O    O  N N 482 
VAL CB   C  N N 483 
VAL CG1  C  N N 484 
VAL CG2  C  N N 485 
VAL OXT  O  N N 486 
VAL H    H  N N 487 
VAL H2   H  N N 488 
VAL HA   H  N N 489 
VAL HB   H  N N 490 
VAL HG11 H  N N 491 
VAL HG12 H  N N 492 
VAL HG13 H  N N 493 
VAL HG21 H  N N 494 
VAL HG22 H  N N 495 
VAL HG23 H  N N 496 
VAL HXT  H  N N 497 
# 
loop_
_chem_comp_bond.comp_id 
_chem_comp_bond.atom_id_1 
_chem_comp_bond.atom_id_2 
_chem_comp_bond.value_order 
_chem_comp_bond.pdbx_aromatic_flag 
_chem_comp_bond.pdbx_stereo_config 
_chem_comp_bond.pdbx_ordinal 
ALA N   CA   sing N N 1   
ALA N   H    sing N N 2   
ALA N   H2   sing N N 3   
ALA CA  C    sing N N 4   
ALA CA  CB   sing N N 5   
ALA CA  HA   sing N N 6   
ALA C   O    doub N N 7   
ALA C   OXT  sing N N 8   
ALA CB  HB1  sing N N 9   
ALA CB  HB2  sing N N 10  
ALA CB  HB3  sing N N 11  
ALA OXT HXT  sing N N 12  
ARG N   CA   sing N N 13  
ARG N   H    sing N N 14  
ARG N   H2   sing N N 15  
ARG CA  C    sing N N 16  
ARG CA  CB   sing N N 17  
ARG CA  HA   sing N N 18  
ARG C   O    doub N N 19  
ARG C   OXT  sing N N 20  
ARG CB  CG   sing N N 21  
ARG CB  HB2  sing N N 22  
ARG CB  HB3  sing N N 23  
ARG CG  CD   sing N N 24  
ARG CG  HG2  sing N N 25  
ARG CG  HG3  sing N N 26  
ARG CD  NE   sing N N 27  
ARG CD  HD2  sing N N 28  
ARG CD  HD3  sing N N 29  
ARG NE  CZ   sing N N 30  
ARG NE  HE   sing N N 31  
ARG CZ  NH1  sing N N 32  
ARG CZ  NH2  doub N N 33  
ARG NH1 HH11 sing N N 34  
ARG NH1 HH12 sing N N 35  
ARG NH2 HH21 sing N N 36  
ARG NH2 HH22 sing N N 37  
ARG OXT HXT  sing N N 38  
ASN N   CA   sing N N 39  
ASN N   H    sing N N 40  
ASN N   H2   sing N N 41  
ASN CA  C    sing N N 42  
ASN CA  CB   sing N N 43  
ASN CA  HA   sing N N 44  
ASN C   O    doub N N 45  
ASN C   OXT  sing N N 46  
ASN CB  CG   sing N N 47  
ASN CB  HB2  sing N N 48  
ASN CB  HB3  sing N N 49  
ASN CG  OD1  doub N N 50  
ASN CG  ND2  sing N N 51  
ASN ND2 HD21 sing N N 52  
ASN ND2 HD22 sing N N 53  
ASN OXT HXT  sing N N 54  
ASP N   CA   sing N N 55  
ASP N   H    sing N N 56  
ASP N   H2   sing N N 57  
ASP CA  C    sing N N 58  
ASP CA  CB   sing N N 59  
ASP CA  HA   sing N N 60  
ASP C   O    doub N N 61  
ASP C   OXT  sing N N 62  
ASP CB  CG   sing N N 63  
ASP CB  HB2  sing N N 64  
ASP CB  HB3  sing N N 65  
ASP CG  OD1  doub N N 66  
ASP CG  OD2  sing N N 67  
ASP OD2 HD2  sing N N 68  
ASP OXT HXT  sing N N 69  
COA N1A C2A  sing Y N 70  
COA N1A C6A  doub Y N 71  
COA C2A N3A  doub Y N 72  
COA C2A H2A  sing N N 73  
COA N3A C4A  sing Y N 74  
COA C4A C5A  doub Y N 75  
COA C4A N9A  sing Y N 76  
COA C5A C6A  sing Y N 77  
COA C5A N7A  sing Y N 78  
COA C6A N6A  sing N N 79  
COA N6A H61A sing N N 80  
COA N6A H62A sing N N 81  
COA N7A C8A  doub Y N 82  
COA C8A N9A  sing Y N 83  
COA C8A H8A  sing N N 84  
COA N9A C1B  sing N N 85  
COA C1B C2B  sing N N 86  
COA C1B O4B  sing N N 87  
COA C1B H1B  sing N N 88  
COA C2B O2B  sing N N 89  
COA C2B C3B  sing N N 90  
COA C2B H2B  sing N N 91  
COA O2B HO2A sing N N 92  
COA C3B O3B  sing N N 93  
COA C3B C4B  sing N N 94  
COA C3B H3B  sing N N 95  
COA O3B P3B  sing N N 96  
COA P3B O7A  doub N N 97  
COA P3B O8A  sing N N 98  
COA P3B O9A  sing N N 99  
COA O8A HOA8 sing N N 100 
COA O9A HOA9 sing N N 101 
COA C4B O4B  sing N N 102 
COA C4B C5B  sing N N 103 
COA C4B H4B  sing N N 104 
COA C5B O5B  sing N N 105 
COA C5B H51A sing N N 106 
COA C5B H52A sing N N 107 
COA O5B P1A  sing N N 108 
COA P1A O1A  doub N N 109 
COA P1A O2A  sing N N 110 
COA P1A O3A  sing N N 111 
COA O2A HOA2 sing N N 112 
COA O3A P2A  sing N N 113 
COA P2A O4A  doub N N 114 
COA P2A O5A  sing N N 115 
COA P2A O6A  sing N N 116 
COA O5A HOA5 sing N N 117 
COA O6A CCP  sing N N 118 
COA CBP CCP  sing N N 119 
COA CBP CDP  sing N N 120 
COA CBP CEP  sing N N 121 
COA CBP CAP  sing N N 122 
COA CCP H121 sing N N 123 
COA CCP H122 sing N N 124 
COA CDP H131 sing N N 125 
COA CDP H132 sing N N 126 
COA CDP H133 sing N N 127 
COA CEP H141 sing N N 128 
COA CEP H142 sing N N 129 
COA CEP H143 sing N N 130 
COA CAP OAP  sing N N 131 
COA CAP C9P  sing N N 132 
COA CAP H10  sing N N 133 
COA OAP HO1  sing N N 134 
COA C9P O9P  doub N N 135 
COA C9P N8P  sing N N 136 
COA N8P C7P  sing N N 137 
COA N8P HN8  sing N N 138 
COA C7P C6P  sing N N 139 
COA C7P H71  sing N N 140 
COA C7P H72  sing N N 141 
COA C6P C5P  sing N N 142 
COA C6P H61  sing N N 143 
COA C6P H62  sing N N 144 
COA C5P O5P  doub N N 145 
COA C5P N4P  sing N N 146 
COA N4P C3P  sing N N 147 
COA N4P HN4  sing N N 148 
COA C3P C2P  sing N N 149 
COA C3P H31  sing N N 150 
COA C3P H32  sing N N 151 
COA C2P S1P  sing N N 152 
COA C2P H21  sing N N 153 
COA C2P H22  sing N N 154 
COA S1P HS1  sing N N 155 
CYS N   CA   sing N N 156 
CYS N   H    sing N N 157 
CYS N   H2   sing N N 158 
CYS CA  C    sing N N 159 
CYS CA  CB   sing N N 160 
CYS CA  HA   sing N N 161 
CYS C   O    doub N N 162 
CYS C   OXT  sing N N 163 
CYS CB  SG   sing N N 164 
CYS CB  HB2  sing N N 165 
CYS CB  HB3  sing N N 166 
CYS SG  HG   sing N N 167 
CYS OXT HXT  sing N N 168 
GLN N   CA   sing N N 169 
GLN N   H    sing N N 170 
GLN N   H2   sing N N 171 
GLN CA  C    sing N N 172 
GLN CA  CB   sing N N 173 
GLN CA  HA   sing N N 174 
GLN C   O    doub N N 175 
GLN C   OXT  sing N N 176 
GLN CB  CG   sing N N 177 
GLN CB  HB2  sing N N 178 
GLN CB  HB3  sing N N 179 
GLN CG  CD   sing N N 180 
GLN CG  HG2  sing N N 181 
GLN CG  HG3  sing N N 182 
GLN CD  OE1  doub N N 183 
GLN CD  NE2  sing N N 184 
GLN NE2 HE21 sing N N 185 
GLN NE2 HE22 sing N N 186 
GLN OXT HXT  sing N N 187 
GLU N   CA   sing N N 188 
GLU N   H    sing N N 189 
GLU N   H2   sing N N 190 
GLU CA  C    sing N N 191 
GLU CA  CB   sing N N 192 
GLU CA  HA   sing N N 193 
GLU C   O    doub N N 194 
GLU C   OXT  sing N N 195 
GLU CB  CG   sing N N 196 
GLU CB  HB2  sing N N 197 
GLU CB  HB3  sing N N 198 
GLU CG  CD   sing N N 199 
GLU CG  HG2  sing N N 200 
GLU CG  HG3  sing N N 201 
GLU CD  OE1  doub N N 202 
GLU CD  OE2  sing N N 203 
GLU OE2 HE2  sing N N 204 
GLU OXT HXT  sing N N 205 
GLY N   CA   sing N N 206 
GLY N   H    sing N N 207 
GLY N   H2   sing N N 208 
GLY CA  C    sing N N 209 
GLY CA  HA2  sing N N 210 
GLY CA  HA3  sing N N 211 
GLY C   O    doub N N 212 
GLY C   OXT  sing N N 213 
GLY OXT HXT  sing N N 214 
HIS N   CA   sing N N 215 
HIS N   H    sing N N 216 
HIS N   H2   sing N N 217 
HIS CA  C    sing N N 218 
HIS CA  CB   sing N N 219 
HIS CA  HA   sing N N 220 
HIS C   O    doub N N 221 
HIS C   OXT  sing N N 222 
HIS CB  CG   sing N N 223 
HIS CB  HB2  sing N N 224 
HIS CB  HB3  sing N N 225 
HIS CG  ND1  sing Y N 226 
HIS CG  CD2  doub Y N 227 
HIS ND1 CE1  doub Y N 228 
HIS ND1 HD1  sing N N 229 
HIS CD2 NE2  sing Y N 230 
HIS CD2 HD2  sing N N 231 
HIS CE1 NE2  sing Y N 232 
HIS CE1 HE1  sing N N 233 
HIS NE2 HE2  sing N N 234 
HIS OXT HXT  sing N N 235 
HOH O   H1   sing N N 236 
HOH O   H2   sing N N 237 
ILE N   CA   sing N N 238 
ILE N   H    sing N N 239 
ILE N   H2   sing N N 240 
ILE CA  C    sing N N 241 
ILE CA  CB   sing N N 242 
ILE CA  HA   sing N N 243 
ILE C   O    doub N N 244 
ILE C   OXT  sing N N 245 
ILE CB  CG1  sing N N 246 
ILE CB  CG2  sing N N 247 
ILE CB  HB   sing N N 248 
ILE CG1 CD1  sing N N 249 
ILE CG1 HG12 sing N N 250 
ILE CG1 HG13 sing N N 251 
ILE CG2 HG21 sing N N 252 
ILE CG2 HG22 sing N N 253 
ILE CG2 HG23 sing N N 254 
ILE CD1 HD11 sing N N 255 
ILE CD1 HD12 sing N N 256 
ILE CD1 HD13 sing N N 257 
ILE OXT HXT  sing N N 258 
LEU N   CA   sing N N 259 
LEU N   H    sing N N 260 
LEU N   H2   sing N N 261 
LEU CA  C    sing N N 262 
LEU CA  CB   sing N N 263 
LEU CA  HA   sing N N 264 
LEU C   O    doub N N 265 
LEU C   OXT  sing N N 266 
LEU CB  CG   sing N N 267 
LEU CB  HB2  sing N N 268 
LEU CB  HB3  sing N N 269 
LEU CG  CD1  sing N N 270 
LEU CG  CD2  sing N N 271 
LEU CG  HG   sing N N 272 
LEU CD1 HD11 sing N N 273 
LEU CD1 HD12 sing N N 274 
LEU CD1 HD13 sing N N 275 
LEU CD2 HD21 sing N N 276 
LEU CD2 HD22 sing N N 277 
LEU CD2 HD23 sing N N 278 
LEU OXT HXT  sing N N 279 
LYS N   CA   sing N N 280 
LYS N   H    sing N N 281 
LYS N   H2   sing N N 282 
LYS CA  C    sing N N 283 
LYS CA  CB   sing N N 284 
LYS CA  HA   sing N N 285 
LYS C   O    doub N N 286 
LYS C   OXT  sing N N 287 
LYS CB  CG   sing N N 288 
LYS CB  HB2  sing N N 289 
LYS CB  HB3  sing N N 290 
LYS CG  CD   sing N N 291 
LYS CG  HG2  sing N N 292 
LYS CG  HG3  sing N N 293 
LYS CD  CE   sing N N 294 
LYS CD  HD2  sing N N 295 
LYS CD  HD3  sing N N 296 
LYS CE  NZ   sing N N 297 
LYS CE  HE2  sing N N 298 
LYS CE  HE3  sing N N 299 
LYS NZ  HZ1  sing N N 300 
LYS NZ  HZ2  sing N N 301 
LYS NZ  HZ3  sing N N 302 
LYS OXT HXT  sing N N 303 
MET N   CA   sing N N 304 
MET N   H    sing N N 305 
MET N   H2   sing N N 306 
MET CA  C    sing N N 307 
MET CA  CB   sing N N 308 
MET CA  HA   sing N N 309 
MET C   O    doub N N 310 
MET C   OXT  sing N N 311 
MET CB  CG   sing N N 312 
MET CB  HB2  sing N N 313 
MET CB  HB3  sing N N 314 
MET CG  SD   sing N N 315 
MET CG  HG2  sing N N 316 
MET CG  HG3  sing N N 317 
MET SD  CE   sing N N 318 
MET CE  HE1  sing N N 319 
MET CE  HE2  sing N N 320 
MET CE  HE3  sing N N 321 
MET OXT HXT  sing N N 322 
MSE N   CA   sing N N 323 
MSE N   H    sing N N 324 
MSE N   H2   sing N N 325 
MSE CA  C    sing N N 326 
MSE CA  CB   sing N N 327 
MSE CA  HA   sing N N 328 
MSE C   O    doub N N 329 
MSE C   OXT  sing N N 330 
MSE OXT HXT  sing N N 331 
MSE CB  CG   sing N N 332 
MSE CB  HB2  sing N N 333 
MSE CB  HB3  sing N N 334 
MSE CG  SE   sing N N 335 
MSE CG  HG2  sing N N 336 
MSE CG  HG3  sing N N 337 
MSE SE  CE   sing N N 338 
MSE CE  HE1  sing N N 339 
MSE CE  HE2  sing N N 340 
MSE CE  HE3  sing N N 341 
PHE N   CA   sing N N 342 
PHE N   H    sing N N 343 
PHE N   H2   sing N N 344 
PHE CA  C    sing N N 345 
PHE CA  CB   sing N N 346 
PHE CA  HA   sing N N 347 
PHE C   O    doub N N 348 
PHE C   OXT  sing N N 349 
PHE CB  CG   sing N N 350 
PHE CB  HB2  sing N N 351 
PHE CB  HB3  sing N N 352 
PHE CG  CD1  doub Y N 353 
PHE CG  CD2  sing Y N 354 
PHE CD1 CE1  sing Y N 355 
PHE CD1 HD1  sing N N 356 
PHE CD2 CE2  doub Y N 357 
PHE CD2 HD2  sing N N 358 
PHE CE1 CZ   doub Y N 359 
PHE CE1 HE1  sing N N 360 
PHE CE2 CZ   sing Y N 361 
PHE CE2 HE2  sing N N 362 
PHE CZ  HZ   sing N N 363 
PHE OXT HXT  sing N N 364 
PRO N   CA   sing N N 365 
PRO N   CD   sing N N 366 
PRO N   H    sing N N 367 
PRO CA  C    sing N N 368 
PRO CA  CB   sing N N 369 
PRO CA  HA   sing N N 370 
PRO C   O    doub N N 371 
PRO C   OXT  sing N N 372 
PRO CB  CG   sing N N 373 
PRO CB  HB2  sing N N 374 
PRO CB  HB3  sing N N 375 
PRO CG  CD   sing N N 376 
PRO CG  HG2  sing N N 377 
PRO CG  HG3  sing N N 378 
PRO CD  HD2  sing N N 379 
PRO CD  HD3  sing N N 380 
PRO OXT HXT  sing N N 381 
SCN S   C    sing N N 382 
SCN C   N    trip N N 383 
SER N   CA   sing N N 384 
SER N   H    sing N N 385 
SER N   H2   sing N N 386 
SER CA  C    sing N N 387 
SER CA  CB   sing N N 388 
SER CA  HA   sing N N 389 
SER C   O    doub N N 390 
SER C   OXT  sing N N 391 
SER CB  OG   sing N N 392 
SER CB  HB2  sing N N 393 
SER CB  HB3  sing N N 394 
SER OG  HG   sing N N 395 
SER OXT HXT  sing N N 396 
THR N   CA   sing N N 397 
THR N   H    sing N N 398 
THR N   H2   sing N N 399 
THR CA  C    sing N N 400 
THR CA  CB   sing N N 401 
THR CA  HA   sing N N 402 
THR C   O    doub N N 403 
THR C   OXT  sing N N 404 
THR CB  OG1  sing N N 405 
THR CB  CG2  sing N N 406 
THR CB  HB   sing N N 407 
THR OG1 HG1  sing N N 408 
THR CG2 HG21 sing N N 409 
THR CG2 HG22 sing N N 410 
THR CG2 HG23 sing N N 411 
THR OXT HXT  sing N N 412 
TRP N   CA   sing N N 413 
TRP N   H    sing N N 414 
TRP N   H2   sing N N 415 
TRP CA  C    sing N N 416 
TRP CA  CB   sing N N 417 
TRP CA  HA   sing N N 418 
TRP C   O    doub N N 419 
TRP C   OXT  sing N N 420 
TRP CB  CG   sing N N 421 
TRP CB  HB2  sing N N 422 
TRP CB  HB3  sing N N 423 
TRP CG  CD1  doub Y N 424 
TRP CG  CD2  sing Y N 425 
TRP CD1 NE1  sing Y N 426 
TRP CD1 HD1  sing N N 427 
TRP CD2 CE2  doub Y N 428 
TRP CD2 CE3  sing Y N 429 
TRP NE1 CE2  sing Y N 430 
TRP NE1 HE1  sing N N 431 
TRP CE2 CZ2  sing Y N 432 
TRP CE3 CZ3  doub Y N 433 
TRP CE3 HE3  sing N N 434 
TRP CZ2 CH2  doub Y N 435 
TRP CZ2 HZ2  sing N N 436 
TRP CZ3 CH2  sing Y N 437 
TRP CZ3 HZ3  sing N N 438 
TRP CH2 HH2  sing N N 439 
TRP OXT HXT  sing N N 440 
TYR N   CA   sing N N 441 
TYR N   H    sing N N 442 
TYR N   H2   sing N N 443 
TYR CA  C    sing N N 444 
TYR CA  CB   sing N N 445 
TYR CA  HA   sing N N 446 
TYR C   O    doub N N 447 
TYR C   OXT  sing N N 448 
TYR CB  CG   sing N N 449 
TYR CB  HB2  sing N N 450 
TYR CB  HB3  sing N N 451 
TYR CG  CD1  doub Y N 452 
TYR CG  CD2  sing Y N 453 
TYR CD1 CE1  sing Y N 454 
TYR CD1 HD1  sing N N 455 
TYR CD2 CE2  doub Y N 456 
TYR CD2 HD2  sing N N 457 
TYR CE1 CZ   doub Y N 458 
TYR CE1 HE1  sing N N 459 
TYR CE2 CZ   sing Y N 460 
TYR CE2 HE2  sing N N 461 
TYR CZ  OH   sing N N 462 
TYR OH  HH   sing N N 463 
TYR OXT HXT  sing N N 464 
VAL N   CA   sing N N 465 
VAL N   H    sing N N 466 
VAL N   H2   sing N N 467 
VAL CA  C    sing N N 468 
VAL CA  CB   sing N N 469 
VAL CA  HA   sing N N 470 
VAL C   O    doub N N 471 
VAL C   OXT  sing N N 472 
VAL CB  CG1  sing N N 473 
VAL CB  CG2  sing N N 474 
VAL CB  HB   sing N N 475 
VAL CG1 HG11 sing N N 476 
VAL CG1 HG12 sing N N 477 
VAL CG1 HG13 sing N N 478 
VAL CG2 HG21 sing N N 479 
VAL CG2 HG22 sing N N 480 
VAL CG2 HG23 sing N N 481 
VAL OXT HXT  sing N N 482 
# 
_atom_sites.entry_id                    1Y81 
_atom_sites.fract_transf_matrix[1][1]   -0.01068987 
_atom_sites.fract_transf_matrix[1][2]   0.00252378 
_atom_sites.fract_transf_matrix[1][3]   0.00960300 
_atom_sites.fract_transf_matrix[2][1]   0.00063024 
_atom_sites.fract_transf_matrix[2][2]   -0.00589013 
_atom_sites.fract_transf_matrix[2][3]   0.01333222 
_atom_sites.fract_transf_matrix[3][1]   0.01344406 
_atom_sites.fract_transf_matrix[3][2]   0.02214166 
_atom_sites.fract_transf_matrix[3][3]   0.00914658 
_atom_sites.fract_transf_vector[1]      0.735067 
_atom_sites.fract_transf_vector[2]      0.170230 
_atom_sites.fract_transf_vector[3]      0.306269 
# 
loop_
_atom_type.symbol 
C  
N  
O  
P  
S  
SE 
X  
# 
loop_
_atom_site.group_PDB 
_atom_site.id 
_atom_site.type_symbol 
_atom_site.label_atom_id 
_atom_site.label_alt_id 
_atom_site.label_comp_id 
_atom_site.label_asym_id 
_atom_site.label_entity_id 
_atom_site.label_seq_id 
_atom_site.pdbx_PDB_ins_code 
_atom_site.Cartn_x 
_atom_site.Cartn_y 
_atom_site.Cartn_z 
_atom_site.occupancy 
_atom_site.B_iso_or_equiv 
_atom_site.pdbx_formal_charge 
_atom_site.auth_seq_id 
_atom_site.auth_comp_id 
_atom_site.auth_asym_id 
_atom_site.auth_atom_id 
_atom_site.pdbx_PDB_model_num 
ATOM   1   N  N   . PHE A 1 14  ? -10.421 -3.833  -8.109  1.00 40.13 ? 6   PHE A N   1 
ATOM   2   C  CA  . PHE A 1 14  ? -9.157  -3.050  -8.269  1.00 41.48 ? 6   PHE A CA  1 
ATOM   3   C  C   . PHE A 1 14  ? -8.522  -3.296  -9.626  1.00 40.61 ? 6   PHE A C   1 
ATOM   4   O  O   . PHE A 1 14  ? -8.677  -4.375  -10.207 1.00 41.63 ? 6   PHE A O   1 
ATOM   5   C  CB  . PHE A 1 14  ? -8.135  -3.420  -7.182  1.00 39.67 ? 6   PHE A CB  1 
ATOM   6   C  CG  . PHE A 1 14  ? -8.637  -3.265  -5.782  1.00 40.30 ? 6   PHE A CG  1 
ATOM   7   C  CD1 . PHE A 1 14  ? -9.332  -2.112  -5.385  1.00 39.80 ? 6   PHE A CD1 1 
ATOM   8   C  CD2 . PHE A 1 14  ? -8.396  -4.266  -4.838  1.00 39.41 ? 6   PHE A CD2 1 
ATOM   9   C  CE1 . PHE A 1 14  ? -9.789  -1.972  -4.082  1.00 39.91 ? 6   PHE A CE1 1 
ATOM   10  C  CE2 . PHE A 1 14  ? -8.849  -4.130  -3.523  1.00 39.54 ? 6   PHE A CE2 1 
ATOM   11  C  CZ  . PHE A 1 14  ? -9.550  -2.988  -3.145  1.00 39.70 ? 6   PHE A CZ  1 
ATOM   12  N  N   . ARG A 1 15  ? -7.792  -2.297  -10.121 1.00 39.52 ? 7   ARG A N   1 
ATOM   13  C  CA  . ARG A 1 15  ? -7.012  -2.448  -11.354 1.00 38.29 ? 7   ARG A CA  1 
ATOM   14  C  C   . ARG A 1 15  ? -5.546  -2.062  -11.119 1.00 36.17 ? 7   ARG A C   1 
ATOM   15  O  O   . ARG A 1 15  ? -4.628  -2.849  -11.411 1.00 37.99 ? 7   ARG A O   1 
ATOM   16  N  N   . LYS A 1 16  ? -5.350  -0.848  -10.596 1.00 33.14 ? 8   LYS A N   1 
ATOM   17  C  CA  . LYS A 1 16  ? -4.026  -0.275  -10.360 1.00 30.80 ? 8   LYS A CA  1 
ATOM   18  C  C   . LYS A 1 16  ? -3.808  -0.119  -8.852  1.00 28.59 ? 8   LYS A C   1 
ATOM   19  O  O   . LYS A 1 16  ? -4.506  0.642   -8.187  1.00 28.10 ? 8   LYS A O   1 
ATOM   20  C  CB  . LYS A 1 16  ? -3.917  1.076   -11.059 1.00 31.55 ? 8   LYS A CB  1 
ATOM   21  C  CG  . LYS A 1 16  ? -2.509  1.602   -11.213 1.00 32.71 ? 8   LYS A CG  1 
ATOM   22  C  CD  . LYS A 1 16  ? -2.509  2.846   -12.103 1.00 33.20 ? 8   LYS A CD  1 
ATOM   23  C  CE  . LYS A 1 16  ? -1.105  3.407   -12.282 1.00 34.24 ? 8   LYS A CE  1 
ATOM   24  N  NZ  . LYS A 1 16  ? -1.054  4.564   -13.241 1.00 32.82 ? 8   LYS A NZ  1 
ATOM   25  N  N   . ILE A 1 17  ? -2.831  -0.852  -8.333  1.00 27.93 ? 9   ILE A N   1 
ATOM   26  C  CA  . ILE A 1 17  ? -2.627  -0.985  -6.896  1.00 25.56 ? 9   ILE A CA  1 
ATOM   27  C  C   . ILE A 1 17  ? -1.227  -0.494  -6.523  1.00 21.91 ? 9   ILE A C   1 
ATOM   28  O  O   . ILE A 1 17  ? -0.241  -0.980  -7.085  1.00 25.43 ? 9   ILE A O   1 
ATOM   29  C  CB  . ILE A 1 17  ? -2.763  -2.486  -6.470  1.00 24.38 ? 9   ILE A CB  1 
ATOM   30  C  CG1 . ILE A 1 17  ? -4.182  -3.025  -6.785  1.00 24.47 ? 9   ILE A CG1 1 
ATOM   31  C  CG2 . ILE A 1 17  ? -2.337  -2.684  -4.981  1.00 24.62 ? 9   ILE A CG2 1 
ATOM   32  C  CD1 . ILE A 1 17  ? -4.363  -4.513  -6.544  1.00 25.60 ? 9   ILE A CD1 1 
ATOM   33  N  N   . ALA A 1 18  ? -1.139  0.456   -5.598  1.00 17.93 ? 10  ALA A N   1 
ATOM   34  C  CA  . ALA A 1 18  ? 0.172   0.820   -5.007  1.00 17.41 ? 10  ALA A CA  1 
ATOM   35  C  C   . ALA A 1 18  ? 0.448   -0.032  -3.764  1.00 18.93 ? 10  ALA A C   1 
ATOM   36  O  O   . ALA A 1 18  ? -0.468  -0.329  -2.996  1.00 21.79 ? 10  ALA A O   1 
ATOM   37  C  CB  . ALA A 1 18  ? 0.244   2.268   -4.666  1.00 18.97 ? 10  ALA A CB  1 
ATOM   38  N  N   . LEU A 1 19  ? 1.711   -0.407  -3.570  1.00 14.78 ? 11  LEU A N   1 
ATOM   39  C  CA  . LEU A 1 19  ? 2.066   -1.314  -2.468  1.00 14.94 ? 11  LEU A CA  1 
ATOM   40  C  C   . LEU A 1 19  ? 3.130   -0.691  -1.564  1.00 16.49 ? 11  LEU A C   1 
ATOM   41  O  O   . LEU A 1 19  ? 4.342   -0.723  -1.882  1.00 14.08 ? 11  LEU A O   1 
ATOM   42  C  CB  . LEU A 1 19  ? 2.527   -2.683  -3.016  1.00 14.75 ? 11  LEU A CB  1 
ATOM   43  C  CG  . LEU A 1 19  ? 2.903   -3.734  -1.962  1.00 14.82 ? 11  LEU A CG  1 
ATOM   44  C  CD1 . LEU A 1 19  ? 1.702   -4.036  -0.994  1.00 15.49 ? 11  LEU A CD1 1 
ATOM   45  C  CD2 . LEU A 1 19  ? 3.447   -5.020  -2.624  1.00 17.64 ? 11  LEU A CD2 1 
ATOM   46  N  N   . VAL A 1 20  ? 2.674   -0.135  -0.441  1.00 15.39 ? 12  VAL A N   1 
ATOM   47  C  CA  . VAL A 1 20  ? 3.543   0.547   0.516   1.00 13.39 ? 12  VAL A CA  1 
ATOM   48  C  C   . VAL A 1 20  ? 4.208   -0.538  1.384   1.00 15.82 ? 12  VAL A C   1 
ATOM   49  O  O   . VAL A 1 20  ? 3.520   -1.283  2.070   1.00 15.81 ? 12  VAL A O   1 
ATOM   50  C  CB  . VAL A 1 20  ? 2.765   1.560   1.404   1.00 13.73 ? 12  VAL A CB  1 
ATOM   51  C  CG1 . VAL A 1 20  ? 3.668   2.098   2.555   1.00 13.50 ? 12  VAL A CG1 1 
ATOM   52  C  CG2 . VAL A 1 20  ? 2.200   2.731   0.555   1.00 15.94 ? 12  VAL A CG2 1 
ATOM   53  N  N   . GLY A 1 21  ? 5.545   -0.609  1.326   1.00 14.77 ? 13  GLY A N   1 
ATOM   54  C  CA  . GLY A 1 21  ? 6.288   -1.687  1.970   1.00 14.43 ? 13  GLY A CA  1 
ATOM   55  C  C   . GLY A 1 21  ? 6.675   -2.811  1.031   1.00 14.47 ? 13  GLY A C   1 
ATOM   56  O  O   . GLY A 1 21  ? 7.200   -3.841  1.479   1.00 14.00 ? 13  GLY A O   1 
ATOM   57  N  N   . ALA A 1 22  ? 6.435   -2.628  -0.277  1.00 14.62 ? 14  ALA A N   1 
ATOM   58  C  CA  . ALA A 1 22  ? 6.947   -3.566  -1.284  1.00 14.42 ? 14  ALA A CA  1 
ATOM   59  C  C   . ALA A 1 22  ? 8.435   -3.750  -1.041  1.00 14.43 ? 14  ALA A C   1 
ATOM   60  O  O   . ALA A 1 22  ? 9.098   -2.819  -0.671  1.00 15.01 ? 14  ALA A O   1 
ATOM   61  C  CB  . ALA A 1 22  ? 6.733   -3.024  -2.695  1.00 15.25 ? 14  ALA A CB  1 
ATOM   62  N  N   . SER A 1 23  ? 8.937   -4.970  -1.242  1.00 13.19 ? 15  SER A N   1 
ATOM   63  C  CA  . SER A 1 23  ? 10.316  -5.278  -0.909  1.00 14.15 ? 15  SER A CA  1 
ATOM   64  C  C   . SER A 1 23  ? 10.921  -6.215  -1.937  1.00 10.80 ? 15  SER A C   1 
ATOM   65  O  O   . SER A 1 23  ? 10.193  -6.936  -2.617  1.00 16.83 ? 15  SER A O   1 
ATOM   66  C  CB  . SER A 1 23  ? 10.380  -5.945  0.465   1.00 17.57 ? 15  SER A CB  1 
ATOM   67  O  OG  . SER A 1 23  ? 11.717  -6.269  0.773   1.00 19.70 ? 15  SER A OG  1 
ATOM   68  N  N   . LYS A 1 24  ? 12.259  -6.160  -2.058  1.00 16.31 ? 16  LYS A N   1 
ATOM   69  C  CA  . LYS A 1 24  ? 12.997  -7.129  -2.867  1.00 15.15 ? 16  LYS A CA  1 
ATOM   70  C  C   . LYS A 1 24  ? 13.302  -8.404  -2.080  1.00 16.36 ? 16  LYS A C   1 
ATOM   71  O  O   . LYS A 1 24  ? 13.728  -9.397  -2.655  1.00 18.79 ? 16  LYS A O   1 
ATOM   72  C  CB  . LYS A 1 24  ? 14.308  -6.517  -3.348  1.00 18.77 ? 16  LYS A CB  1 
ATOM   73  C  CG  . LYS A 1 24  ? 14.188  -5.531  -4.478  1.00 24.27 ? 16  LYS A CG  1 
ATOM   74  C  CD  . LYS A 1 24  ? 15.548  -4.902  -4.766  1.00 28.54 ? 16  LYS A CD  1 
ATOM   75  C  CE  . LYS A 1 24  ? 16.285  -5.647  -5.820  1.00 32.91 ? 16  LYS A CE  1 
ATOM   76  N  NZ  . LYS A 1 24  ? 15.867  -5.171  -7.160  1.00 31.58 ? 16  LYS A NZ  1 
ATOM   77  N  N   . ASN A 1 25  ? 13.112  -8.353  -0.755  1.00 17.41 ? 17  ASN A N   1 
ATOM   78  C  CA  . ASN A 1 25  ? 13.348  -9.500  0.123   1.00 19.22 ? 17  ASN A CA  1 
ATOM   79  C  C   . ASN A 1 25  ? 12.248  -10.555 -0.048  1.00 20.24 ? 17  ASN A C   1 
ATOM   80  O  O   . ASN A 1 25  ? 11.106  -10.318 0.353   1.00 18.74 ? 17  ASN A O   1 
ATOM   81  C  CB  . ASN A 1 25  ? 13.447  -9.034  1.590   1.00 18.60 ? 17  ASN A CB  1 
ATOM   82  C  CG  . ASN A 1 25  ? 13.772  -10.179 2.562   1.00 20.70 ? 17  ASN A CG  1 
ATOM   83  O  OD1 . ASN A 1 25  ? 13.708  -11.376 2.204   1.00 18.74 ? 17  ASN A OD1 1 
ATOM   84  N  ND2 . ASN A 1 25  ? 14.113  -9.818  3.798   1.00 17.63 ? 17  ASN A ND2 1 
ATOM   85  N  N   . PRO A 1 26  ? 12.587  -11.726 -0.653  1.00 23.66 ? 18  PRO A N   1 
ATOM   86  C  CA  . PRO A 1 26  ? 11.548  -12.752 -0.928  1.00 24.11 ? 18  PRO A CA  1 
ATOM   87  C  C   . PRO A 1 26  ? 10.859  -13.313 0.311   1.00 23.01 ? 18  PRO A C   1 
ATOM   88  O  O   . PRO A 1 26  ? 9.754   -13.870 0.202   1.00 25.54 ? 18  PRO A O   1 
ATOM   89  C  CB  . PRO A 1 26  ? 12.299  -13.846 -1.695  1.00 25.07 ? 18  PRO A CB  1 
ATOM   90  C  CG  . PRO A 1 26  ? 13.758  -13.613 -1.378  1.00 27.19 ? 18  PRO A CG  1 
ATOM   91  C  CD  . PRO A 1 26  ? 13.927  -12.156 -1.109  1.00 25.03 ? 18  PRO A CD  1 
ATOM   92  N  N   . ALA A 1 27  ? 11.466  -13.130 1.477   1.00 24.56 ? 19  ALA A N   1 
ATOM   93  C  CA  . ALA A 1 27  ? 10.859  -13.562 2.736   1.00 26.54 ? 19  ALA A CA  1 
ATOM   94  C  C   . ALA A 1 27  ? 9.791   -12.588 3.276   1.00 26.11 ? 19  ALA A C   1 
ATOM   95  O  O   . ALA A 1 27  ? 9.035   -12.923 4.204   1.00 26.46 ? 19  ALA A O   1 
ATOM   96  C  CB  . ALA A 1 27  ? 11.940  -13.827 3.792   1.00 27.74 ? 19  ALA A CB  1 
ATOM   97  N  N   . LYS A 1 28  ? 9.700   -11.400 2.685   1.00 22.49 ? 20  LYS A N   1 
ATOM   98  C  CA  . LYS A 1 28  ? 8.811   -10.380 3.209   1.00 18.76 ? 20  LYS A CA  1 
ATOM   99  C  C   . LYS A 1 28  ? 7.507   -10.329 2.412   1.00 16.69 ? 20  LYS A C   1 
ATOM   100 O  O   . LYS A 1 28  ? 7.510   -10.506 1.182   1.00 15.87 ? 20  LYS A O   1 
ATOM   101 C  CB  . LYS A 1 28  ? 9.501   -9.010  3.209   1.00 19.46 ? 20  LYS A CB  1 
ATOM   102 C  CG  . LYS A 1 28  ? 10.601  -8.845  4.287   1.00 24.71 ? 20  LYS A CG  1 
ATOM   103 C  CD  . LYS A 1 28  ? 10.007  -8.296  5.605   1.00 27.84 ? 20  LYS A CD  1 
ATOM   104 C  CE  . LYS A 1 28  ? 11.080  -7.885  6.624   1.00 30.44 ? 20  LYS A CE  1 
ATOM   105 N  NZ  . LYS A 1 28  ? 12.171  -7.075  6.017   1.00 33.14 ? 20  LYS A NZ  1 
ATOM   106 N  N   . TYR A 1 29  ? 6.406   -10.073 3.109   1.00 18.46 ? 21  TYR A N   1 
ATOM   107 C  CA  . TYR A 1 29  ? 5.102   -9.940  2.428   1.00 16.36 ? 21  TYR A CA  1 
ATOM   108 C  C   . TYR A 1 29  ? 5.083   -8.833  1.345   1.00 16.70 ? 21  TYR A C   1 
ATOM   109 O  O   . TYR A 1 29  ? 4.352   -8.932  0.365   1.00 16.67 ? 21  TYR A O   1 
ATOM   110 C  CB  . TYR A 1 29  ? 3.968   -9.775  3.439   1.00 18.65 ? 21  TYR A CB  1 
ATOM   111 C  CG  . TYR A 1 29  ? 3.460   -11.119 3.940   1.00 17.29 ? 21  TYR A CG  1 
ATOM   112 C  CD1 . TYR A 1 29  ? 2.793   -11.990 3.075   1.00 18.67 ? 21  TYR A CD1 1 
ATOM   113 C  CD2 . TYR A 1 29  ? 3.690   -11.549 5.273   1.00 18.49 ? 21  TYR A CD2 1 
ATOM   114 C  CE1 . TYR A 1 29  ? 2.320   -13.244 3.510   1.00 15.49 ? 21  TYR A CE1 1 
ATOM   115 C  CE2 . TYR A 1 29  ? 3.211   -12.817 5.717   1.00 17.89 ? 21  TYR A CE2 1 
ATOM   116 C  CZ  . TYR A 1 29  ? 2.539   -13.644 4.823   1.00 16.82 ? 21  TYR A CZ  1 
ATOM   117 O  OH  . TYR A 1 29  ? 2.058   -14.881 5.200   1.00 17.33 ? 21  TYR A OH  1 
ATOM   118 N  N   . GLY A 1 30  ? 5.912   -7.807  1.516   1.00 17.15 ? 22  GLY A N   1 
ATOM   119 C  CA  . GLY A 1 30  ? 6.065   -6.758  0.472   1.00 15.28 ? 22  GLY A CA  1 
ATOM   120 C  C   . GLY A 1 30  ? 6.469   -7.323  -0.894  1.00 17.74 ? 22  GLY A C   1 
ATOM   121 O  O   . GLY A 1 30  ? 6.051   -6.807  -1.933  1.00 18.09 ? 22  GLY A O   1 
ATOM   122 N  N   . ASN A 1 31  ? 7.287   -8.375  -0.882  1.00 15.02 ? 23  ASN A N   1 
ATOM   123 C  CA  . ASN A 1 31  ? 7.667   -9.111  -2.087  1.00 16.40 ? 23  ASN A CA  1 
ATOM   124 C  C   . ASN A 1 31  ? 6.631   -10.171 -2.506  1.00 15.81 ? 23  ASN A C   1 
ATOM   125 O  O   . ASN A 1 31  ? 6.254   -10.243 -3.677  1.00 18.23 ? 23  ASN A O   1 
ATOM   126 C  CB  . ASN A 1 31  ? 9.030   -9.774  -1.883  1.00 16.42 ? 23  ASN A CB  1 
ATOM   127 C  CG  . ASN A 1 31  ? 9.625   -10.251 -3.166  1.00 18.37 ? 23  ASN A CG  1 
ATOM   128 O  OD1 . ASN A 1 31  ? 9.614   -11.433 -3.443  1.00 19.93 ? 23  ASN A OD1 1 
ATOM   129 N  ND2 . ASN A 1 31  ? 10.136  -9.316  -3.986  1.00 18.97 ? 23  ASN A ND2 1 
ATOM   130 N  N   . ILE A 1 32  ? 6.178   -10.987 -1.552  1.00 15.70 ? 24  ILE A N   1 
ATOM   131 C  CA  . ILE A 1 32  ? 5.212   -12.043 -1.836  1.00 18.32 ? 24  ILE A CA  1 
ATOM   132 C  C   . ILE A 1 32  ? 3.941   -11.485 -2.456  1.00 16.71 ? 24  ILE A C   1 
ATOM   133 O  O   . ILE A 1 32  ? 3.457   -12.005 -3.462  1.00 18.55 ? 24  ILE A O   1 
ATOM   134 C  CB  . ILE A 1 32  ? 4.837   -12.871 -0.560  1.00 18.66 ? 24  ILE A CB  1 
ATOM   135 C  CG1 . ILE A 1 32  ? 6.092   -13.482 0.099   1.00 20.32 ? 24  ILE A CG1 1 
ATOM   136 C  CG2 . ILE A 1 32  ? 3.817   -13.948 -0.907  1.00 19.82 ? 24  ILE A CG2 1 
ATOM   137 C  CD1 . ILE A 1 32  ? 5.905   -13.805 1.591   1.00 21.05 ? 24  ILE A CD1 1 
ATOM   138 N  N   . ILE A 1 33  ? 3.409   -10.422 -1.850  1.00 16.06 ? 25  ILE A N   1 
ATOM   139 C  CA  . ILE A 1 33  ? 2.192   -9.774  -2.347  1.00 16.80 ? 25  ILE A CA  1 
ATOM   140 C  C   . ILE A 1 33  ? 2.417   -9.206  -3.756  1.00 18.78 ? 25  ILE A C   1 
ATOM   141 O  O   . ILE A 1 33  ? 1.610   -9.446  -4.659  1.00 18.18 ? 25  ILE A O   1 
ATOM   142 C  CB  . ILE A 1 33  ? 1.688   -8.686  -1.376  1.00 18.28 ? 25  ILE A CB  1 
ATOM   143 C  CG1 . ILE A 1 33  ? 1.280   -9.332  -0.030  1.00 17.59 ? 25  ILE A CG1 1 
ATOM   144 C  CG2 . ILE A 1 33  ? 0.507   -7.865  -1.991  1.00 19.10 ? 25  ILE A CG2 1 
ATOM   145 C  CD1 . ILE A 1 33  ? 1.126   -8.327  1.075   1.00 18.53 ? 25  ILE A CD1 1 
ATOM   146 N  N   . LEU A 1 34  ? 3.522   -8.471  -3.935  1.00 17.67 ? 26  LEU A N   1 
ATOM   147 C  CA  . LEU A 1 34  ? 3.864   -7.888  -5.247  1.00 18.68 ? 26  LEU A CA  1 
ATOM   148 C  C   . LEU A 1 34  ? 3.835   -8.945  -6.341  1.00 19.31 ? 26  LEU A C   1 
ATOM   149 O  O   . LEU A 1 34  ? 3.178   -8.753  -7.389  1.00 19.80 ? 26  LEU A O   1 
ATOM   150 C  CB  . LEU A 1 34  ? 5.244   -7.217  -5.206  1.00 19.42 ? 26  LEU A CB  1 
ATOM   151 C  CG  . LEU A 1 34  ? 5.764   -6.565  -6.512  1.00 20.16 ? 26  LEU A CG  1 
ATOM   152 C  CD1 . LEU A 1 34  ? 4.736   -5.644  -7.117  1.00 24.03 ? 26  LEU A CD1 1 
ATOM   153 C  CD2 . LEU A 1 34  ? 7.023   -5.785  -6.220  1.00 22.67 ? 26  LEU A CD2 1 
ATOM   154 N  N   . LYS A 1 35  ? 4.537   -10.060 -6.106  1.00 20.04 ? 27  LYS A N   1 
ATOM   155 C  CA  . LYS A 1 35  ? 4.585   -11.171 -7.081  1.00 22.37 ? 27  LYS A CA  1 
ATOM   156 C  C   . LYS A 1 35  ? 3.200   -11.782 -7.312  1.00 23.06 ? 27  LYS A C   1 
ATOM   157 O  O   . LYS A 1 35  ? 2.800   -12.002 -8.469  1.00 23.44 ? 27  LYS A O   1 
ATOM   158 C  CB  . LYS A 1 35  ? 5.600   -12.245 -6.667  1.00 23.10 ? 27  LYS A CB  1 
ATOM   159 C  CG  . LYS A 1 35  ? 7.038   -11.775 -6.795  1.00 23.00 ? 27  LYS A CG  1 
ATOM   160 C  CD  . LYS A 1 35  ? 8.032   -12.870 -6.567  1.00 26.27 ? 27  LYS A CD  1 
ATOM   161 C  CE  . LYS A 1 35  ? 9.450   -12.308 -6.513  1.00 28.54 ? 27  LYS A CE  1 
ATOM   162 N  NZ  . LYS A 1 35  ? 10.417  -13.226 -5.810  1.00 28.84 ? 27  LYS A NZ  1 
ATOM   163 N  N   . ASP A 1 36  ? 2.462   -12.016 -6.222  1.00 20.61 ? 28  ASP A N   1 
ATOM   164 C  CA  . ASP A 1 36  ? 1.108   -12.574 -6.320  1.00 22.22 ? 28  ASP A CA  1 
ATOM   165 C  C   . ASP A 1 36  ? 0.178   -11.705 -7.175  1.00 24.84 ? 28  ASP A C   1 
ATOM   166 O  O   . ASP A 1 36  ? -0.499  -12.216 -8.094  1.00 25.05 ? 28  ASP A O   1 
ATOM   167 C  CB  . ASP A 1 36  ? 0.485   -12.770 -4.942  1.00 22.61 ? 28  ASP A CB  1 
ATOM   168 C  CG  . ASP A 1 36  ? -0.911  -13.371 -5.027  1.00 23.38 ? 28  ASP A CG  1 
ATOM   169 O  OD1 . ASP A 1 36  ? -1.010  -14.574 -5.338  1.00 24.42 ? 28  ASP A OD1 1 
ATOM   170 O  OD2 . ASP A 1 36  ? -1.888  -12.640 -4.812  1.00 23.93 ? 28  ASP A OD2 1 
ATOM   171 N  N   . LEU A 1 37  ? 0.136   -10.400 -6.875  1.00 21.47 ? 29  LEU A N   1 
ATOM   172 C  CA  . LEU A 1 37  ? -0.775  -9.478  -7.571  1.00 24.32 ? 29  LEU A CA  1 
ATOM   173 C  C   . LEU A 1 37  ? -0.426  -9.317  -9.050  1.00 25.58 ? 29  LEU A C   1 
ATOM   174 O  O   . LEU A 1 37  ? -1.334  -9.262  -9.892  1.00 24.14 ? 29  LEU A O   1 
ATOM   175 C  CB  . LEU A 1 37  ? -0.832  -8.127  -6.866  1.00 22.27 ? 29  LEU A CB  1 
ATOM   176 C  CG  . LEU A 1 37  ? -1.457  -8.145  -5.459  1.00 22.69 ? 29  LEU A CG  1 
ATOM   177 C  CD1 . LEU A 1 37  ? -1.439  -6.742  -4.858  1.00 22.70 ? 29  LEU A CD1 1 
ATOM   178 C  CD2 . LEU A 1 37  ? -2.884  -8.745  -5.449  1.00 25.32 ? 29  LEU A CD2 1 
ATOM   179 N  N   . LEU A 1 38  ? 0.879   -9.272  -9.361  1.00 23.14 ? 30  LEU A N   1 
ATOM   180 C  CA  . LEU A 1 38  ? 1.351   -9.250  -10.760 1.00 26.39 ? 30  LEU A CA  1 
ATOM   181 C  C   . LEU A 1 38  ? 0.944   -10.505 -11.528 1.00 29.17 ? 30  LEU A C   1 
ATOM   182 O  O   . LEU A 1 38  ? 0.548   -10.424 -12.699 1.00 28.70 ? 30  LEU A O   1 
ATOM   183 C  CB  . LEU A 1 38  ? 2.880   -9.090  -10.833 1.00 26.60 ? 30  LEU A CB  1 
ATOM   184 C  CG  . LEU A 1 38  ? 3.477   -7.765  -10.393 1.00 26.54 ? 30  LEU A CG  1 
ATOM   185 C  CD1 . LEU A 1 38  ? 4.984   -7.906  -10.323 1.00 26.34 ? 30  LEU A CD1 1 
ATOM   186 C  CD2 . LEU A 1 38  ? 3.048   -6.603  -11.323 1.00 25.62 ? 30  LEU A CD2 1 
ATOM   187 N  N   . SER A 1 39  ? 1.039   -11.660 -10.857 1.00 28.58 ? 31  SER A N   1 
ATOM   188 C  CA  . SER A 1 39  ? 0.671   -12.957 -11.439 1.00 29.34 ? 31  SER A CA  1 
ATOM   189 C  C   . SER A 1 39  ? -0.816  -13.004 -11.787 1.00 30.86 ? 31  SER A C   1 
ATOM   190 O  O   . SER A 1 39  ? -1.226  -13.751 -12.682 1.00 36.72 ? 31  SER A O   1 
ATOM   191 C  CB  . SER A 1 39  ? 1.028   -14.110 -10.485 1.00 30.98 ? 31  SER A CB  1 
ATOM   192 O  OG  . SER A 1 39  ? 0.034   -14.283 -9.477  1.00 31.60 ? 31  SER A OG  1 
ATOM   193 N  N   . LYS A 1 40  ? -1.609  -12.196 -11.081 1.00 28.73 ? 32  LYS A N   1 
ATOM   194 C  CA  . LYS A 1 40  ? -3.054  -12.123 -11.266 1.00 30.17 ? 32  LYS A CA  1 
ATOM   195 C  C   . LYS A 1 40  ? -3.469  -11.050 -12.286 1.00 31.87 ? 32  LYS A C   1 
ATOM   196 O  O   . LYS A 1 40  ? -4.671  -10.793 -12.475 1.00 30.61 ? 32  LYS A O   1 
ATOM   197 C  CB  . LYS A 1 40  ? -3.753  -11.857 -9.919  1.00 29.59 ? 32  LYS A CB  1 
ATOM   198 C  CG  . LYS A 1 40  ? -3.700  -13.020 -8.934  1.00 28.21 ? 32  LYS A CG  1 
ATOM   199 C  CD  . LYS A 1 40  ? -4.115  -12.567 -7.547  1.00 25.55 ? 32  LYS A CD  1 
ATOM   200 C  CE  . LYS A 1 40  ? -4.198  -13.746 -6.599  1.00 28.04 ? 32  LYS A CE  1 
ATOM   201 N  NZ  . LYS A 1 40  ? -4.489  -13.276 -5.218  1.00 27.68 ? 32  LYS A NZ  1 
ATOM   202 N  N   . GLY A 1 41  ? -2.479  -10.421 -12.923 1.00 31.26 ? 33  GLY A N   1 
ATOM   203 C  CA  . GLY A 1 41  ? -2.736  -9.381  -13.936 1.00 32.75 ? 33  GLY A CA  1 
ATOM   204 C  C   . GLY A 1 41  ? -3.012  -7.960  -13.451 1.00 31.94 ? 33  GLY A C   1 
ATOM   205 O  O   . GLY A 1 41  ? -3.396  -7.099  -14.248 1.00 33.33 ? 33  GLY A O   1 
ATOM   206 N  N   . PHE A 1 42  ? -2.825  -7.700  -12.151 1.00 31.14 ? 34  PHE A N   1 
ATOM   207 C  CA  . PHE A 1 42  ? -2.900  -6.333  -11.626 1.00 29.00 ? 34  PHE A CA  1 
ATOM   208 C  C   . PHE A 1 42  ? -1.670  -5.516  -12.022 1.00 26.82 ? 34  PHE A C   1 
ATOM   209 O  O   . PHE A 1 42  ? -0.573  -6.049  -12.109 1.00 26.92 ? 34  PHE A O   1 
ATOM   210 C  CB  . PHE A 1 42  ? -3.001  -6.332  -10.100 1.00 28.89 ? 34  PHE A CB  1 
ATOM   211 C  CG  . PHE A 1 42  ? -4.301  -6.848  -9.575  1.00 30.26 ? 34  PHE A CG  1 
ATOM   212 C  CD1 . PHE A 1 42  ? -5.412  -6.007  -9.480  1.00 30.29 ? 34  PHE A CD1 1 
ATOM   213 C  CD2 . PHE A 1 42  ? -4.421  -8.179  -9.164  1.00 28.93 ? 34  PHE A CD2 1 
ATOM   214 C  CE1 . PHE A 1 42  ? -6.639  -6.481  -8.982  1.00 31.41 ? 34  PHE A CE1 1 
ATOM   215 C  CE2 . PHE A 1 42  ? -5.640  -8.673  -8.665  1.00 33.00 ? 34  PHE A CE2 1 
ATOM   216 C  CZ  . PHE A 1 42  ? -6.755  -7.827  -8.574  1.00 30.88 ? 34  PHE A CZ  1 
ATOM   217 N  N   . GLU A 1 43  ? -1.878  -4.218  -12.254 1.00 26.97 ? 35  GLU A N   1 
ATOM   218 C  CA  . GLU A 1 43  ? -0.795  -3.236  -12.336 1.00 27.13 ? 35  GLU A CA  1 
ATOM   219 C  C   . GLU A 1 43  ? -0.399  -2.866  -10.889 1.00 25.85 ? 35  GLU A C   1 
ATOM   220 O  O   . GLU A 1 43  ? -1.234  -2.403  -10.095 1.00 25.89 ? 35  GLU A O   1 
ATOM   221 C  CB  . GLU A 1 43  ? -1.266  -2.003  -13.122 1.00 30.84 ? 35  GLU A CB  1 
ATOM   222 C  CG  . GLU A 1 43  ? -0.293  -0.840  -13.180 1.00 34.96 ? 35  GLU A CG  1 
ATOM   223 C  CD  . GLU A 1 43  ? -0.733  0.261   -14.168 1.00 38.35 ? 35  GLU A CD  1 
ATOM   224 O  OE1 . GLU A 1 43  ? 0.034   1.233   -14.357 1.00 38.18 ? 35  GLU A OE1 1 
ATOM   225 O  OE2 . GLU A 1 43  ? -1.839  0.147   -14.753 1.00 37.97 ? 35  GLU A OE2 1 
ATOM   226 N  N   . VAL A 1 44  ? 0.862   -3.086  -10.548 1.00 20.93 ? 36  VAL A N   1 
ATOM   227 C  CA  . VAL A 1 44  ? 1.305   -2.859  -9.172  1.00 22.13 ? 36  VAL A CA  1 
ATOM   228 C  C   . VAL A 1 44  ? 2.495   -1.909  -9.107  1.00 19.70 ? 36  VAL A C   1 
ATOM   229 O  O   . VAL A 1 44  ? 3.510   -2.104  -9.789  1.00 23.93 ? 36  VAL A O   1 
ATOM   230 C  CB  . VAL A 1 44  ? 1.593   -4.179  -8.398  1.00 24.35 ? 36  VAL A CB  1 
ATOM   231 C  CG1 . VAL A 1 44  ? 1.699   -3.889  -6.901  1.00 24.52 ? 36  VAL A CG1 1 
ATOM   232 C  CG2 . VAL A 1 44  ? 0.489   -5.230  -8.641  1.00 25.58 ? 36  VAL A CG2 1 
ATOM   233 N  N   . LEU A 1 45  ? 2.339   -0.867  -8.304  1.00 19.47 ? 37  LEU A N   1 
ATOM   234 C  CA  . LEU A 1 45  ? 3.327   0.177   -8.188  1.00 18.32 ? 37  LEU A CA  1 
ATOM   235 C  C   . LEU A 1 45  ? 3.953   0.063   -6.805  1.00 15.43 ? 37  LEU A C   1 
ATOM   236 O  O   . LEU A 1 45  ? 3.344   0.478   -5.828  1.00 15.34 ? 37  LEU A O   1 
ATOM   237 C  CB  . LEU A 1 45  ? 2.700   1.565   -8.385  1.00 21.28 ? 37  LEU A CB  1 
ATOM   238 C  CG  . LEU A 1 45  ? 2.437   1.976   -9.857  1.00 23.20 ? 37  LEU A CG  1 
ATOM   239 C  CD1 . LEU A 1 45  ? 1.380   1.101   -10.515 1.00 25.65 ? 37  LEU A CD1 1 
ATOM   240 C  CD2 . LEU A 1 45  ? 2.000   3.417   -9.918  1.00 21.71 ? 37  LEU A CD2 1 
ATOM   241 N  N   . PRO A 1 46  ? 5.175   -0.489  -6.735  1.00 14.63 ? 38  PRO A N   1 
ATOM   242 C  CA  . PRO A 1 46  ? 5.835   -0.587  -5.439  1.00 13.96 ? 38  PRO A CA  1 
ATOM   243 C  C   . PRO A 1 46  ? 6.196   0.778   -4.836  1.00 16.66 ? 38  PRO A C   1 
ATOM   244 O  O   . PRO A 1 46  ? 6.565   1.730   -5.555  1.00 15.67 ? 38  PRO A O   1 
ATOM   245 C  CB  . PRO A 1 46  ? 7.123   -1.389  -5.732  1.00 17.53 ? 38  PRO A CB  1 
ATOM   246 C  CG  . PRO A 1 46  ? 7.214   -1.539  -7.167  1.00 19.25 ? 38  PRO A CG  1 
ATOM   247 C  CD  . PRO A 1 46  ? 5.985   -1.036  -7.831  1.00 15.55 ? 38  PRO A CD  1 
ATOM   248 N  N   . VAL A 1 47  ? 6.104   0.873   -3.512  1.00 13.90 ? 39  VAL A N   1 
ATOM   249 C  CA  . VAL A 1 47  ? 6.484   2.081   -2.833  1.00 14.26 ? 39  VAL A CA  1 
ATOM   250 C  C   . VAL A 1 47  ? 7.391   1.725   -1.641  1.00 15.79 ? 39  VAL A C   1 
ATOM   251 O  O   . VAL A 1 47  ? 6.951   1.093   -0.667  1.00 14.47 ? 39  VAL A O   1 
ATOM   252 C  CB  . VAL A 1 47  ? 5.233   2.896   -2.342  1.00 14.79 ? 39  VAL A CB  1 
ATOM   253 C  CG1 . VAL A 1 47  ? 5.658   4.103   -1.531  1.00 15.37 ? 39  VAL A CG1 1 
ATOM   254 C  CG2 . VAL A 1 47  ? 4.257   3.243   -3.550  1.00 13.27 ? 39  VAL A CG2 1 
ATOM   255 N  N   . ASN A 1 48  ? 8.654   2.126   -1.743  1.00 14.07 ? 40  ASN A N   1 
ATOM   256 C  CA  . ASN A 1 48  ? 9.673   1.836   -0.714  1.00 13.40 ? 40  ASN A CA  1 
ATOM   257 C  C   . ASN A 1 48  ? 10.936  2.644   -1.054  1.00 17.03 ? 40  ASN A C   1 
ATOM   258 O  O   . ASN A 1 48  ? 11.522  2.434   -2.109  1.00 17.49 ? 40  ASN A O   1 
ATOM   259 C  CB  . ASN A 1 48  ? 9.982   0.330   -0.645  1.00 13.97 ? 40  ASN A CB  1 
ATOM   260 C  CG  . ASN A 1 48  ? 10.955  -0.035  0.523   1.00 13.74 ? 40  ASN A CG  1 
ATOM   261 O  OD1 . ASN A 1 48  ? 11.799  0.774   0.922   1.00 17.44 ? 40  ASN A OD1 1 
ATOM   262 N  ND2 . ASN A 1 48  ? 10.815  -1.238  1.053   1.00 17.62 ? 40  ASN A ND2 1 
ATOM   263 N  N   . PRO A 1 49  ? 11.342  3.577   -0.164  1.00 20.55 ? 41  PRO A N   1 
ATOM   264 C  CA  . PRO A 1 49  ? 12.552  4.422   -0.381  1.00 23.46 ? 41  PRO A CA  1 
ATOM   265 C  C   . PRO A 1 49  ? 13.871  3.639   -0.550  1.00 24.91 ? 41  PRO A C   1 
ATOM   266 O  O   . PRO A 1 49  ? 14.837  4.195   -1.081  1.00 24.91 ? 41  PRO A O   1 
ATOM   267 C  CB  . PRO A 1 49  ? 12.632  5.282   0.895   1.00 25.46 ? 41  PRO A CB  1 
ATOM   268 C  CG  . PRO A 1 49  ? 11.302  5.181   1.551   1.00 25.70 ? 41  PRO A CG  1 
ATOM   269 C  CD  . PRO A 1 49  ? 10.660  3.893   1.109   1.00 22.42 ? 41  PRO A CD  1 
ATOM   270 N  N   . ASN A 1 50  ? 13.909  2.375   -0.108  1.00 21.36 ? 42  ASN A N   1 
ATOM   271 C  CA  . ASN A 1 50  ? 15.131  1.538   -0.206  1.00 20.72 ? 42  ASN A CA  1 
ATOM   272 C  C   . ASN A 1 50  ? 15.482  1.058   -1.620  1.00 22.41 ? 42  ASN A C   1 
ATOM   273 O  O   . ASN A 1 50  ? 16.649  0.698   -1.894  1.00 23.11 ? 42  ASN A O   1 
ATOM   274 C  CB  . ASN A 1 50  ? 15.020  0.283   0.684   1.00 22.80 ? 42  ASN A CB  1 
ATOM   275 C  CG  . ASN A 1 50  ? 15.153  0.576   2.168   1.00 21.80 ? 42  ASN A CG  1 
ATOM   276 O  OD1 . ASN A 1 50  ? 14.719  -0.228  3.000   1.00 27.12 ? 42  ASN A OD1 1 
ATOM   277 N  ND2 . ASN A 1 50  ? 15.755  1.699   2.518   1.00 18.65 ? 42  ASN A ND2 1 
ATOM   278 N  N   . TYR A 1 51  ? 14.480  1.006   -2.504  1.00 22.05 ? 43  TYR A N   1 
ATOM   279 C  CA  . TYR A 1 51  ? 14.645  0.371   -3.815  1.00 19.61 ? 43  TYR A CA  1 
ATOM   280 C  C   . TYR A 1 51  ? 14.293  1.324   -4.926  1.00 23.71 ? 43  TYR A C   1 
ATOM   281 O  O   . TYR A 1 51  ? 13.312  2.057   -4.821  1.00 21.33 ? 43  TYR A O   1 
ATOM   282 C  CB  . TYR A 1 51  ? 13.800  -0.919  -3.914  1.00 21.14 ? 43  TYR A CB  1 
ATOM   283 C  CG  . TYR A 1 51  ? 14.005  -1.821  -2.722  1.00 20.47 ? 43  TYR A CG  1 
ATOM   284 C  CD1 . TYR A 1 51  ? 15.245  -2.425  -2.500  1.00 21.70 ? 43  TYR A CD1 1 
ATOM   285 C  CD2 . TYR A 1 51  ? 12.975  -2.056  -1.801  1.00 20.70 ? 43  TYR A CD2 1 
ATOM   286 C  CE1 . TYR A 1 51  ? 15.459  -3.235  -1.408  1.00 22.34 ? 43  TYR A CE1 1 
ATOM   287 C  CE2 . TYR A 1 51  ? 13.176  -2.878  -0.686  1.00 18.68 ? 43  TYR A CE2 1 
ATOM   288 C  CZ  . TYR A 1 51  ? 14.436  -3.455  -0.495  1.00 21.27 ? 43  TYR A CZ  1 
ATOM   289 O  OH  . TYR A 1 51  ? 14.690  -4.266  0.585   1.00 19.84 ? 43  TYR A OH  1 
ATOM   290 N  N   . ASP A 1 52  ? 15.101  1.327   -5.987  1.00 24.74 ? 44  ASP A N   1 
ATOM   291 C  CA  . ASP A 1 52  ? 14.761  2.115   -7.173  1.00 24.68 ? 44  ASP A CA  1 
ATOM   292 C  C   . ASP A 1 52  ? 13.887  1.302   -8.146  1.00 22.99 ? 44  ASP A C   1 
ATOM   293 O  O   . ASP A 1 52  ? 13.135  1.880   -8.935  1.00 20.20 ? 44  ASP A O   1 
ATOM   294 C  CB  . ASP A 1 52  ? 16.018  2.682   -7.864  1.00 32.65 ? 44  ASP A CB  1 
ATOM   295 C  CG  . ASP A 1 52  ? 16.796  1.636   -8.607  1.00 36.94 ? 44  ASP A CG  1 
ATOM   296 O  OD1 . ASP A 1 52  ? 16.941  0.508   -8.079  1.00 39.89 ? 44  ASP A OD1 1 
ATOM   297 O  OD2 . ASP A 1 52  ? 17.273  1.940   -9.734  1.00 41.92 ? 44  ASP A OD2 1 
ATOM   298 N  N   . GLU A 1 53  ? 13.981  -0.030  -8.059  1.00 19.89 ? 45  GLU A N   1 
ATOM   299 C  CA  . GLU A 1 53  ? 13.109  -0.964  -8.804  1.00 18.09 ? 45  GLU A CA  1 
ATOM   300 C  C   . GLU A 1 53  ? 12.902  -2.252  -8.025  1.00 19.31 ? 45  GLU A C   1 
ATOM   301 O  O   . GLU A 1 53  ? 13.785  -2.671  -7.262  1.00 20.46 ? 45  GLU A O   1 
ATOM   302 C  CB  . GLU A 1 53  ? 13.658  -1.293  -10.220 1.00 20.82 ? 45  GLU A CB  1 
ATOM   303 C  CG  . GLU A 1 53  ? 15.062  -1.977  -10.272 1.00 23.49 ? 45  GLU A CG  1 
ATOM   304 C  CD  . GLU A 1 53  ? 15.062  -3.486  -9.921  1.00 25.21 ? 45  GLU A CD  1 
ATOM   305 O  OE1 . GLU A 1 53  ? 14.061  -4.182  -10.132 1.00 23.85 ? 45  GLU A OE1 1 
ATOM   306 O  OE2 . GLU A 1 53  ? 16.100  -3.984  -9.425  1.00 26.88 ? 45  GLU A OE2 1 
ATOM   307 N  N   . ILE A 1 54  ? 11.733  -2.859  -8.206  1.00 19.46 ? 46  ILE A N   1 
ATOM   308 C  CA  . ILE A 1 54  ? 11.481  -4.231  -7.740  1.00 19.22 ? 46  ILE A CA  1 
ATOM   309 C  C   . ILE A 1 54  ? 10.830  -5.041  -8.866  1.00 20.68 ? 46  ILE A C   1 
ATOM   310 O  O   . ILE A 1 54  ? 9.850   -4.597  -9.450  1.00 20.90 ? 46  ILE A O   1 
ATOM   311 C  CB  . ILE A 1 54  ? 10.579  -4.276  -6.464  1.00 18.71 ? 46  ILE A CB  1 
ATOM   312 C  CG1 . ILE A 1 54  ? 11.112  -3.339  -5.371  1.00 17.86 ? 46  ILE A CG1 1 
ATOM   313 C  CG2 . ILE A 1 54  ? 10.448  -5.738  -5.952  1.00 21.65 ? 46  ILE A CG2 1 
ATOM   314 C  CD1 . ILE A 1 54  ? 10.172  -3.193  -4.157  1.00 17.65 ? 46  ILE A CD1 1 
ATOM   315 N  N   . GLU A 1 55  ? 11.378  -6.229  -9.160  1.00 20.31 ? 47  GLU A N   1 
ATOM   316 C  CA  . GLU A 1 55  ? 10.940  -7.062  -10.299 1.00 22.58 ? 47  GLU A CA  1 
ATOM   317 C  C   . GLU A 1 55  ? 10.977  -6.237  -11.609 1.00 20.10 ? 47  GLU A C   1 
ATOM   318 O  O   . GLU A 1 55  ? 10.173  -6.453  -12.524 1.00 25.43 ? 47  GLU A O   1 
ATOM   319 C  CB  . GLU A 1 55  ? 9.547   -7.680  -10.059 1.00 24.57 ? 47  GLU A CB  1 
ATOM   320 C  CG  . GLU A 1 55  ? 9.515   -8.800  -8.985  1.00 29.01 ? 47  GLU A CG  1 
ATOM   321 C  CD  . GLU A 1 55  ? 10.401  -9.977  -9.345  1.00 32.30 ? 47  GLU A CD  1 
ATOM   322 O  OE1 . GLU A 1 55  ? 10.100  -10.660 -10.339 1.00 35.22 ? 47  GLU A OE1 1 
ATOM   323 O  OE2 . GLU A 1 55  ? 11.408  -10.220 -8.641  1.00 31.09 ? 47  GLU A OE2 1 
ATOM   324 N  N   . GLY A 1 56  ? 11.913  -5.292  -11.665 1.00 18.62 ? 48  GLY A N   1 
ATOM   325 C  CA  . GLY A 1 56  ? 12.090  -4.436  -12.849 1.00 19.88 ? 48  GLY A CA  1 
ATOM   326 C  C   . GLY A 1 56  ? 11.150  -3.247  -12.853 1.00 19.27 ? 48  GLY A C   1 
ATOM   327 O  O   . GLY A 1 56  ? 11.297  -2.341  -13.661 1.00 17.96 ? 48  GLY A O   1 
ATOM   328 N  N   . LEU A 1 57  ? 10.175  -3.257  -11.948 1.00 18.08 ? 49  LEU A N   1 
ATOM   329 C  CA  . LEU A 1 57  ? 9.189   -2.174  -11.864 1.00 19.64 ? 49  LEU A CA  1 
ATOM   330 C  C   . LEU A 1 57  ? 9.707   -0.978  -11.097 1.00 18.09 ? 49  LEU A C   1 
ATOM   331 O  O   . LEU A 1 57  ? 10.281  -1.120  -10.021 1.00 17.31 ? 49  LEU A O   1 
ATOM   332 C  CB  . LEU A 1 57  ? 7.896   -2.677  -11.200 1.00 21.24 ? 49  LEU A CB  1 
ATOM   333 C  CG  . LEU A 1 57  ? 7.113   -3.788  -11.889 1.00 22.04 ? 49  LEU A CG  1 
ATOM   334 C  CD1 . LEU A 1 57  ? 6.028   -4.294  -10.966 1.00 22.84 ? 49  LEU A CD1 1 
ATOM   335 C  CD2 . LEU A 1 57  ? 6.528   -3.290  -13.239 1.00 21.82 ? 49  LEU A CD2 1 
ATOM   336 N  N   . LYS A 1 58  ? 9.485   0.212   -11.652 1.00 15.90 ? 50  LYS A N   1 
ATOM   337 C  CA  . LYS A 1 58  ? 9.801   1.459   -10.995 1.00 16.77 ? 50  LYS A CA  1 
ATOM   338 C  C   . LYS A 1 58  ? 9.226   1.450   -9.545  1.00 16.44 ? 50  LYS A C   1 
ATOM   339 O  O   . LYS A 1 58  ? 8.037   1.192   -9.343  1.00 18.88 ? 50  LYS A O   1 
ATOM   340 C  CB  . LYS A 1 58  ? 9.198   2.625   -11.788 1.00 19.41 ? 50  LYS A CB  1 
ATOM   341 C  CG  . LYS A 1 58  ? 9.045   3.920   -11.010 1.00 23.72 ? 50  LYS A CG  1 
ATOM   342 C  CD  . LYS A 1 58  ? 10.326  4.630   -10.865 1.00 28.41 ? 50  LYS A CD  1 
ATOM   343 C  CE  . LYS A 1 58  ? 10.136  5.955   -10.144 1.00 30.91 ? 50  LYS A CE  1 
ATOM   344 N  NZ  . LYS A 1 58  ? 11.427  6.707   -10.204 1.00 31.91 ? 50  LYS A NZ  1 
ATOM   345 N  N   . CYS A 1 59  ? 10.094  1.703   -8.576  1.00 16.68 ? 51  CYS A N   1 
ATOM   346 C  CA  . CYS A 1 59  ? 9.692   1.773   -7.166  1.00 16.90 ? 51  CYS A CA  1 
ATOM   347 C  C   . CYS A 1 59  ? 9.717   3.235   -6.660  1.00 19.63 ? 51  CYS A C   1 
ATOM   348 O  O   . CYS A 1 59  ? 10.742  3.950   -6.774  1.00 17.76 ? 51  CYS A O   1 
ATOM   349 C  CB  . CYS A 1 59  ? 10.585  0.858   -6.336  1.00 14.99 ? 51  CYS A CB  1 
ATOM   350 S  SG  . CYS A 1 59  ? 10.056  0.700   -4.582  1.00 17.61 ? 51  CYS A SG  1 
ATOM   351 N  N   . TYR A 1 60  ? 8.579   3.683   -6.119  1.00 17.45 ? 52  TYR A N   1 
ATOM   352 C  CA  . TYR A 1 60  ? 8.396   5.077   -5.684  1.00 17.73 ? 52  TYR A CA  1 
ATOM   353 C  C   . TYR A 1 60  ? 8.923   5.309   -4.269  1.00 19.79 ? 52  TYR A C   1 
ATOM   354 O  O   . TYR A 1 60  ? 8.830   4.421   -3.430  1.00 19.86 ? 52  TYR A O   1 
ATOM   355 C  CB  . TYR A 1 60  ? 6.908   5.463   -5.773  1.00 19.87 ? 52  TYR A CB  1 
ATOM   356 C  CG  . TYR A 1 60  ? 6.399   5.480   -7.201  1.00 19.17 ? 52  TYR A CG  1 
ATOM   357 C  CD1 . TYR A 1 60  ? 6.269   6.685   -7.903  1.00 22.30 ? 52  TYR A CD1 1 
ATOM   358 C  CD2 . TYR A 1 60  ? 6.069   4.293   -7.853  1.00 19.64 ? 52  TYR A CD2 1 
ATOM   359 C  CE1 . TYR A 1 60  ? 5.815   6.699   -9.245  1.00 22.58 ? 52  TYR A CE1 1 
ATOM   360 C  CE2 . TYR A 1 60  ? 5.620   4.287   -9.172  1.00 21.14 ? 52  TYR A CE2 1 
ATOM   361 C  CZ  . TYR A 1 60  ? 5.496   5.495   -9.861  1.00 22.80 ? 52  TYR A CZ  1 
ATOM   362 O  OH  . TYR A 1 60  ? 5.059   5.463   -11.159 1.00 24.27 ? 52  TYR A OH  1 
ATOM   363 N  N   . ARG A 1 61  ? 9.496   6.491   -4.023  1.00 19.57 ? 53  ARG A N   1 
ATOM   364 C  CA  . ARG A 1 61  ? 10.011  6.842   -2.688  1.00 21.97 ? 53  ARG A CA  1 
ATOM   365 C  C   . ARG A 1 61  ? 8.878   7.053   -1.698  1.00 21.60 ? 53  ARG A C   1 
ATOM   366 O  O   . ARG A 1 61  ? 8.986   6.676   -0.527  1.00 21.54 ? 53  ARG A O   1 
ATOM   367 C  CB  . ARG A 1 61  ? 10.898  8.101   -2.720  1.00 23.97 ? 53  ARG A CB  1 
ATOM   368 C  CG  . ARG A 1 61  ? 12.227  7.911   -3.439  1.00 27.82 ? 53  ARG A CG  1 
ATOM   369 N  N   . SER A 1 62  ? 7.811   7.690   -2.167  1.00 21.61 ? 54  SER A N   1 
ATOM   370 C  CA  . SER A 1 62  ? 6.670   7.996   -1.323  1.00 23.16 ? 54  SER A CA  1 
ATOM   371 C  C   . SER A 1 62  ? 5.373   8.029   -2.124  1.00 22.25 ? 54  SER A C   1 
ATOM   372 O  O   . SER A 1 62  ? 5.384   8.091   -3.364  1.00 20.61 ? 54  SER A O   1 
ATOM   373 C  CB  . SER A 1 62  ? 6.887   9.323   -0.561  1.00 25.56 ? 54  SER A CB  1 
ATOM   374 O  OG  . SER A 1 62  ? 6.539   10.441  -1.355  1.00 29.60 ? 54  SER A OG  1 
ATOM   375 N  N   . VAL A 1 63  ? 4.251   7.981   -1.405  1.00 19.50 ? 55  VAL A N   1 
ATOM   376 C  CA  . VAL A 1 63  ? 2.952   7.957   -2.048  1.00 20.55 ? 55  VAL A CA  1 
ATOM   377 C  C   . VAL A 1 63  ? 2.654   9.288   -2.761  1.00 21.00 ? 55  VAL A C   1 
ATOM   378 O  O   . VAL A 1 63  ? 1.825   9.326   -3.669  1.00 23.17 ? 55  VAL A O   1 
ATOM   379 C  CB  . VAL A 1 63  ? 1.822   7.601   -1.052  1.00 21.92 ? 55  VAL A CB  1 
ATOM   380 C  CG1 . VAL A 1 63  ? 2.012   6.158   -0.539  1.00 22.22 ? 55  VAL A CG1 1 
ATOM   381 C  CG2 . VAL A 1 63  ? 1.791   8.598   0.098   1.00 20.54 ? 55  VAL A CG2 1 
ATOM   382 N  N   . ARG A 1 64  ? 3.358   10.355  -2.352  1.00 20.58 ? 56  ARG A N   1 
ATOM   383 C  CA  . ARG A 1 64  ? 3.190   11.702  -2.960  1.00 24.78 ? 56  ARG A CA  1 
ATOM   384 C  C   . ARG A 1 64  ? 3.547   11.719  -4.449  1.00 25.71 ? 56  ARG A C   1 
ATOM   385 O  O   . ARG A 1 64  ? 3.037   12.559  -5.202  1.00 26.61 ? 56  ARG A O   1 
ATOM   386 C  CB  . ARG A 1 64  ? 4.020   12.748  -2.219  1.00 25.22 ? 56  ARG A CB  1 
ATOM   387 C  CG  . ARG A 1 64  ? 3.463   13.134  -0.843  1.00 29.61 ? 56  ARG A CG  1 
ATOM   388 N  N   . GLU A 1 65  ? 4.401   10.771  -4.859  1.00 25.31 ? 57  GLU A N   1 
ATOM   389 C  CA  . GLU A 1 65  ? 4.882   10.645  -6.244  1.00 28.39 ? 57  GLU A CA  1 
ATOM   390 C  C   . GLU A 1 65  ? 4.013   9.761   -7.130  1.00 27.82 ? 57  GLU A C   1 
ATOM   391 O  O   . GLU A 1 65  ? 4.262   9.652   -8.339  1.00 27.79 ? 57  GLU A O   1 
ATOM   392 C  CB  . GLU A 1 65  ? 6.302   10.083  -6.265  1.00 29.17 ? 57  GLU A CB  1 
ATOM   393 C  CG  . GLU A 1 65  ? 7.329   10.911  -5.552  1.00 32.34 ? 57  GLU A CG  1 
ATOM   394 C  CD  . GLU A 1 65  ? 8.646   10.167  -5.378  1.00 35.45 ? 57  GLU A CD  1 
ATOM   395 O  OE1 . GLU A 1 65  ? 8.758   8.999   -5.839  1.00 39.32 ? 57  GLU A OE1 1 
ATOM   396 O  OE2 . GLU A 1 65  ? 9.567   10.749  -4.774  1.00 37.63 ? 57  GLU A OE2 1 
ATOM   397 N  N   . LEU A 1 66  ? 3.005   9.113   -6.536  1.00 26.31 ? 58  LEU A N   1 
ATOM   398 C  CA  . LEU A 1 66  ? 2.179   8.170   -7.267  1.00 25.01 ? 58  LEU A CA  1 
ATOM   399 C  C   . LEU A 1 66  ? 1.289   8.890   -8.290  1.00 26.56 ? 58  LEU A C   1 
ATOM   400 O  O   . LEU A 1 66  ? 0.871   10.035  -8.053  1.00 26.87 ? 58  LEU A O   1 
ATOM   401 C  CB  . LEU A 1 66  ? 1.288   7.371   -6.315  1.00 24.89 ? 58  LEU A CB  1 
ATOM   402 C  CG  . LEU A 1 66  ? 1.933   6.315   -5.414  1.00 21.95 ? 58  LEU A CG  1 
ATOM   403 C  CD1 . LEU A 1 66  ? 0.914   5.890   -4.334  1.00 20.45 ? 58  LEU A CD1 1 
ATOM   404 C  CD2 . LEU A 1 66  ? 2.422   5.106   -6.214  1.00 22.28 ? 58  LEU A CD2 1 
ATOM   405 N  N   . PRO A 1 67  ? 1.018   8.236   -9.432  1.00 29.98 ? 59  PRO A N   1 
ATOM   406 C  CA  . PRO A 1 67  ? -0.019  8.760   -10.335 1.00 31.68 ? 59  PRO A CA  1 
ATOM   407 C  C   . PRO A 1 67  ? -1.399  8.771   -9.679  1.00 33.07 ? 59  PRO A C   1 
ATOM   408 O  O   . PRO A 1 67  ? -1.717  7.891   -8.868  1.00 31.23 ? 59  PRO A O   1 
ATOM   409 C  CB  . PRO A 1 67  ? 0.010   7.790   -11.520 1.00 32.99 ? 59  PRO A CB  1 
ATOM   410 C  CG  . PRO A 1 67  ? 0.734   6.602   -11.054 1.00 34.88 ? 59  PRO A CG  1 
ATOM   411 C  CD  . PRO A 1 67  ? 1.672   7.039   -9.979  1.00 32.21 ? 59  PRO A CD  1 
ATOM   412 N  N   . LYS A 1 68  ? -2.216  9.753   -10.045 1.00 31.81 ? 60  LYS A N   1 
ATOM   413 C  CA  . LYS A 1 68  ? -3.484  9.989   -9.369  1.00 34.12 ? 60  LYS A CA  1 
ATOM   414 C  C   . LYS A 1 68  ? -4.560  8.926   -9.664  1.00 33.39 ? 60  LYS A C   1 
ATOM   415 O  O   . LYS A 1 68  ? -5.585  8.873   -8.976  1.00 34.60 ? 60  LYS A O   1 
ATOM   416 C  CB  . LYS A 1 68  ? -3.990  11.412  -9.672  1.00 34.23 ? 60  LYS A CB  1 
ATOM   417 C  CG  . LYS A 1 68  ? -2.965  12.524  -9.333  1.00 35.32 ? 60  LYS A CG  1 
ATOM   418 C  CD  . LYS A 1 68  ? -2.773  12.722  -7.822  1.00 37.44 ? 60  LYS A CD  1 
ATOM   419 C  CE  . LYS A 1 68  ? -1.577  13.629  -7.520  1.00 37.82 ? 60  LYS A CE  1 
ATOM   420 N  NZ  . LYS A 1 68  ? -1.321  13.792  -6.043  1.00 38.13 ? 60  LYS A NZ  1 
ATOM   421 N  N   . ASP A 1 69  ? -4.306  8.075   -10.663 1.00 33.02 ? 61  ASP A N   1 
ATOM   422 C  CA  . ASP A 1 69  ? -5.255  7.029   -11.069 1.00 33.95 ? 61  ASP A CA  1 
ATOM   423 C  C   . ASP A 1 69  ? -5.050  5.660   -10.366 1.00 31.64 ? 61  ASP A C   1 
ATOM   424 O  O   . ASP A 1 69  ? -5.608  4.651   -10.791 1.00 31.37 ? 61  ASP A O   1 
ATOM   425 C  CB  . ASP A 1 69  ? -5.268  6.869   -12.606 1.00 36.43 ? 61  ASP A CB  1 
ATOM   426 C  CG  . ASP A 1 69  ? -3.976  6.290   -13.150 1.00 38.74 ? 61  ASP A CG  1 
ATOM   427 O  OD1 . ASP A 1 69  ? -2.964  6.258   -12.420 1.00 39.81 ? 61  ASP A OD1 1 
ATOM   428 O  OD2 . ASP A 1 69  ? -3.969  5.866   -14.327 1.00 41.47 ? 61  ASP A OD2 1 
ATOM   429 N  N   . VAL A 1 70  ? -4.244  5.639   -9.304  1.00 29.99 ? 62  VAL A N   1 
ATOM   430 C  CA  . VAL A 1 70  ? -4.110  4.442   -8.457  1.00 27.05 ? 62  VAL A CA  1 
ATOM   431 C  C   . VAL A 1 70  ? -5.459  4.167   -7.753  1.00 28.81 ? 62  VAL A C   1 
ATOM   432 O  O   . VAL A 1 70  ? -6.046  5.074   -7.168  1.00 28.89 ? 62  VAL A O   1 
ATOM   433 C  CB  . VAL A 1 70  ? -2.933  4.620   -7.440  1.00 24.88 ? 62  VAL A CB  1 
ATOM   434 C  CG1 . VAL A 1 70  ? -3.015  3.634   -6.288  1.00 25.81 ? 62  VAL A CG1 1 
ATOM   435 C  CG2 . VAL A 1 70  ? -1.581  4.507   -8.166  1.00 25.55 ? 62  VAL A CG2 1 
ATOM   436 N  N   . ASP A 1 71  ? -5.950  2.932   -7.845  1.00 28.01 ? 63  ASP A N   1 
ATOM   437 C  CA  . ASP A 1 71  ? -7.274  2.568   -7.299  1.00 30.62 ? 63  ASP A CA  1 
ATOM   438 C  C   . ASP A 1 71  ? -7.272  2.386   -5.779  1.00 31.46 ? 63  ASP A C   1 
ATOM   439 O  O   . ASP A 1 71  ? -8.215  2.781   -5.097  1.00 32.68 ? 63  ASP A O   1 
ATOM   440 C  CB  . ASP A 1 71  ? -7.802  1.289   -7.961  1.00 33.10 ? 63  ASP A CB  1 
ATOM   441 C  CG  . ASP A 1 71  ? -8.066  1.463   -9.442  1.00 35.61 ? 63  ASP A CG  1 
ATOM   442 O  OD1 . ASP A 1 71  ? -8.374  2.600   -9.868  1.00 38.19 ? 63  ASP A OD1 1 
ATOM   443 O  OD2 . ASP A 1 71  ? -7.972  0.463   -10.178 1.00 35.08 ? 63  ASP A OD2 1 
ATOM   444 N  N   . VAL A 1 72  ? -6.207  1.775   -5.268  1.00 26.80 ? 64  VAL A N   1 
ATOM   445 C  CA  . VAL A 1 72  ? -6.105  1.434   -3.861  1.00 23.48 ? 64  VAL A CA  1 
ATOM   446 C  C   . VAL A 1 72  ? -4.633  1.515   -3.462  1.00 20.13 ? 64  VAL A C   1 
ATOM   447 O  O   . VAL A 1 72  ? -3.768  1.243   -4.274  1.00 19.24 ? 64  VAL A O   1 
ATOM   448 C  CB  . VAL A 1 72  ? -6.692  -0.001  -3.567  1.00 24.18 ? 64  VAL A CB  1 
ATOM   449 C  CG1 . VAL A 1 72  ? -5.922  -1.089  -4.300  1.00 26.14 ? 64  VAL A CG1 1 
ATOM   450 C  CG2 . VAL A 1 72  ? -6.743  -0.301  -2.069  1.00 24.47 ? 64  VAL A CG2 1 
ATOM   451 N  N   . ILE A 1 73  ? -4.371  1.910   -2.224  1.00 19.34 ? 65  ILE A N   1 
ATOM   452 C  CA  . ILE A 1 73  ? -3.018  1.793   -1.672  1.00 17.76 ? 65  ILE A CA  1 
ATOM   453 C  C   . ILE A 1 73  ? -3.037  0.703   -0.608  1.00 19.11 ? 65  ILE A C   1 
ATOM   454 O  O   . ILE A 1 73  ? -3.793  0.810   0.374   1.00 19.61 ? 65  ILE A O   1 
ATOM   455 C  CB  . ILE A 1 73  ? -2.500  3.128   -1.107  1.00 19.22 ? 65  ILE A CB  1 
ATOM   456 C  CG1 . ILE A 1 73  ? -2.460  4.187   -2.227  1.00 20.24 ? 65  ILE A CG1 1 
ATOM   457 C  CG2 . ILE A 1 73  ? -1.084  2.955   -0.534  1.00 19.71 ? 65  ILE A CG2 1 
ATOM   458 C  CD1 . ILE A 1 73  ? -2.084  5.551   -1.753  1.00 24.11 ? 65  ILE A CD1 1 
ATOM   459 N  N   . VAL A 1 74  ? -2.238  -0.353  -0.829  1.00 16.75 ? 66  VAL A N   1 
ATOM   460 C  CA  . VAL A 1 74  ? -2.120  -1.483  0.108   1.00 16.31 ? 66  VAL A CA  1 
ATOM   461 C  C   . VAL A 1 74  ? -0.890  -1.260  1.038   1.00 16.56 ? 66  VAL A C   1 
ATOM   462 O  O   . VAL A 1 74  ? 0.218   -0.990  0.563   1.00 16.67 ? 66  VAL A O   1 
ATOM   463 C  CB  . VAL A 1 74  ? -2.057  -2.879  -0.649  1.00 16.40 ? 66  VAL A CB  1 
ATOM   464 C  CG1 . VAL A 1 74  ? -1.775  -4.060  0.324   1.00 18.57 ? 66  VAL A CG1 1 
ATOM   465 C  CG2 . VAL A 1 74  ? -3.356  -3.150  -1.456  1.00 16.97 ? 66  VAL A CG2 1 
ATOM   466 N  N   . PHE A 1 75  ? -1.104  -1.362  2.355   1.00 16.22 ? 67  PHE A N   1 
ATOM   467 C  CA  . PHE A 1 75  ? -0.048  -1.111  3.346   1.00 17.40 ? 67  PHE A CA  1 
ATOM   468 C  C   . PHE A 1 75  ? 0.446   -2.412  3.965   1.00 17.52 ? 67  PHE A C   1 
ATOM   469 O  O   . PHE A 1 75  ? -0.354  -3.187  4.524   1.00 17.30 ? 67  PHE A O   1 
ATOM   470 C  CB  . PHE A 1 75  ? -0.553  -0.222  4.488   1.00 15.42 ? 67  PHE A CB  1 
ATOM   471 C  CG  . PHE A 1 75  ? -0.827  1.205   4.093   1.00 15.17 ? 67  PHE A CG  1 
ATOM   472 C  CD1 . PHE A 1 75  ? -0.029  2.234   4.593   1.00 17.56 ? 67  PHE A CD1 1 
ATOM   473 C  CD2 . PHE A 1 75  ? -1.887  1.515   3.225   1.00 17.09 ? 67  PHE A CD2 1 
ATOM   474 C  CE1 . PHE A 1 75  ? -0.286  3.568   4.230   1.00 19.60 ? 67  PHE A CE1 1 
ATOM   475 C  CE2 . PHE A 1 75  ? -2.138  2.844   2.848   1.00 18.04 ? 67  PHE A CE2 1 
ATOM   476 C  CZ  . PHE A 1 75  ? -1.349  3.857   3.358   1.00 17.81 ? 67  PHE A CZ  1 
ATOM   477 N  N   . VAL A 1 76  ? 1.749   -2.656  3.865   1.00 14.91 ? 68  VAL A N   1 
ATOM   478 C  CA  . VAL A 1 76  ? 2.369   -3.782  4.562   1.00 16.82 ? 68  VAL A CA  1 
ATOM   479 C  C   . VAL A 1 76  ? 3.626   -3.302  5.365   1.00 17.11 ? 68  VAL A C   1 
ATOM   480 O  O   . VAL A 1 76  ? 4.719   -3.909  5.315   1.00 19.83 ? 68  VAL A O   1 
ATOM   481 C  CB  . VAL A 1 76  ? 2.619   -4.965  3.584   1.00 19.63 ? 68  VAL A CB  1 
ATOM   482 C  CG1 . VAL A 1 76  ? 3.720   -4.630  2.587   1.00 19.75 ? 68  VAL A CG1 1 
ATOM   483 C  CG2 . VAL A 1 76  ? 2.920   -6.278  4.338   1.00 17.92 ? 68  VAL A CG2 1 
ATOM   484 N  N   . VAL A 1 77  ? 3.444   -2.197  6.101   1.00 14.75 ? 69  VAL A N   1 
ATOM   485 C  CA  . VAL A 1 77  ? 4.473   -1.602  6.955   1.00 15.69 ? 69  VAL A CA  1 
ATOM   486 C  C   . VAL A 1 77  ? 3.940   -1.532  8.405   1.00 17.28 ? 69  VAL A C   1 
ATOM   487 O  O   . VAL A 1 77  ? 2.717   -1.576  8.598   1.00 18.00 ? 69  VAL A O   1 
ATOM   488 C  CB  . VAL A 1 77  ? 4.873   -0.158  6.483   1.00 15.88 ? 69  VAL A CB  1 
ATOM   489 C  CG1 . VAL A 1 77  ? 5.516   -0.209  5.122   1.00 16.74 ? 69  VAL A CG1 1 
ATOM   490 C  CG2 . VAL A 1 77  ? 3.646   0.799   6.439   1.00 18.11 ? 69  VAL A CG2 1 
ATOM   491 N  N   . PRO A 1 78  ? 4.850   -1.420  9.405   1.00 17.85 ? 70  PRO A N   1 
ATOM   492 C  CA  . PRO A 1 78  ? 4.397   -1.269  10.813  1.00 19.45 ? 70  PRO A CA  1 
ATOM   493 C  C   . PRO A 1 78  ? 3.473   -0.049  10.977  1.00 20.14 ? 70  PRO A C   1 
ATOM   494 O  O   . PRO A 1 78  ? 3.620   0.934   10.250  1.00 18.51 ? 70  PRO A O   1 
ATOM   495 C  CB  . PRO A 1 78  ? 5.701   -1.065  11.580  1.00 20.37 ? 70  PRO A CB  1 
ATOM   496 C  CG  . PRO A 1 78  ? 6.757   -1.665  10.733  1.00 20.86 ? 70  PRO A CG  1 
ATOM   497 C  CD  . PRO A 1 78  ? 6.325   -1.426  9.312   1.00 19.64 ? 70  PRO A CD  1 
ATOM   498 N  N   . PRO A 1 79  ? 2.492   -0.128  11.906  1.00 20.31 ? 71  PRO A N   1 
ATOM   499 C  CA  . PRO A 1 79  ? 1.479   0.939   12.077  1.00 22.30 ? 71  PRO A CA  1 
ATOM   500 C  C   . PRO A 1 79  ? 2.028   2.350   12.316  1.00 23.34 ? 71  PRO A C   1 
ATOM   501 O  O   . PRO A 1 79  ? 1.408   3.319   11.878  1.00 25.21 ? 71  PRO A O   1 
ATOM   502 C  CB  . PRO A 1 79  ? 0.638   0.469   13.284  1.00 23.29 ? 71  PRO A CB  1 
ATOM   503 C  CG  . PRO A 1 79  ? 1.281   -0.775  13.796  1.00 23.10 ? 71  PRO A CG  1 
ATOM   504 C  CD  . PRO A 1 79  ? 2.259   -1.290  12.796  1.00 22.19 ? 71  PRO A CD  1 
ATOM   505 N  N   . LYS A 1 80  ? 3.158   2.474   13.012  1.00 24.19 ? 72  LYS A N   1 
ATOM   506 C  CA  . LYS A 1 80  ? 3.771   3.791   13.220  1.00 26.36 ? 72  LYS A CA  1 
ATOM   507 C  C   . LYS A 1 80  ? 4.181   4.435   11.882  1.00 25.69 ? 72  LYS A C   1 
ATOM   508 O  O   . LYS A 1 80  ? 3.998   5.646   11.675  1.00 26.98 ? 72  LYS A O   1 
ATOM   509 C  CB  . LYS A 1 80  ? 4.973   3.698   14.169  1.00 29.05 ? 72  LYS A CB  1 
ATOM   510 C  CG  . LYS A 1 80  ? 4.589   3.565   15.650  1.00 31.69 ? 72  LYS A CG  1 
ATOM   511 N  N   . VAL A 1 81  ? 4.735   3.618   10.993  1.00 24.60 ? 73  VAL A N   1 
ATOM   512 C  CA  . VAL A 1 81  ? 5.043   4.045   9.620   1.00 24.23 ? 73  VAL A CA  1 
ATOM   513 C  C   . VAL A 1 81  ? 3.763   4.288   8.815   1.00 21.18 ? 73  VAL A C   1 
ATOM   514 O  O   . VAL A 1 81  ? 3.647   5.286   8.106   1.00 19.41 ? 73  VAL A O   1 
ATOM   515 C  CB  . VAL A 1 81  ? 5.940   2.997   8.893   1.00 22.67 ? 73  VAL A CB  1 
ATOM   516 C  CG1 . VAL A 1 81  ? 6.176   3.395   7.401   1.00 23.68 ? 73  VAL A CG1 1 
ATOM   517 C  CG2 . VAL A 1 81  ? 7.239   2.843   9.606   1.00 25.36 ? 73  VAL A CG2 1 
ATOM   518 N  N   . GLY A 1 82  ? 2.812   3.367   8.931   1.00 20.62 ? 74  GLY A N   1 
ATOM   519 C  CA  . GLY A 1 82  ? 1.543   3.459   8.233   1.00 20.60 ? 74  GLY A CA  1 
ATOM   520 C  C   . GLY A 1 82  ? 0.768   4.738   8.534   1.00 20.08 ? 74  GLY A C   1 
ATOM   521 O  O   . GLY A 1 82  ? 0.161   5.298   7.644   1.00 19.83 ? 74  GLY A O   1 
ATOM   522 N  N   . LEU A 1 83  ? 0.792   5.199   9.789   1.00 22.02 ? 75  LEU A N   1 
ATOM   523 C  CA  . LEU A 1 83  ? 0.065   6.430   10.144  1.00 22.34 ? 75  LEU A CA  1 
ATOM   524 C  C   . LEU A 1 83  ? 0.599   7.623   9.329   1.00 22.26 ? 75  LEU A C   1 
ATOM   525 O  O   . LEU A 1 83  ? -0.181  8.374   8.749   1.00 23.60 ? 75  LEU A O   1 
ATOM   526 C  CB  . LEU A 1 83  ? 0.161   6.727   11.637  1.00 25.01 ? 75  LEU A CB  1 
ATOM   527 C  CG  . LEU A 1 83  ? -0.652  7.927   12.142  1.00 25.72 ? 75  LEU A CG  1 
ATOM   528 C  CD1 . LEU A 1 83  ? -2.161  7.698   12.037  1.00 26.10 ? 75  LEU A CD1 1 
ATOM   529 C  CD2 . LEU A 1 83  ? -0.260  8.226   13.568  1.00 27.53 ? 75  LEU A CD2 1 
ATOM   530 N  N   . GLN A 1 84  ? 1.930   7.749   9.271   1.00 24.15 ? 76  GLN A N   1 
ATOM   531 C  CA  . GLN A 1 84  ? 2.597   8.840   8.535   1.00 26.29 ? 76  GLN A CA  1 
ATOM   532 C  C   . GLN A 1 84  ? 2.253   8.773   7.051   1.00 25.22 ? 76  GLN A C   1 
ATOM   533 O  O   . GLN A 1 84  ? 1.870   9.787   6.427   1.00 24.59 ? 76  GLN A O   1 
ATOM   534 C  CB  . GLN A 1 84  ? 4.118   8.765   8.691   1.00 29.60 ? 76  GLN A CB  1 
ATOM   535 C  CG  . GLN A 1 84  ? 4.655   8.767   10.127  1.00 37.21 ? 76  GLN A CG  1 
ATOM   536 C  CD  . GLN A 1 84  ? 6.052   8.121   10.238  1.00 42.13 ? 76  GLN A CD  1 
ATOM   537 O  OE1 . GLN A 1 84  ? 6.730   7.873   9.225   1.00 45.60 ? 76  GLN A OE1 1 
ATOM   538 N  NE2 . GLN A 1 84  ? 6.479   7.842   11.469  1.00 44.09 ? 76  GLN A NE2 1 
ATOM   539 N  N   . VAL A 1 85  ? 2.386   7.575   6.488   1.00 22.50 ? 77  VAL A N   1 
ATOM   540 C  CA  . VAL A 1 85  ? 2.124   7.358   5.064   1.00 21.39 ? 77  VAL A CA  1 
ATOM   541 C  C   . VAL A 1 85  ? 0.649   7.581   4.707   1.00 21.02 ? 77  VAL A C   1 
ATOM   542 O  O   . VAL A 1 85  ? 0.343   8.124   3.642   1.00 21.53 ? 77  VAL A O   1 
ATOM   543 C  CB  . VAL A 1 85  ? 2.622   5.965   4.603   1.00 20.05 ? 77  VAL A CB  1 
ATOM   544 C  CG1 . VAL A 1 85  ? 2.278   5.701   3.131   1.00 20.25 ? 77  VAL A CG1 1 
ATOM   545 C  CG2 . VAL A 1 85  ? 4.130   5.848   4.843   1.00 18.86 ? 77  VAL A CG2 1 
ATOM   546 N  N   . ALA A 1 86  ? -0.260  7.170   5.594   1.00 19.46 ? 78  ALA A N   1 
ATOM   547 C  CA  . ALA A 1 86  ? -1.697  7.361   5.336   1.00 22.21 ? 78  ALA A CA  1 
ATOM   548 C  C   . ALA A 1 86  ? -2.050  8.841   5.297   1.00 20.50 ? 78  ALA A C   1 
ATOM   549 O  O   . ALA A 1 86  ? -2.858  9.248   4.486   1.00 23.25 ? 78  ALA A O   1 
ATOM   550 C  CB  . ALA A 1 86  ? -2.565  6.610   6.361   1.00 18.56 ? 78  ALA A CB  1 
ATOM   551 N  N   . LYS A 1 87  ? -1.407  9.632   6.162   1.00 23.83 ? 79  LYS A N   1 
ATOM   552 C  CA  . LYS A 1 87  ? -1.554  11.095  6.148   1.00 26.67 ? 79  LYS A CA  1 
ATOM   553 C  C   . LYS A 1 87  ? -1.093  11.672  4.793   1.00 27.81 ? 79  LYS A C   1 
ATOM   554 O  O   . LYS A 1 87  ? -1.819  12.463  4.164   1.00 25.71 ? 79  LYS A O   1 
ATOM   555 C  CB  . LYS A 1 87  ? -0.784  11.730  7.305   1.00 27.74 ? 79  LYS A CB  1 
ATOM   556 C  CG  . LYS A 1 87  ? -1.435  11.535  8.674   1.00 29.05 ? 79  LYS A CG  1 
ATOM   557 N  N   . GLU A 1 88  ? 0.083   11.227  4.331   1.00 25.53 ? 80  GLU A N   1 
ATOM   558 C  CA  . GLU A 1 88  ? 0.628   11.650  3.014   1.00 25.61 ? 80  GLU A CA  1 
ATOM   559 C  C   . GLU A 1 88  ? -0.298  11.266  1.853   1.00 26.29 ? 80  GLU A C   1 
ATOM   560 O  O   . GLU A 1 88  ? -0.527  12.065  0.922   1.00 25.26 ? 80  GLU A O   1 
ATOM   561 C  CB  . GLU A 1 88  ? 2.011   11.034  2.773   1.00 29.52 ? 80  GLU A CB  1 
ATOM   562 C  CG  . GLU A 1 88  ? 3.112   11.518  3.682   1.00 33.55 ? 80  GLU A CG  1 
ATOM   563 C  CD  . GLU A 1 88  ? 4.318   10.575  3.695   1.00 39.92 ? 80  GLU A CD  1 
ATOM   564 O  OE1 . GLU A 1 88  ? 4.535   9.839   2.699   1.00 39.17 ? 80  GLU A OE1 1 
ATOM   565 O  OE2 . GLU A 1 88  ? 5.050   10.562  4.715   1.00 43.53 ? 80  GLU A OE2 1 
ATOM   566 N  N   . ALA A 1 89  ? -0.813  10.033  1.909   1.00 23.94 ? 81  ALA A N   1 
ATOM   567 C  CA  . ALA A 1 89  ? -1.728  9.504   0.906   1.00 23.20 ? 81  ALA A CA  1 
ATOM   568 C  C   . ALA A 1 89  ? -3.021  10.333  0.825   1.00 24.76 ? 81  ALA A C   1 
ATOM   569 O  O   . ALA A 1 89  ? -3.486  10.658  -0.265  1.00 25.09 ? 81  ALA A O   1 
ATOM   570 C  CB  . ALA A 1 89  ? -2.051  8.030   1.212   1.00 23.86 ? 81  ALA A CB  1 
ATOM   571 N  N   . VAL A 1 90  ? -3.588  10.658  1.988   1.00 25.97 ? 82  VAL A N   1 
ATOM   572 C  CA  . VAL A 1 90  ? -4.826  11.458  2.063   1.00 28.63 ? 82  VAL A CA  1 
ATOM   573 C  C   . VAL A 1 90  ? -4.562  12.884  1.552   1.00 28.74 ? 82  VAL A C   1 
ATOM   574 O  O   . VAL A 1 90  ? -5.339  13.416  0.753   1.00 30.47 ? 82  VAL A O   1 
ATOM   575 C  CB  . VAL A 1 90  ? -5.440  11.448  3.507   1.00 29.55 ? 82  VAL A CB  1 
ATOM   576 C  CG1 . VAL A 1 90  ? -6.527  12.523  3.664   1.00 29.98 ? 82  VAL A CG1 1 
ATOM   577 C  CG2 . VAL A 1 90  ? -6.007  10.076  3.825   1.00 29.99 ? 82  VAL A CG2 1 
ATOM   578 N  N   . GLU A 1 91  ? -3.449  13.475  1.997   1.00 30.78 ? 83  GLU A N   1 
ATOM   579 C  CA  . GLU A 1 91  ? -3.012  14.796  1.525   1.00 32.54 ? 83  GLU A CA  1 
ATOM   580 C  C   . GLU A 1 91  ? -2.830  14.835  -0.003  1.00 33.16 ? 83  GLU A C   1 
ATOM   581 O  O   . GLU A 1 91  ? -3.124  15.852  -0.642  1.00 32.82 ? 83  GLU A O   1 
ATOM   582 C  CB  . GLU A 1 91  ? -1.723  15.215  2.221   1.00 35.22 ? 83  GLU A CB  1 
ATOM   583 C  CG  . GLU A 1 91  ? -1.504  16.732  2.255   1.00 41.76 ? 83  GLU A CG  1 
ATOM   584 C  CD  . GLU A 1 91  ? -0.046  17.126  2.475   1.00 44.69 ? 83  GLU A CD  1 
ATOM   585 O  OE1 . GLU A 1 91  ? 0.772   16.252  2.856   1.00 46.14 ? 83  GLU A OE1 1 
ATOM   586 O  OE2 . GLU A 1 91  ? 0.284   18.322  2.263   1.00 46.14 ? 83  GLU A OE2 1 
ATOM   587 N  N   . ALA A 1 92  ? -2.374  13.719  -0.577  1.00 28.65 ? 84  ALA A N   1 
ATOM   588 C  CA  . ALA A 1 92  ? -2.139  13.591  -2.019  1.00 27.96 ? 84  ALA A CA  1 
ATOM   589 C  C   . ALA A 1 92  ? -3.414  13.240  -2.779  1.00 28.74 ? 84  ALA A C   1 
ATOM   590 O  O   . ALA A 1 92  ? -3.397  13.086  -4.008  1.00 30.03 ? 84  ALA A O   1 
ATOM   591 C  CB  . ALA A 1 92  ? -1.033  12.534  -2.291  1.00 25.44 ? 84  ALA A CB  1 
ATOM   592 N  N   . GLY A 1 93  ? -4.518  13.096  -2.045  1.00 28.19 ? 85  GLY A N   1 
ATOM   593 C  CA  . GLY A 1 93  ? -5.838  12.895  -2.646  1.00 29.00 ? 85  GLY A CA  1 
ATOM   594 C  C   . GLY A 1 93  ? -6.313  11.462  -2.780  1.00 28.67 ? 85  GLY A C   1 
ATOM   595 O  O   . GLY A 1 93  ? -7.312  11.198  -3.447  1.00 28.75 ? 85  GLY A O   1 
ATOM   596 N  N   . PHE A 1 94  ? -5.613  10.518  -2.158  1.00 27.07 ? 86  PHE A N   1 
ATOM   597 C  CA  . PHE A 1 94  ? -6.042  9.126   -2.265  1.00 27.67 ? 86  PHE A CA  1 
ATOM   598 C  C   . PHE A 1 94  ? -7.121  8.816   -1.231  1.00 27.59 ? 86  PHE A C   1 
ATOM   599 O  O   . PHE A 1 94  ? -7.081  9.330   -0.112  1.00 32.88 ? 86  PHE A O   1 
ATOM   600 C  CB  . PHE A 1 94  ? -4.843  8.178   -2.199  1.00 26.05 ? 86  PHE A CB  1 
ATOM   601 C  CG  . PHE A 1 94  ? -3.879  8.378   -3.328  1.00 23.88 ? 86  PHE A CG  1 
ATOM   602 C  CD1 . PHE A 1 94  ? -4.190  7.926   -4.612  1.00 24.02 ? 86  PHE A CD1 1 
ATOM   603 C  CD2 . PHE A 1 94  ? -2.686  9.073   -3.127  1.00 25.12 ? 86  PHE A CD2 1 
ATOM   604 C  CE1 . PHE A 1 94  ? -3.300  8.139   -5.686  1.00 23.94 ? 86  PHE A CE1 1 
ATOM   605 C  CE2 . PHE A 1 94  ? -1.796  9.282   -4.185  1.00 25.60 ? 86  PHE A CE2 1 
ATOM   606 C  CZ  . PHE A 1 94  ? -2.115  8.814   -5.470  1.00 20.98 ? 86  PHE A CZ  1 
ATOM   607 N  N   . LYS A 1 95  ? -8.086  8.001   -1.628  1.00 29.00 ? 87  LYS A N   1 
ATOM   608 C  CA  . LYS A 1 95  ? -9.293  7.794   -0.837  1.00 30.60 ? 87  LYS A CA  1 
ATOM   609 C  C   . LYS A 1 95  ? -9.641  6.316   -0.540  1.00 29.51 ? 87  LYS A C   1 
ATOM   610 O  O   . LYS A 1 95  ? -10.691 6.043   0.065   1.00 28.13 ? 87  LYS A O   1 
ATOM   611 C  CB  . LYS A 1 95  ? -10.483 8.483   -1.525  1.00 33.65 ? 87  LYS A CB  1 
ATOM   612 N  N   . LYS A 1 96  ? -8.782  5.378   -0.967  1.00 27.87 ? 88  LYS A N   1 
ATOM   613 C  CA  . LYS A 1 96  ? -8.984  3.944   -0.681  1.00 26.60 ? 88  LYS A CA  1 
ATOM   614 C  C   . LYS A 1 96  ? -7.692  3.311   -0.146  1.00 26.29 ? 88  LYS A C   1 
ATOM   615 O  O   . LYS A 1 96  ? -6.762  3.048   -0.907  1.00 25.89 ? 88  LYS A O   1 
ATOM   616 C  CB  . LYS A 1 96  ? -9.476  3.185   -1.918  1.00 29.50 ? 88  LYS A CB  1 
ATOM   617 C  CG  . LYS A 1 96  ? -10.979 3.057   -2.039  1.00 32.52 ? 88  LYS A CG  1 
ATOM   618 C  CD  . LYS A 1 96  ? -11.355 2.037   -3.106  1.00 34.84 ? 88  LYS A CD  1 
ATOM   619 N  N   . LEU A 1 97  ? -7.641  3.089   1.165   1.00 25.91 ? 89  LEU A N   1 
ATOM   620 C  CA  . LEU A 1 97  ? -6.409  2.647   1.819   1.00 23.80 ? 89  LEU A CA  1 
ATOM   621 C  C   . LEU A 1 97  ? -6.633  1.295   2.519   1.00 25.71 ? 89  LEU A C   1 
ATOM   622 O  O   . LEU A 1 97  ? -7.442  1.192   3.442   1.00 25.00 ? 89  LEU A O   1 
ATOM   623 C  CB  . LEU A 1 97  ? -5.904  3.714   2.811   1.00 25.04 ? 89  LEU A CB  1 
ATOM   624 C  CG  . LEU A 1 97  ? -5.724  5.198   2.404   1.00 24.28 ? 89  LEU A CG  1 
ATOM   625 C  CD1 . LEU A 1 97  ? -5.167  6.027   3.582   1.00 26.86 ? 89  LEU A CD1 1 
ATOM   626 C  CD2 . LEU A 1 97  ? -4.828  5.355   1.165   1.00 25.44 ? 89  LEU A CD2 1 
ATOM   627 N  N   . TRP A 1 98  ? -5.904  0.273   2.064   1.00 21.93 ? 90  TRP A N   1 
ATOM   628 C  CA  . TRP A 1 98  ? -6.082  -1.113  2.504   1.00 22.08 ? 90  TRP A CA  1 
ATOM   629 C  C   . TRP A 1 98  ? -4.917  -1.517  3.383   1.00 22.01 ? 90  TRP A C   1 
ATOM   630 O  O   . TRP A 1 98  ? -3.783  -1.520  2.927   1.00 19.82 ? 90  TRP A O   1 
ATOM   631 C  CB  . TRP A 1 98  ? -6.132  -2.023  1.276   1.00 20.80 ? 90  TRP A CB  1 
ATOM   632 C  CG  . TRP A 1 98  ? -6.306  -3.511  1.576   1.00 20.96 ? 90  TRP A CG  1 
ATOM   633 C  CD1 . TRP A 1 98  ? -5.426  -4.344  2.242   1.00 20.16 ? 90  TRP A CD1 1 
ATOM   634 C  CD2 . TRP A 1 98  ? -7.412  -4.334  1.182   1.00 22.65 ? 90  TRP A CD2 1 
ATOM   635 N  NE1 . TRP A 1 98  ? -5.946  -5.632  2.300   1.00 22.21 ? 90  TRP A NE1 1 
ATOM   636 C  CE2 . TRP A 1 98  ? -7.157  -5.646  1.653   1.00 22.39 ? 90  TRP A CE2 1 
ATOM   637 C  CE3 . TRP A 1 98  ? -8.607  -4.081  0.481   1.00 24.13 ? 90  TRP A CE3 1 
ATOM   638 C  CZ2 . TRP A 1 98  ? -8.057  -6.711  1.441   1.00 23.80 ? 90  TRP A CZ2 1 
ATOM   639 C  CZ3 . TRP A 1 98  ? -9.501  -5.141  0.275   1.00 25.61 ? 90  TRP A CZ3 1 
ATOM   640 C  CH2 . TRP A 1 98  ? -9.219  -6.436  0.753   1.00 25.23 ? 90  TRP A CH2 1 
ATOM   641 N  N   . PHE A 1 99  ? -5.197  -1.892  4.629   1.00 21.06 ? 91  PHE A N   1 
ATOM   642 C  CA  . PHE A 1 99  ? -4.135  -2.301  5.555   1.00 20.52 ? 91  PHE A CA  1 
ATOM   643 C  C   . PHE A 1 99  ? -4.126  -3.807  5.743   1.00 20.97 ? 91  PHE A C   1 
ATOM   644 O  O   . PHE A 1 99  ? -5.129  -4.389  6.194   1.00 19.85 ? 91  PHE A O   1 
ATOM   645 C  CB  . PHE A 1 99  ? -4.275  -1.576  6.907   1.00 20.06 ? 91  PHE A CB  1 
ATOM   646 C  CG  . PHE A 1 99  ? -4.121  -0.080  6.801   1.00 21.08 ? 91  PHE A CG  1 
ATOM   647 C  CD1 . PHE A 1 99  ? -2.907  0.534   7.110   1.00 20.38 ? 91  PHE A CD1 1 
ATOM   648 C  CD2 . PHE A 1 99  ? -5.193  0.712   6.383   1.00 22.15 ? 91  PHE A CD2 1 
ATOM   649 C  CE1 . PHE A 1 99  ? -2.746  1.946   6.994   1.00 22.88 ? 91  PHE A CE1 1 
ATOM   650 C  CE2 . PHE A 1 99  ? -5.054  2.105   6.261   1.00 22.13 ? 91  PHE A CE2 1 
ATOM   651 C  CZ  . PHE A 1 99  ? -3.835  2.727   6.555   1.00 20.37 ? 91  PHE A CZ  1 
ATOM   652 N  N   . GLN A 1 100 ? -3.007  -4.450  5.389   1.00 19.25 ? 92  GLN A N   1 
ATOM   653 C  CA  . GLN A 1 100 ? -2.824  -5.878  5.682   1.00 19.55 ? 92  GLN A CA  1 
ATOM   654 C  C   . GLN A 1 100 ? -2.841  -6.070  7.185   1.00 18.10 ? 92  GLN A C   1 
ATOM   655 O  O   . GLN A 1 100 ? -2.436  -5.163  7.918   1.00 18.88 ? 92  GLN A O   1 
ATOM   656 C  CB  . GLN A 1 100 ? -1.499  -6.395  5.116   1.00 18.71 ? 92  GLN A CB  1 
ATOM   657 C  CG  . GLN A 1 100 ? -1.508  -6.551  3.624   1.00 17.15 ? 92  GLN A CG  1 
ATOM   658 C  CD  . GLN A 1 100 ? -2.431  -7.636  3.146   1.00 18.53 ? 92  GLN A CD  1 
ATOM   659 O  OE1 . GLN A 1 100 ? -3.566  -7.355  2.748   1.00 19.91 ? 92  GLN A OE1 1 
ATOM   660 N  NE2 . GLN A 1 100 ? -1.960  -8.893  3.168   1.00 18.49 ? 92  GLN A NE2 1 
ATOM   661 N  N   . PRO A 1 101 ? -3.354  -7.235  7.656   1.00 20.20 ? 93  PRO A N   1 
ATOM   662 C  CA  . PRO A 1 101 ? -3.316  -7.508  9.095   1.00 20.83 ? 93  PRO A CA  1 
ATOM   663 C  C   . PRO A 1 101 ? -1.916  -7.320  9.658   1.00 18.53 ? 93  PRO A C   1 
ATOM   664 O  O   . PRO A 1 101 ? -0.938  -7.885  9.118   1.00 19.37 ? 93  PRO A O   1 
ATOM   665 C  CB  . PRO A 1 101 ? -3.748  -8.971  9.184   1.00 20.43 ? 93  PRO A CB  1 
ATOM   666 C  CG  . PRO A 1 101 ? -4.650  -9.164  8.039   1.00 21.73 ? 93  PRO A CG  1 
ATOM   667 C  CD  . PRO A 1 101 ? -4.020  -8.324  6.915   1.00 21.76 ? 93  PRO A CD  1 
ATOM   668 N  N   . GLY A 1 102 ? -1.821  -6.522  10.721  1.00 17.12 ? 94  GLY A N   1 
ATOM   669 C  CA  . GLY A 1 102 ? -0.555  -6.198  11.377  1.00 17.52 ? 94  GLY A CA  1 
ATOM   670 C  C   . GLY A 1 102 ? -0.108  -4.776  11.114  1.00 16.51 ? 94  GLY A C   1 
ATOM   671 O  O   . GLY A 1 102 ? 0.710   -4.230  11.858  1.00 18.34 ? 94  GLY A O   1 
ATOM   672 N  N   . ALA A 1 103 ? -0.671  -4.177  10.058  1.00 17.27 ? 95  ALA A N   1 
ATOM   673 C  CA  . ALA A 1 103 ? -0.353  -2.816  9.626   1.00 17.67 ? 95  ALA A CA  1 
ATOM   674 C  C   . ALA A 1 103 ? -1.359  -1.793  10.201  1.00 20.41 ? 95  ALA A C   1 
ATOM   675 O  O   . ALA A 1 103 ? -1.107  -0.584  10.187  1.00 21.61 ? 95  ALA A O   1 
ATOM   676 C  CB  . ALA A 1 103 ? -0.346  -2.733  8.095   1.00 18.77 ? 95  ALA A CB  1 
ATOM   677 N  N   . GLU A 1 104 ? -2.491  -2.288  10.689  1.00 20.66 ? 96  GLU A N   1 
ATOM   678 C  CA  . GLU A 1 104 ? -3.542  -1.402  11.203  1.00 22.19 ? 96  GLU A CA  1 
ATOM   679 C  C   . GLU A 1 104 ? -3.315  -0.951  12.652  1.00 22.28 ? 96  GLU A C   1 
ATOM   680 O  O   . GLU A 1 104 ? -2.510  -1.539  13.392  1.00 21.94 ? 96  GLU A O   1 
ATOM   681 C  CB  . GLU A 1 104 ? -4.917  -2.077  11.057  1.00 22.38 ? 96  GLU A CB  1 
ATOM   682 C  CG  . GLU A 1 104 ? -5.288  -3.077  12.186  1.00 21.97 ? 96  GLU A CG  1 
ATOM   683 C  CD  . GLU A 1 104 ? -4.516  -4.394  12.143  1.00 26.96 ? 96  GLU A CD  1 
ATOM   684 O  OE1 . GLU A 1 104 ? -3.911  -4.718  11.090  1.00 22.99 ? 96  GLU A OE1 1 
ATOM   685 O  OE2 . GLU A 1 104 ? -4.528  -5.120  13.184  1.00 26.37 ? 96  GLU A OE2 1 
ATOM   686 N  N   . SER A 1 105 ? -4.044  0.098   13.054  1.00 21.78 ? 97  SER A N   1 
ATOM   687 C  CA  . SER A 1 105 ? -4.055  0.570   14.439  1.00 25.84 ? 97  SER A CA  1 
ATOM   688 C  C   . SER A 1 105 ? -5.312  1.393   14.670  1.00 25.12 ? 97  SER A C   1 
ATOM   689 O  O   . SER A 1 105 ? -5.959  1.843   13.710  1.00 24.73 ? 97  SER A O   1 
ATOM   690 C  CB  . SER A 1 105 ? -2.808  1.419   14.758  1.00 22.58 ? 97  SER A CB  1 
ATOM   691 O  OG  . SER A 1 105 ? -2.932  2.747   14.252  1.00 24.12 ? 97  SER A OG  1 
ATOM   692 N  N   . GLU A 1 106 ? -5.667  1.598   15.938  1.00 26.71 ? 98  GLU A N   1 
ATOM   693 C  CA  . GLU A 1 106 ? -6.791  2.471   16.240  1.00 28.81 ? 98  GLU A CA  1 
ATOM   694 C  C   . GLU A 1 106 ? -6.489  3.952   15.953  1.00 29.02 ? 98  GLU A C   1 
ATOM   695 O  O   . GLU A 1 106 ? -7.388  4.700   15.549  1.00 29.42 ? 98  GLU A O   1 
ATOM   696 C  CB  . GLU A 1 106 ? -7.301  2.248   17.673  1.00 30.25 ? 98  GLU A CB  1 
ATOM   697 C  CG  . GLU A 1 106 ? -7.915  0.845   17.875  1.00 30.37 ? 98  GLU A CG  1 
ATOM   698 C  CD  . GLU A 1 106 ? -9.019  0.536   16.864  1.00 31.92 ? 98  GLU A CD  1 
ATOM   699 O  OE1 . GLU A 1 106 ? -9.903  1.394   16.679  1.00 33.07 ? 98  GLU A OE1 1 
ATOM   700 O  OE2 . GLU A 1 106 ? -8.999  -0.557  16.244  1.00 29.99 ? 98  GLU A OE2 1 
ATOM   701 N  N   . GLU A 1 107 ? -5.231  4.361   16.132  1.00 29.55 ? 99  GLU A N   1 
ATOM   702 C  CA  . GLU A 1 107 ? -4.810  5.727   15.753  1.00 30.88 ? 99  GLU A CA  1 
ATOM   703 C  C   . GLU A 1 107 ? -4.998  5.986   14.256  1.00 28.57 ? 99  GLU A C   1 
ATOM   704 O  O   . GLU A 1 107 ? -5.419  7.078   13.850  1.00 29.91 ? 99  GLU A O   1 
ATOM   705 C  CB  . GLU A 1 107 ? -3.366  6.027   16.192  1.00 34.00 ? 99  GLU A CB  1 
ATOM   706 C  CG  . GLU A 1 107 ? -2.950  7.480   15.918  1.00 38.72 ? 99  GLU A CG  1 
ATOM   707 C  CD  . GLU A 1 107 ? -1.717  7.938   16.700  1.00 39.19 ? 99  GLU A CD  1 
ATOM   708 O  OE1 . GLU A 1 107 ? -0.971  7.082   17.214  1.00 41.25 ? 99  GLU A OE1 1 
ATOM   709 O  OE2 . GLU A 1 107 ? -1.499  9.172   16.786  1.00 39.55 ? 99  GLU A OE2 1 
ATOM   710 N  N   . ILE A 1 108 ? -4.692  4.978   13.439  1.00 27.20 ? 100 ILE A N   1 
ATOM   711 C  CA  . ILE A 1 108 ? -4.948  5.037   12.005  1.00 24.27 ? 100 ILE A CA  1 
ATOM   712 C  C   . ILE A 1 108 ? -6.450  5.075   11.744  1.00 26.00 ? 100 ILE A C   1 
ATOM   713 O  O   . ILE A 1 108 ? -6.928  5.846   10.912  1.00 27.56 ? 100 ILE A O   1 
ATOM   714 C  CB  . ILE A 1 108 ? -4.294  3.816   11.273  1.00 24.48 ? 100 ILE A CB  1 
ATOM   715 C  CG1 . ILE A 1 108 ? -2.762  3.949   11.279  1.00 23.59 ? 100 ILE A CG1 1 
ATOM   716 C  CG2 . ILE A 1 108 ? -4.842  3.669   9.876   1.00 23.23 ? 100 ILE A CG2 1 
ATOM   717 C  CD1 . ILE A 1 108 ? -2.027  2.726   10.723  1.00 24.33 ? 100 ILE A CD1 1 
ATOM   718 N  N   . ARG A 1 109 ? -7.198  4.247   12.467  1.00 25.71 ? 101 ARG A N   1 
ATOM   719 C  CA  . ARG A 1 109 ? -8.650  4.215   12.307  1.00 26.69 ? 101 ARG A CA  1 
ATOM   720 C  C   . ARG A 1 109 ? -9.222  5.610   12.598  1.00 25.29 ? 101 ARG A C   1 
ATOM   721 O  O   . ARG A 1 109 ? -10.011 6.127   11.812  1.00 26.41 ? 101 ARG A O   1 
ATOM   722 C  CB  . ARG A 1 109 ? -9.292  3.169   13.218  1.00 27.39 ? 101 ARG A CB  1 
ATOM   723 C  CG  . ARG A 1 109 ? -10.686 2.762   12.767  1.00 28.54 ? 101 ARG A CG  1 
ATOM   724 C  CD  . ARG A 1 109 ? -11.491 2.051   13.879  1.00 29.92 ? 101 ARG A CD  1 
ATOM   725 N  NE  . ARG A 1 109 ? -10.914 0.772   14.294  1.00 28.51 ? 101 ARG A NE  1 
ATOM   726 C  CZ  . ARG A 1 109 ? -11.095 -0.384  13.656  1.00 26.88 ? 101 ARG A CZ  1 
ATOM   727 N  NH1 . ARG A 1 109 ? -11.828 -0.439  12.547  1.00 27.05 ? 101 ARG A NH1 1 
ATOM   728 N  NH2 . ARG A 1 109 ? -10.528 -1.486  14.125  1.00 28.50 ? 101 ARG A NH2 1 
ATOM   729 N  N   . ARG A 1 110 ? -8.791  6.199   13.716  1.00 27.63 ? 102 ARG A N   1 
ATOM   730 C  CA  . ARG A 1 110 ? -9.219  7.545   14.142  1.00 31.08 ? 102 ARG A CA  1 
ATOM   731 C  C   . ARG A 1 110 ? -8.972  8.600   13.058  1.00 33.54 ? 102 ARG A C   1 
ATOM   732 O  O   . ARG A 1 110 ? -9.868  9.387   12.723  1.00 33.93 ? 102 ARG A O   1 
ATOM   733 C  CB  . ARG A 1 110 ? -8.478  7.958   15.409  1.00 30.43 ? 102 ARG A CB  1 
ATOM   734 C  CD  . ARG A 1 110 ? -9.029  7.326   18.248  1.00 43.44 ? 102 ARG A CD  1 
ATOM   735 N  NE  . ARG A 1 110 ? -7.591  7.302   18.527  1.00 42.75 ? 102 ARG A NE  1 
ATOM   736 C  CZ  . ARG A 1 110 ? -6.972  6.347   19.221  1.00 42.00 ? 102 ARG A CZ  1 
ATOM   737 N  NH1 . ARG A 1 110 ? -7.657  5.318   19.714  1.00 40.97 ? 102 ARG A NH1 1 
ATOM   738 N  NH2 . ARG A 1 110 ? -5.663  6.423   19.422  1.00 41.92 ? 102 ARG A NH2 1 
ATOM   739 N  N   . PHE A 1 111 ? -7.758  8.600   12.504  1.00 32.91 ? 103 PHE A N   1 
ATOM   740 C  CA  . PHE A 1 111 ? -7.399  9.551   11.455  1.00 33.39 ? 103 PHE A CA  1 
ATOM   741 C  C   . PHE A 1 111 ? -8.226  9.342   10.171  1.00 33.53 ? 103 PHE A C   1 
ATOM   742 O  O   . PHE A 1 111 ? -8.690  10.311  9.556   1.00 34.51 ? 103 PHE A O   1 
ATOM   743 C  CB  . PHE A 1 111 ? -5.901  9.482   11.149  1.00 34.35 ? 103 PHE A CB  1 
ATOM   744 C  CG  . PHE A 1 111 ? -5.529  10.123  9.844   1.00 35.06 ? 103 PHE A CG  1 
ATOM   745 C  CD1 . PHE A 1 111 ? -5.452  11.514  9.732   1.00 36.11 ? 103 PHE A CD1 1 
ATOM   746 C  CD2 . PHE A 1 111 ? -5.285  9.340   8.712   1.00 34.87 ? 103 PHE A CD2 1 
ATOM   747 C  CE1 . PHE A 1 111 ? -5.126  12.112  8.518   1.00 34.07 ? 103 PHE A CE1 1 
ATOM   748 C  CE2 . PHE A 1 111 ? -4.964  9.927   7.497   1.00 35.39 ? 103 PHE A CE2 1 
ATOM   749 C  CZ  . PHE A 1 111 ? -4.883  11.319  7.398   1.00 36.13 ? 103 PHE A CZ  1 
ATOM   750 N  N   . LEU A 1 112 ? -8.391  8.080   9.774   1.00 33.37 ? 104 LEU A N   1 
ATOM   751 C  CA  . LEU A 1 112 ? -9.137  7.721   8.559   1.00 34.56 ? 104 LEU A CA  1 
ATOM   752 C  C   . LEU A 1 112 ? -10.643 8.001   8.638   1.00 35.85 ? 104 LEU A C   1 
ATOM   753 O  O   . LEU A 1 112 ? -11.243 8.437   7.654   1.00 35.25 ? 104 LEU A O   1 
ATOM   754 C  CB  . LEU A 1 112 ? -8.899  6.260   8.186   1.00 34.17 ? 104 LEU A CB  1 
ATOM   755 C  CG  . LEU A 1 112 ? -7.484  5.871   7.750   1.00 33.78 ? 104 LEU A CG  1 
ATOM   756 C  CD1 . LEU A 1 112 ? -7.456  4.402   7.381   1.00 34.36 ? 104 LEU A CD1 1 
ATOM   757 C  CD2 . LEU A 1 112 ? -6.984  6.749   6.593   1.00 32.84 ? 104 LEU A CD2 1 
ATOM   758 N  N   . GLU A 1 113 ? -11.244 7.733   9.797   1.00 38.69 ? 105 GLU A N   1 
ATOM   759 C  CA  . GLU A 1 113 ? -12.665 8.041   10.012  1.00 40.71 ? 105 GLU A CA  1 
ATOM   760 C  C   . GLU A 1 113 ? -12.898 9.555   9.950   1.00 40.95 ? 105 GLU A C   1 
ATOM   761 O  O   . GLU A 1 113 ? -13.890 10.008  9.363   1.00 42.94 ? 105 GLU A O   1 
ATOM   762 C  CB  . GLU A 1 113 ? -13.185 7.438   11.330  1.00 42.30 ? 105 GLU A CB  1 
ATOM   763 C  CG  . GLU A 1 113 ? -13.349 5.881   11.329  1.00 43.64 ? 105 GLU A CG  1 
ATOM   764 C  CD  . GLU A 1 113 ? -14.524 5.345   10.456  1.00 44.91 ? 105 GLU A CD  1 
ATOM   765 O  OE1 . GLU A 1 113 ? -15.218 6.142   9.788   1.00 47.31 ? 105 GLU A OE1 1 
ATOM   766 O  OE2 . GLU A 1 113 ? -14.750 4.108   10.450  1.00 43.43 ? 105 GLU A OE2 1 
ATOM   767 N  N   . LYS A 1 114 ? -11.965 10.321  10.526  1.00 40.92 ? 106 LYS A N   1 
ATOM   768 C  CA  . LYS A 1 114 ? -11.994 11.794  10.497  1.00 41.24 ? 106 LYS A CA  1 
ATOM   769 C  C   . LYS A 1 114 ? -11.792 12.359  9.072   1.00 42.49 ? 106 LYS A C   1 
ATOM   770 O  O   . LYS A 1 114 ? -12.438 13.339  8.689   1.00 43.12 ? 106 LYS A O   1 
ATOM   771 C  CB  . LYS A 1 114 ? -10.939 12.370  11.450  1.00 40.84 ? 106 LYS A CB  1 
ATOM   772 C  CG  . LYS A 1 114 ? -11.098 13.866  11.758  1.00 41.39 ? 106 LYS A CG  1 
ATOM   773 N  N   . ALA A 1 115 ? -10.897 11.736  8.301   1.00 41.67 ? 107 ALA A N   1 
ATOM   774 C  CA  . ALA A 1 115 ? -10.633 12.142  6.909   1.00 40.78 ? 107 ALA A CA  1 
ATOM   775 C  C   . ALA A 1 115 ? -11.765 11.752  5.946   1.00 39.34 ? 107 ALA A C   1 
ATOM   776 O  O   . ALA A 1 115 ? -11.888 12.325  4.854   1.00 38.54 ? 107 ALA A O   1 
ATOM   777 C  CB  . ALA A 1 115 ? -9.296  11.570  6.431   1.00 41.24 ? 107 ALA A CB  1 
ATOM   778 N  N   . GLY A 1 116 ? -12.575 10.773  6.353   1.00 38.12 ? 108 GLY A N   1 
ATOM   779 C  CA  . GLY A 1 116 ? -13.695 10.296  5.549   1.00 38.89 ? 108 GLY A CA  1 
ATOM   780 C  C   . GLY A 1 116 ? -13.293 9.531   4.299   1.00 39.96 ? 108 GLY A C   1 
ATOM   781 O  O   . GLY A 1 116 ? -13.950 9.642   3.256   1.00 41.44 ? 108 GLY A O   1 
ATOM   782 N  N   . VAL A 1 117 ? -12.211 8.758   4.392   1.00 37.80 ? 109 VAL A N   1 
ATOM   783 C  CA  . VAL A 1 117 ? -11.780 7.909   3.272   1.00 38.18 ? 109 VAL A CA  1 
ATOM   784 C  C   . VAL A 1 117 ? -12.193 6.449   3.521   1.00 36.79 ? 109 VAL A C   1 
ATOM   785 O  O   . VAL A 1 117 ? -12.455 6.063   4.672   1.00 36.62 ? 109 VAL A O   1 
ATOM   786 C  CB  . VAL A 1 117 ? -10.243 8.009   3.024   1.00 38.70 ? 109 VAL A CB  1 
ATOM   787 C  CG1 . VAL A 1 117 ? -9.824  9.455   2.826   1.00 38.48 ? 109 VAL A CG1 1 
ATOM   788 C  CG2 . VAL A 1 117 ? -9.455  7.379   4.171   1.00 40.75 ? 109 VAL A CG2 1 
ATOM   789 N  N   . GLU A 1 118 ? -12.273 5.657   2.448   1.00 35.06 ? 110 GLU A N   1 
ATOM   790 C  CA  . GLU A 1 118 ? -12.553 4.224   2.556   1.00 35.15 ? 110 GLU A CA  1 
ATOM   791 C  C   . GLU A 1 118 ? -11.287 3.525   3.005   1.00 31.67 ? 110 GLU A C   1 
ATOM   792 O  O   . GLU A 1 118 ? -10.197 3.879   2.565   1.00 29.65 ? 110 GLU A O   1 
ATOM   793 C  CB  . GLU A 1 118 ? -12.977 3.630   1.217   1.00 40.15 ? 110 GLU A CB  1 
ATOM   794 C  CG  . GLU A 1 118 ? -14.261 4.159   0.621   1.00 46.50 ? 110 GLU A CG  1 
ATOM   795 C  CD  . GLU A 1 118 ? -14.575 3.505   -0.718  1.00 49.59 ? 110 GLU A CD  1 
ATOM   796 O  OE1 . GLU A 1 118 ? -14.837 2.283   -0.737  1.00 52.08 ? 110 GLU A OE1 1 
ATOM   797 O  OE2 . GLU A 1 118 ? -14.554 4.211   -1.752  1.00 52.36 ? 110 GLU A OE2 1 
ATOM   798 N  N   . TYR A 1 119 ? -11.431 2.539   3.887   1.00 30.66 ? 111 TYR A N   1 
ATOM   799 C  CA  . TYR A 1 119 ? -10.285 1.750   4.337   1.00 29.41 ? 111 TYR A CA  1 
ATOM   800 C  C   . TYR A 1 119 ? -10.691 0.328   4.655   1.00 30.10 ? 111 TYR A C   1 
ATOM   801 O  O   . TYR A 1 119 ? -11.879 0.036   4.844   1.00 29.18 ? 111 TYR A O   1 
ATOM   802 C  CB  . TYR A 1 119 ? -9.620  2.397   5.559   1.00 28.70 ? 111 TYR A CB  1 
ATOM   803 C  CG  . TYR A 1 119 ? -10.451 2.333   6.829   1.00 30.28 ? 111 TYR A CG  1 
ATOM   804 C  CD1 . TYR A 1 119 ? -10.391 1.213   7.674   1.00 31.01 ? 111 TYR A CD1 1 
ATOM   805 C  CD2 . TYR A 1 119 ? -11.308 3.382   7.180   1.00 32.93 ? 111 TYR A CD2 1 
ATOM   806 C  CE1 . TYR A 1 119 ? -11.163 1.147   8.848   1.00 32.02 ? 111 TYR A CE1 1 
ATOM   807 C  CE2 . TYR A 1 119 ? -12.081 3.328   8.346   1.00 33.25 ? 111 TYR A CE2 1 
ATOM   808 C  CZ  . TYR A 1 119 ? -12.004 2.210   9.172   1.00 33.70 ? 111 TYR A CZ  1 
ATOM   809 O  OH  . TYR A 1 119 ? -12.766 2.149   10.322  1.00 32.91 ? 111 TYR A OH  1 
ATOM   810 N  N   . SER A 1 120 ? -9.693  -0.552  4.733   1.00 26.82 ? 112 SER A N   1 
ATOM   811 C  CA  . SER A 1 120 ? -9.910  -1.942  5.083   1.00 26.43 ? 112 SER A CA  1 
ATOM   812 C  C   . SER A 1 120 ? -8.913  -2.339  6.171   1.00 27.45 ? 112 SER A C   1 
ATOM   813 O  O   . SER A 1 120 ? -7.695  -2.081  6.042   1.00 25.74 ? 112 SER A O   1 
ATOM   814 C  CB  . SER A 1 120 ? -9.776  -2.837  3.846   1.00 27.68 ? 112 SER A CB  1 
ATOM   815 O  OG  . SER A 1 120 ? -10.007 -4.205  4.154   1.00 26.96 ? 112 SER A OG  1 
ATOM   816 N  N   . PHE A 1 121 ? -9.441  -2.913  7.260   1.00 24.90 ? 113 PHE A N   1 
ATOM   817 C  CA  . PHE A 1 121 ? -8.633  -3.568  8.305   1.00 24.47 ? 113 PHE A CA  1 
ATOM   818 C  C   . PHE A 1 121 ? -8.973  -5.053  8.296   1.00 25.66 ? 113 PHE A C   1 
ATOM   819 O  O   . PHE A 1 121 ? -10.098 -5.432  7.947   1.00 24.96 ? 113 PHE A O   1 
ATOM   820 C  CB  . PHE A 1 121 ? -8.970  -3.030  9.710   1.00 22.94 ? 113 PHE A CB  1 
ATOM   821 C  CG  . PHE A 1 121 ? -8.353  -1.687  10.058  1.00 23.73 ? 113 PHE A CG  1 
ATOM   822 C  CD1 . PHE A 1 121 ? -7.731  -0.871  9.089   1.00 24.35 ? 113 PHE A CD1 1 
ATOM   823 C  CD2 . PHE A 1 121 ? -8.426  -1.219  11.379  1.00 22.14 ? 113 PHE A CD2 1 
ATOM   824 C  CE1 . PHE A 1 121 ? -7.173  0.382   9.448   1.00 22.77 ? 113 PHE A CE1 1 
ATOM   825 C  CE2 . PHE A 1 121 ? -7.878  0.018   11.743  1.00 23.18 ? 113 PHE A CE2 1 
ATOM   826 C  CZ  . PHE A 1 121 ? -7.244  0.822   10.766  1.00 23.80 ? 113 PHE A CZ  1 
ATOM   827 N  N   . GLY A 1 122 ? -8.003  -5.889  8.674   1.00 23.14 ? 114 GLY A N   1 
ATOM   828 C  CA  . GLY A 1 122 ? -8.258  -7.315  8.971   1.00 25.45 ? 114 GLY A CA  1 
ATOM   829 C  C   . GLY A 1 122 ? -8.526  -8.244  7.808   1.00 25.33 ? 114 GLY A C   1 
ATOM   830 O  O   . GLY A 1 122 ? -8.863  -9.418  8.018   1.00 25.04 ? 114 GLY A O   1 
ATOM   831 N  N   . ARG A 1 123 ? -8.390  -7.731  6.585   1.00 22.97 ? 115 ARG A N   1 
ATOM   832 C  CA  . ARG A 1 123 ? -8.635  -8.516  5.372   1.00 23.81 ? 115 ARG A CA  1 
ATOM   833 C  C   . ARG A 1 123 ? -7.338  -8.713  4.600   1.00 22.70 ? 115 ARG A C   1 
ATOM   834 O  O   . ARG A 1 123 ? -6.529  -7.779  4.459   1.00 20.30 ? 115 ARG A O   1 
ATOM   835 C  CB  . ARG A 1 123 ? -9.662  -7.841  4.463   1.00 26.45 ? 115 ARG A CB  1 
ATOM   836 C  CG  . ARG A 1 123 ? -11.107 -7.886  4.987   1.00 31.03 ? 115 ARG A CG  1 
ATOM   837 C  CD  . ARG A 1 123 ? -12.109 -7.626  3.868   1.00 35.97 ? 115 ARG A CD  1 
ATOM   838 N  NE  . ARG A 1 123 ? -12.116 -6.233  3.429   1.00 38.11 ? 115 ARG A NE  1 
ATOM   839 C  CZ  . ARG A 1 123 ? -12.531 -5.823  2.231   1.00 42.05 ? 115 ARG A CZ  1 
ATOM   840 N  NH1 . ARG A 1 123 ? -12.969 -6.699  1.325   1.00 40.49 ? 115 ARG A NH1 1 
ATOM   841 N  NH2 . ARG A 1 123 ? -12.500 -4.528  1.931   1.00 43.20 ? 115 ARG A NH2 1 
ATOM   842 N  N   . CYS A 1 124 ? -7.163  -9.929  4.101   1.00 20.47 ? 116 CYS A N   1 
ATOM   843 C  CA  . CYS A 1 124 ? -5.963  -10.316 3.395   1.00 21.38 ? 116 CYS A CA  1 
ATOM   844 C  C   . CYS A 1 124 ? -6.101  -10.068 1.874   1.00 20.41 ? 116 CYS A C   1 
ATOM   845 O  O   . CYS A 1 124 ? -6.883  -10.730 1.224   1.00 19.77 ? 116 CYS A O   1 
ATOM   846 C  CB  . CYS A 1 124 ? -5.705  -11.792 3.670   1.00 21.97 ? 116 CYS A CB  1 
ATOM   847 S  SG  . CYS A 1 124 ? -5.291  -12.154 5.392   1.00 21.73 ? 116 CYS A SG  1 
ATOM   848 N  N   . ILE A 1 125 ? -5.305  -9.138  1.321   1.00 22.06 ? 117 ILE A N   1 
ATOM   849 C  CA  . ILE A 1 125 ? -5.391  -8.779  -0.122  1.00 20.67 ? 117 ILE A CA  1 
ATOM   850 C  C   . ILE A 1 125 ? -5.250  -9.966  -1.105  1.00 20.32 ? 117 ILE A C   1 
ATOM   851 O  O   . ILE A 1 125 ? -5.941  -9.999  -2.126  1.00 23.70 ? 117 ILE A O   1 
ATOM   852 C  CB  . ILE A 1 125 ? -4.386  -7.619  -0.510  1.00 21.54 ? 117 ILE A CB  1 
ATOM   853 C  CG1 . ILE A 1 125 ? -4.714  -7.003  -1.883  1.00 22.66 ? 117 ILE A CG1 1 
ATOM   854 C  CG2 . ILE A 1 125 ? -2.948  -8.098  -0.466  1.00 21.74 ? 117 ILE A CG2 1 
ATOM   855 C  CD1 . ILE A 1 125 ? -6.025  -6.286  -1.941  1.00 24.49 ? 117 ILE A CD1 1 
HETATM 856 N  N   . MSE A 1 126 ? -4.351  -10.924 -0.831  1.00 17.16 ? 118 MSE A N   1 
HETATM 857 C  CA  . MSE A 1 126 ? -4.203  -12.064 -1.745  1.00 20.73 ? 118 MSE A CA  1 
HETATM 858 C  C   . MSE A 1 126 ? -5.419  -13.010 -1.678  1.00 21.74 ? 118 MSE A C   1 
HETATM 859 O  O   . MSE A 1 126 ? -5.822  -13.564 -2.689  1.00 22.55 ? 118 MSE A O   1 
HETATM 860 C  CB  . MSE A 1 126 ? -2.892  -12.832 -1.530  1.00 23.72 ? 118 MSE A CB  1 
HETATM 861 C  CG  . MSE A 1 126 ? -1.641  -11.957 -1.583  1.00 22.90 ? 118 MSE A CG  1 
HETATM 862 SE SE  . MSE A 1 126 ? 0.004   -13.020 -1.533  1.00 26.93 ? 118 MSE A SE  1 
HETATM 863 C  CE  . MSE A 1 126 ? 0.330   -13.280 0.403   1.00 22.99 ? 118 MSE A CE  1 
ATOM   864 N  N   . VAL A 1 127 ? -5.985  -13.171 -0.483  1.00 21.53 ? 119 VAL A N   1 
ATOM   865 C  CA  . VAL A 1 127 ? -7.247  -13.891 -0.327  1.00 24.55 ? 119 VAL A CA  1 
ATOM   866 C  C   . VAL A 1 127 ? -8.363  -13.181 -1.096  1.00 24.76 ? 119 VAL A C   1 
ATOM   867 O  O   . VAL A 1 127 ? -9.064  -13.805 -1.914  1.00 25.60 ? 119 VAL A O   1 
ATOM   868 C  CB  . VAL A 1 127 ? -7.641  -14.044 1.164   1.00 25.25 ? 119 VAL A CB  1 
ATOM   869 C  CG1 . VAL A 1 127 ? -9.078  -14.617 1.299   1.00 26.34 ? 119 VAL A CG1 1 
ATOM   870 C  CG2 . VAL A 1 127 ? -6.632  -14.930 1.888   1.00 27.75 ? 119 VAL A CG2 1 
ATOM   871 N  N   . GLU A 1 128 ? -8.511  -11.879 -0.857  1.00 25.77 ? 120 GLU A N   1 
ATOM   872 C  CA  . GLU A 1 128 ? -9.634  -11.131 -1.431  1.00 29.57 ? 120 GLU A CA  1 
ATOM   873 C  C   . GLU A 1 128 ? -9.553  -10.991 -2.961  1.00 29.73 ? 120 GLU A C   1 
ATOM   874 O  O   . GLU A 1 128 ? -10.576 -10.845 -3.629  1.00 32.25 ? 120 GLU A O   1 
ATOM   875 C  CB  . GLU A 1 128 ? -9.819  -9.775  -0.735  1.00 30.18 ? 120 GLU A CB  1 
ATOM   876 C  CG  . GLU A 1 128 ? -10.035 -9.861  0.815   1.00 32.79 ? 120 GLU A CG  1 
ATOM   877 C  CD  . GLU A 1 128 ? -11.267 -10.685 1.240   1.00 37.15 ? 120 GLU A CD  1 
ATOM   878 O  OE1 . GLU A 1 128 ? -12.298 -10.630 0.537   1.00 38.44 ? 120 GLU A OE1 1 
ATOM   879 O  OE2 . GLU A 1 128 ? -11.201 -11.383 2.290   1.00 36.61 ? 120 GLU A OE2 1 
ATOM   880 N  N   . THR A 1 129 ? -8.345  -11.065 -3.508  1.00 28.81 ? 121 THR A N   1 
ATOM   881 C  CA  . THR A 1 129 ? -8.160  -11.020 -4.958  1.00 29.55 ? 121 THR A CA  1 
ATOM   882 C  C   . THR A 1 129 ? -8.094  -12.444 -5.511  1.00 29.16 ? 121 THR A C   1 
ATOM   883 O  O   . THR A 1 129 ? -7.723  -12.657 -6.664  1.00 32.51 ? 121 THR A O   1 
ATOM   884 C  CB  . THR A 1 129 ? -6.878  -10.227 -5.373  1.00 28.96 ? 121 THR A CB  1 
ATOM   885 O  OG1 . THR A 1 129 ? -5.726  -10.828 -4.779  1.00 28.84 ? 121 THR A OG1 1 
ATOM   886 C  CG2 . THR A 1 129 ? -6.958  -8.755  -4.948  1.00 28.49 ? 121 THR A CG2 1 
HETATM 887 S  S   . SCN B 2 .   ? -2.741  -14.388 2.077   1.00 22.59 ? 202 SCN A S   1 
HETATM 888 C  C   . SCN B 2 .   ? -2.692  -12.643 1.898   1.00 22.95 ? 202 SCN A C   1 
HETATM 889 N  N   . SCN B 2 .   ? -2.741  -11.486 1.760   1.00 19.54 ? 202 SCN A N   1 
HETATM 890 N  N1A . COA C 3 .   ? 7.410   3.712   2.884   1.00 18.32 ? 201 COA A N1A 1 
HETATM 891 C  C2A . COA C 3 .   ? 7.481   2.527   2.195   1.00 17.31 ? 201 COA A C2A 1 
HETATM 892 N  N3A . COA C 3 .   ? 8.066   1.427   2.771   1.00 14.96 ? 201 COA A N3A 1 
HETATM 893 C  C4A . COA C 3 .   ? 8.613   1.523   4.012   1.00 15.94 ? 201 COA A C4A 1 
HETATM 894 C  C5A . COA C 3 .   ? 8.561   2.712   4.735   1.00 17.29 ? 201 COA A C5A 1 
HETATM 895 C  C6A . COA C 3 .   ? 7.951   3.820   4.163   1.00 19.66 ? 201 COA A C6A 1 
HETATM 896 N  N6A . COA C 3 .   ? 7.896   4.966   4.824   1.00 19.49 ? 201 COA A N6A 1 
HETATM 897 N  N7A . COA C 3 .   ? 9.154   2.496   5.935   1.00 18.08 ? 201 COA A N7A 1 
HETATM 898 C  C8A . COA C 3 .   ? 9.566   1.205   5.979   1.00 17.54 ? 201 COA A C8A 1 
HETATM 899 N  N9A . COA C 3 .   ? 9.241   0.601   4.795   1.00 16.98 ? 201 COA A N9A 1 
HETATM 900 C  C1B . COA C 3 .   ? 9.522   -0.785  4.361   1.00 16.79 ? 201 COA A C1B 1 
HETATM 901 C  C2B . COA C 3 .   ? 10.632  -1.453  5.173   1.00 17.03 ? 201 COA A C2B 1 
HETATM 902 O  O2B . COA C 3 .   ? 11.948  -0.894  4.938   1.00 18.72 ? 201 COA A O2B 1 
HETATM 903 C  C3B . COA C 3 .   ? 10.407  -2.899  4.711   1.00 16.95 ? 201 COA A C3B 1 
HETATM 904 O  O3B . COA C 3 .   ? 11.011  -3.182  3.463   1.00 18.74 ? 201 COA A O3B 1 
HETATM 905 P  P3B . COA C 3 .   ? 12.543  -3.725  3.373   1.00 25.34 ? 201 COA A P3B 1 
HETATM 906 O  O7A . COA C 3 .   ? 13.293  -2.975  2.311   1.00 29.01 ? 201 COA A O7A 1 
HETATM 907 O  O8A . COA C 3 .   ? 12.447  -5.173  3.049   1.00 29.16 ? 201 COA A O8A 1 
HETATM 908 O  O9A . COA C 3 .   ? 13.228  -3.406  4.666   1.00 31.38 ? 201 COA A O9A 1 
HETATM 909 C  C4B . COA C 3 .   ? 8.890   -3.004  4.502   1.00 17.71 ? 201 COA A C4B 1 
HETATM 910 O  O4B . COA C 3 .   ? 8.406   -1.654  4.425   1.00 18.31 ? 201 COA A O4B 1 
HETATM 911 C  C5B . COA C 3 .   ? 8.174   -3.775  5.629   1.00 16.03 ? 201 COA A C5B 1 
HETATM 912 O  O5B . COA C 3 .   ? 8.482   -3.138  6.852   1.00 18.50 ? 201 COA A O5B 1 
HETATM 913 P  P1A . COA C 3 .   ? 9.108   -3.962  8.086   1.00 21.62 ? 201 COA A P1A 1 
HETATM 914 O  O1A . COA C 3 .   ? 9.525   -3.005  9.176   1.00 21.13 ? 201 COA A O1A 1 
HETATM 915 O  O2A . COA C 3 .   ? 10.202  -4.878  7.585   1.00 21.65 ? 201 COA A O2A 1 
HETATM 916 O  O3A . COA C 3 .   ? 7.800   -4.770  8.564   1.00 21.33 ? 201 COA A O3A 1 
HETATM 917 P  P2A . COA C 3 .   ? 7.609   -6.362  8.491   1.00 23.41 ? 201 COA A P2A 1 
HETATM 918 O  O4A . COA C 3 .   ? 8.570   -7.036  9.437   1.00 26.80 ? 201 COA A O4A 1 
HETATM 919 O  O5A . COA C 3 .   ? 7.683   -6.950  7.129   1.00 22.45 ? 201 COA A O5A 1 
HETATM 920 O  O6A . COA C 3 .   ? 6.110   -6.538  9.015   1.00 22.76 ? 201 COA A O6A 1 
HETATM 921 C  CBP . COA C 3 .   ? 3.780   -5.979  9.223   1.00 20.65 ? 201 COA A CBP 1 
HETATM 922 C  CCP . COA C 3 .   ? 5.014   -6.007  8.293   1.00 21.85 ? 201 COA A CCP 1 
HETATM 923 C  CDP . COA C 3 .   ? 2.622   -5.377  8.416   1.00 22.95 ? 201 COA A CDP 1 
HETATM 924 C  CEP . COA C 3 .   ? 4.055   -5.067  10.415  1.00 23.80 ? 201 COA A CEP 1 
HETATM 925 C  CAP . COA C 3 .   ? 3.453   -7.399  9.742   1.00 19.81 ? 201 COA A CAP 1 
HETATM 926 O  OAP . COA C 3 .   ? 2.393   -7.355  10.681  1.00 18.61 ? 201 COA A OAP 1 
HETATM 927 C  C9P . COA C 3 .   ? 3.065   -8.212  8.539   1.00 22.34 ? 201 COA A C9P 1 
HETATM 928 O  O9P . COA C 3 .   ? 4.052   -8.948  7.887   1.00 22.58 ? 201 COA A O9P 1 
HETATM 929 N  N8P . COA C 3 .   ? 1.787   -8.122  8.145   1.00 24.98 ? 201 COA A N8P 1 
HETATM 930 C  C7P . COA C 3 .   ? 1.222   -8.742  6.954   1.00 22.28 ? 201 COA A C7P 1 
HETATM 931 C  C6P . COA C 3 .   ? 0.903   -10.181 7.101   1.00 21.93 ? 201 COA A C6P 1 
HETATM 932 C  C5P . COA C 3 .   ? 0.253   -10.638 5.826   1.00 21.76 ? 201 COA A C5P 1 
HETATM 933 O  O5P . COA C 3 .   ? 0.263   -9.956  4.774   1.00 21.22 ? 201 COA A O5P 1 
HETATM 934 N  N4P . COA C 3 .   ? -0.287  -11.819 5.974   1.00 20.58 ? 201 COA A N4P 1 
HETATM 935 C  C3P . COA C 3 .   ? -0.988  -12.563 4.979   1.00 18.71 ? 201 COA A C3P 1 
HETATM 936 C  C2P . COA C 3 .   ? -2.374  -12.950 5.495   1.00 20.15 ? 201 COA A C2P 1 
HETATM 937 S  S1P . COA C 3 .   ? -3.398  -11.466 5.771   1.00 20.50 ? 201 COA A S1P 1 
HETATM 938 X  UNK . UNX D 4 .   ? -9.992  -0.257  0.598   0.01 2.00  ? 401 UNX A UNK 1 
HETATM 939 X  UNK . UNX E 4 .   ? 3.470   -17.384 0.720   0.01 2.00  ? 402 UNX A UNK 1 
HETATM 940 X  UNK . UNX F 4 .   ? 3.155   2.961   -14.571 0.01 2.00  ? 403 UNX A UNK 1 
HETATM 941 X  UNK . UNX G 4 .   ? 2.622   0.867   -13.791 0.01 2.00  ? 404 UNX A UNK 1 
HETATM 942 X  UNK . UNX H 4 .   ? 3.625   -1.085  -12.117 0.01 2.00  ? 405 UNX A UNK 1 
HETATM 943 X  UNK . UNX I 4 .   ? 2.609   -2.599  -12.284 0.01 2.00  ? 406 UNX A UNK 1 
HETATM 944 X  UNK . UNX J 4 .   ? 3.538   -5.085  -14.482 0.01 2.00  ? 407 UNX A UNK 1 
HETATM 945 X  UNK . UNX K 4 .   ? 5.604   -7.151  -14.762 0.01 2.00  ? 408 UNX A UNK 1 
HETATM 946 O  O   . HOH L 5 .   ? 8.454   -13.542 -2.398  1.00 23.83 ? 301 HOH A O   1 
HETATM 947 O  O   . HOH L 5 .   ? 3.903   -14.594 -4.323  1.00 22.78 ? 302 HOH A O   1 
HETATM 948 O  O   . HOH L 5 .   ? 13.519  -7.554  -7.622  1.00 22.96 ? 303 HOH A O   1 
HETATM 949 O  O   . HOH L 5 .   ? 4.957   3.156   -12.520 1.00 21.56 ? 304 HOH A O   1 
HETATM 950 O  O   . HOH L 5 .   ? 6.172   0.923   -11.380 1.00 15.90 ? 305 HOH A O   1 
HETATM 951 O  O   . HOH L 5 .   ? 0.693   0.453   8.462   1.00 19.17 ? 306 HOH A O   1 
HETATM 952 O  O   . HOH L 5 .   ? 4.600   0.348   14.683  1.00 25.92 ? 307 HOH A O   1 
HETATM 953 O  O   . HOH L 5 .   ? 7.027   5.906   1.501   1.00 20.97 ? 308 HOH A O   1 
HETATM 954 O  O   . HOH L 5 .   ? 4.835   7.609   1.348   1.00 20.72 ? 309 HOH A O   1 
HETATM 955 O  O   . HOH L 5 .   ? 11.983  1.535   3.569   1.00 20.75 ? 310 HOH A O   1 
HETATM 956 O  O   . HOH L 5 .   ? 10.037  -0.347  8.693   1.00 22.95 ? 311 HOH A O   1 
HETATM 957 O  O   . HOH L 5 .   ? 12.773  -4.249  7.221   1.00 20.04 ? 312 HOH A O   1 
HETATM 958 O  O   . HOH L 5 .   ? -7.575  -5.243  5.227   1.00 18.09 ? 313 HOH A O   1 
HETATM 959 O  O   . HOH L 5 .   ? -5.486  -4.701  8.947   1.00 21.43 ? 314 HOH A O   1 
HETATM 960 O  O   . HOH L 5 .   ? -6.295  5.180   -2.867  1.00 28.17 ? 315 HOH A O   1 
HETATM 961 O  O   . HOH L 5 .   ? -4.837  11.404  -5.546  1.00 34.50 ? 316 HOH A O   1 
HETATM 962 O  O   . HOH L 5 .   ? 0.472   11.530  -6.042  1.00 39.36 ? 317 HOH A O   1 
HETATM 963 O  O   . HOH L 5 .   ? 12.462  4.614   -3.942  1.00 24.85 ? 318 HOH A O   1 
HETATM 964 O  O   . HOH L 5 .   ? -3.411  3.089   17.935  1.00 32.08 ? 319 HOH A O   1 
HETATM 965 O  O   . HOH L 5 .   ? -0.402  3.751   14.230  1.00 31.71 ? 320 HOH A O   1 
HETATM 966 O  O   . HOH L 5 .   ? 0.956   -6.285  -14.433 1.00 36.97 ? 321 HOH A O   1 
HETATM 967 O  O   . HOH L 5 .   ? 7.512   -6.110  3.142   1.00 24.57 ? 322 HOH A O   1 
HETATM 968 O  O   . HOH L 5 .   ? 4.917   -11.346 8.874   1.00 26.51 ? 323 HOH A O   1 
# 
